data_2JP3
# 
_entry.id   2JP3 
# 
_audit_conform.dict_name       mmcif_pdbx.dic 
_audit_conform.dict_version    5.383 
_audit_conform.dict_location   http://mmcif.pdb.org/dictionaries/ascii/mmcif_pdbx.dic 
# 
loop_
_database_2.database_id 
_database_2.database_code 
_database_2.pdbx_database_accession 
_database_2.pdbx_DOI 
PDB   2JP3         pdb_00002jp3 10.2210/pdb2jp3/pdb 
RCSB  RCSB100111   ?            ?                   
WWPDB D_1000100111 ?            ?                   
# 
loop_
_pdbx_audit_revision_history.ordinal 
_pdbx_audit_revision_history.data_content_type 
_pdbx_audit_revision_history.major_revision 
_pdbx_audit_revision_history.minor_revision 
_pdbx_audit_revision_history.revision_date 
1 'Structure model' 1 0 2008-03-04 
2 'Structure model' 1 1 2011-07-13 
3 'Structure model' 1 2 2022-03-09 
4 'Structure model' 1 3 2023-12-20 
# 
_pdbx_audit_revision_details.ordinal             1 
_pdbx_audit_revision_details.revision_ordinal    1 
_pdbx_audit_revision_details.data_content_type   'Structure model' 
_pdbx_audit_revision_details.provider            repository 
_pdbx_audit_revision_details.type                'Initial release' 
_pdbx_audit_revision_details.description         ? 
_pdbx_audit_revision_details.details             ? 
# 
loop_
_pdbx_audit_revision_group.ordinal 
_pdbx_audit_revision_group.revision_ordinal 
_pdbx_audit_revision_group.data_content_type 
_pdbx_audit_revision_group.group 
1 2 'Structure model' 'Version format compliance' 
2 3 'Structure model' 'Data collection'           
3 3 'Structure model' 'Database references'       
4 3 'Structure model' 'Derived calculations'      
5 4 'Structure model' 'Data collection'           
6 4 'Structure model' Other                       
# 
loop_
_pdbx_audit_revision_category.ordinal 
_pdbx_audit_revision_category.revision_ordinal 
_pdbx_audit_revision_category.data_content_type 
_pdbx_audit_revision_category.category 
1 3 'Structure model' database_2            
2 3 'Structure model' pdbx_nmr_software     
3 3 'Structure model' pdbx_struct_assembly  
4 3 'Structure model' pdbx_struct_oper_list 
5 3 'Structure model' struct_ref_seq_dif    
6 4 'Structure model' chem_comp_atom        
7 4 'Structure model' chem_comp_bond        
8 4 'Structure model' pdbx_database_status  
# 
loop_
_pdbx_audit_revision_item.ordinal 
_pdbx_audit_revision_item.revision_ordinal 
_pdbx_audit_revision_item.data_content_type 
_pdbx_audit_revision_item.item 
1 3 'Structure model' '_database_2.pdbx_DOI'                
2 3 'Structure model' '_database_2.pdbx_database_accession' 
3 3 'Structure model' '_pdbx_nmr_software.name'             
4 3 'Structure model' '_struct_ref_seq_dif.details'         
5 4 'Structure model' '_pdbx_database_status.deposit_site'  
# 
_pdbx_database_status.deposit_site                    RCSB 
_pdbx_database_status.entry_id                        2JP3 
_pdbx_database_status.process_site                    RCSB 
_pdbx_database_status.recvd_initial_deposition_date   2007-04-18 
_pdbx_database_status.SG_entry                        ? 
_pdbx_database_status.status_code                     REL 
_pdbx_database_status.status_code_mr                  ? 
_pdbx_database_status.status_code_sf                  ? 
_pdbx_database_status.pdb_format_compatible           Y 
_pdbx_database_status.status_code_cs                  ? 
_pdbx_database_status.status_code_nmr_data            ? 
_pdbx_database_status.methods_development_category    ? 
# 
_pdbx_database_related.db_id          2jol 
_pdbx_database_related.db_name        PDB 
_pdbx_database_related.details        FXYD1 
_pdbx_database_related.content_type   unspecified 
# 
loop_
_audit_author.name 
_audit_author.pdbx_ordinal 
'Franzin, C.M.' 1 
'Teriete, P.'   2 
'Marassi, F.M.' 3 
# 
_citation.id                        primary 
_citation.title                     'Structural similarity of a membrane protein in micelles and membranes' 
_citation.journal_abbrev            J.Am.Chem.Soc. 
_citation.journal_volume            129 
_citation.page_first                8078 
_citation.page_last                 8079 
_citation.year                      2007 
_citation.journal_id_ASTM           JACSAT 
_citation.country                   US 
_citation.journal_id_ISSN           0002-7863 
_citation.journal_id_CSD            0004 
_citation.book_publisher            ? 
_citation.pdbx_database_id_PubMed   17567018 
_citation.pdbx_database_id_DOI      10.1021/ja0728371 
# 
loop_
_citation_author.citation_id 
_citation_author.name 
_citation_author.ordinal 
_citation_author.identifier_ORCID 
primary 'Franzin, C.M.' 1 ? 
primary 'Teriete, P.'   2 ? 
primary 'Marassi, F.M.' 3 ? 
# 
_entity.id                         1 
_entity.type                       polymer 
_entity.src_method                 man 
_entity.pdbx_description           'FXYD domain-containing ion transport regulator 4' 
_entity.formula_weight             7012.076 
_entity.pdbx_number_of_molecules   1 
_entity.pdbx_ec                    ? 
_entity.pdbx_mutation              ? 
_entity.pdbx_fragment              ? 
_entity.details                    ? 
# 
_entity_name_com.entity_id   1 
_entity_name_com.name        'Channel- inducing factor, CHIF, Corticosteroid-induced protein' 
# 
_entity_poly.entity_id                      1 
_entity_poly.type                           'polypeptide(L)' 
_entity_poly.nstd_linkage                   no 
_entity_poly.nstd_monomer                   no 
_entity_poly.pdbx_seq_one_letter_code       NGPVDKGSPFYYDWESLQLGGLIFGGLLCIAGIALALSGKCKCRRNHTPSSLPEKVTPLITPGSAST 
_entity_poly.pdbx_seq_one_letter_code_can   NGPVDKGSPFYYDWESLQLGGLIFGGLLCIAGIALALSGKCKCRRNHTPSSLPEKVTPLITPGSAST 
_entity_poly.pdbx_strand_id                 A 
_entity_poly.pdbx_target_identifier         ? 
# 
loop_
_entity_poly_seq.entity_id 
_entity_poly_seq.num 
_entity_poly_seq.mon_id 
_entity_poly_seq.hetero 
1 1  ASN n 
1 2  GLY n 
1 3  PRO n 
1 4  VAL n 
1 5  ASP n 
1 6  LYS n 
1 7  GLY n 
1 8  SER n 
1 9  PRO n 
1 10 PHE n 
1 11 TYR n 
1 12 TYR n 
1 13 ASP n 
1 14 TRP n 
1 15 GLU n 
1 16 SER n 
1 17 LEU n 
1 18 GLN n 
1 19 LEU n 
1 20 GLY n 
1 21 GLY n 
1 22 LEU n 
1 23 ILE n 
1 24 PHE n 
1 25 GLY n 
1 26 GLY n 
1 27 LEU n 
1 28 LEU n 
1 29 CYS n 
1 30 ILE n 
1 31 ALA n 
1 32 GLY n 
1 33 ILE n 
1 34 ALA n 
1 35 LEU n 
1 36 ALA n 
1 37 LEU n 
1 38 SER n 
1 39 GLY n 
1 40 LYS n 
1 41 CYS n 
1 42 LYS n 
1 43 CYS n 
1 44 ARG n 
1 45 ARG n 
1 46 ASN n 
1 47 HIS n 
1 48 THR n 
1 49 PRO n 
1 50 SER n 
1 51 SER n 
1 52 LEU n 
1 53 PRO n 
1 54 GLU n 
1 55 LYS n 
1 56 VAL n 
1 57 THR n 
1 58 PRO n 
1 59 LEU n 
1 60 ILE n 
1 61 THR n 
1 62 PRO n 
1 63 GLY n 
1 64 SER n 
1 65 ALA n 
1 66 SER n 
1 67 THR n 
# 
_entity_src_gen.entity_id                          1 
_entity_src_gen.pdbx_src_id                        1 
_entity_src_gen.pdbx_alt_source_flag               sample 
_entity_src_gen.pdbx_seq_type                      ? 
_entity_src_gen.pdbx_beg_seq_num                   ? 
_entity_src_gen.pdbx_end_seq_num                   ? 
_entity_src_gen.gene_src_common_name               'Norway rat' 
_entity_src_gen.gene_src_genus                     Rattus 
_entity_src_gen.pdbx_gene_src_gene                 Fxyd4 
_entity_src_gen.gene_src_species                   ? 
_entity_src_gen.gene_src_strain                    ? 
_entity_src_gen.gene_src_tissue                    ? 
_entity_src_gen.gene_src_tissue_fraction           ? 
_entity_src_gen.gene_src_details                   ? 
_entity_src_gen.pdbx_gene_src_fragment             ? 
_entity_src_gen.pdbx_gene_src_scientific_name      'Rattus norvegicus' 
_entity_src_gen.pdbx_gene_src_ncbi_taxonomy_id     10116 
_entity_src_gen.pdbx_gene_src_variant              ? 
_entity_src_gen.pdbx_gene_src_cell_line            ? 
_entity_src_gen.pdbx_gene_src_atcc                 ? 
_entity_src_gen.pdbx_gene_src_organ                ? 
_entity_src_gen.pdbx_gene_src_organelle            ? 
_entity_src_gen.pdbx_gene_src_cell                 ? 
_entity_src_gen.pdbx_gene_src_cellular_location    ? 
_entity_src_gen.host_org_common_name               ? 
_entity_src_gen.pdbx_host_org_scientific_name      'Escherichia coli' 
_entity_src_gen.pdbx_host_org_ncbi_taxonomy_id     562 
_entity_src_gen.host_org_genus                     Escherichia 
_entity_src_gen.pdbx_host_org_gene                 ? 
_entity_src_gen.pdbx_host_org_organ                ? 
_entity_src_gen.host_org_species                   ? 
_entity_src_gen.pdbx_host_org_tissue               ? 
_entity_src_gen.pdbx_host_org_tissue_fraction      ? 
_entity_src_gen.pdbx_host_org_strain               'C41 (DE3)' 
_entity_src_gen.pdbx_host_org_variant              ? 
_entity_src_gen.pdbx_host_org_cell_line            ? 
_entity_src_gen.pdbx_host_org_atcc                 ? 
_entity_src_gen.pdbx_host_org_culture_collection   ? 
_entity_src_gen.pdbx_host_org_cell                 ? 
_entity_src_gen.pdbx_host_org_organelle            ? 
_entity_src_gen.pdbx_host_org_cellular_location    ? 
_entity_src_gen.pdbx_host_org_vector_type          vector 
_entity_src_gen.pdbx_host_org_vector               pBCL 
_entity_src_gen.host_org_details                   ? 
_entity_src_gen.expression_system_id               ? 
_entity_src_gen.plasmid_name                       ? 
_entity_src_gen.plasmid_details                    ? 
_entity_src_gen.pdbx_description                   ? 
# 
loop_
_chem_comp.id 
_chem_comp.type 
_chem_comp.mon_nstd_flag 
_chem_comp.name 
_chem_comp.pdbx_synonyms 
_chem_comp.formula 
_chem_comp.formula_weight 
ALA 'L-peptide linking' y ALANINE         ? 'C3 H7 N O2'     89.093  
ARG 'L-peptide linking' y ARGININE        ? 'C6 H15 N4 O2 1' 175.209 
ASN 'L-peptide linking' y ASPARAGINE      ? 'C4 H8 N2 O3'    132.118 
ASP 'L-peptide linking' y 'ASPARTIC ACID' ? 'C4 H7 N O4'     133.103 
CYS 'L-peptide linking' y CYSTEINE        ? 'C3 H7 N O2 S'   121.158 
GLN 'L-peptide linking' y GLUTAMINE       ? 'C5 H10 N2 O3'   146.144 
GLU 'L-peptide linking' y 'GLUTAMIC ACID' ? 'C5 H9 N O4'     147.129 
GLY 'peptide linking'   y GLYCINE         ? 'C2 H5 N O2'     75.067  
HIS 'L-peptide linking' y HISTIDINE       ? 'C6 H10 N3 O2 1' 156.162 
ILE 'L-peptide linking' y ISOLEUCINE      ? 'C6 H13 N O2'    131.173 
LEU 'L-peptide linking' y LEUCINE         ? 'C6 H13 N O2'    131.173 
LYS 'L-peptide linking' y LYSINE          ? 'C6 H15 N2 O2 1' 147.195 
MET 'L-peptide linking' y METHIONINE      ? 'C5 H11 N O2 S'  149.211 
PHE 'L-peptide linking' y PHENYLALANINE   ? 'C9 H11 N O2'    165.189 
PRO 'L-peptide linking' y PROLINE         ? 'C5 H9 N O2'     115.130 
SER 'L-peptide linking' y SERINE          ? 'C3 H7 N O3'     105.093 
THR 'L-peptide linking' y THREONINE       ? 'C4 H9 N O3'     119.119 
TRP 'L-peptide linking' y TRYPTOPHAN      ? 'C11 H12 N2 O2'  204.225 
TYR 'L-peptide linking' y TYROSINE        ? 'C9 H11 N O3'    181.189 
VAL 'L-peptide linking' y VALINE          ? 'C5 H11 N O2'    117.146 
# 
loop_
_pdbx_poly_seq_scheme.asym_id 
_pdbx_poly_seq_scheme.entity_id 
_pdbx_poly_seq_scheme.seq_id 
_pdbx_poly_seq_scheme.mon_id 
_pdbx_poly_seq_scheme.ndb_seq_num 
_pdbx_poly_seq_scheme.pdb_seq_num 
_pdbx_poly_seq_scheme.auth_seq_num 
_pdbx_poly_seq_scheme.pdb_mon_id 
_pdbx_poly_seq_scheme.auth_mon_id 
_pdbx_poly_seq_scheme.pdb_strand_id 
_pdbx_poly_seq_scheme.pdb_ins_code 
_pdbx_poly_seq_scheme.hetero 
A 1 1  ASN 1  1  1  ASN ASN A . n 
A 1 2  GLY 2  2  2  GLY GLY A . n 
A 1 3  PRO 3  3  3  PRO PRO A . n 
A 1 4  VAL 4  4  4  VAL VAL A . n 
A 1 5  ASP 5  5  5  ASP ASP A . n 
A 1 6  LYS 6  6  6  LYS LYS A . n 
A 1 7  GLY 7  7  7  GLY GLY A . n 
A 1 8  SER 8  8  8  SER SER A . n 
A 1 9  PRO 9  9  9  PRO PRO A . n 
A 1 10 PHE 10 10 10 PHE PHE A . n 
A 1 11 TYR 11 11 11 TYR TYR A . n 
A 1 12 TYR 12 12 12 TYR TYR A . n 
A 1 13 ASP 13 13 13 ASP ASP A . n 
A 1 14 TRP 14 14 14 TRP TRP A . n 
A 1 15 GLU 15 15 15 GLU GLU A . n 
A 1 16 SER 16 16 16 SER SER A . n 
A 1 17 LEU 17 17 17 LEU LEU A . n 
A 1 18 GLN 18 18 18 GLN GLN A . n 
A 1 19 LEU 19 19 19 LEU LEU A . n 
A 1 20 GLY 20 20 20 GLY GLY A . n 
A 1 21 GLY 21 21 21 GLY GLY A . n 
A 1 22 LEU 22 22 22 LEU LEU A . n 
A 1 23 ILE 23 23 23 ILE ILE A . n 
A 1 24 PHE 24 24 24 PHE PHE A . n 
A 1 25 GLY 25 25 25 GLY GLY A . n 
A 1 26 GLY 26 26 26 GLY GLY A . n 
A 1 27 LEU 27 27 27 LEU LEU A . n 
A 1 28 LEU 28 28 28 LEU LEU A . n 
A 1 29 CYS 29 29 29 CYS CYS A . n 
A 1 30 ILE 30 30 30 ILE ILE A . n 
A 1 31 ALA 31 31 31 ALA ALA A . n 
A 1 32 GLY 32 32 32 GLY GLY A . n 
A 1 33 ILE 33 33 33 ILE ILE A . n 
A 1 34 ALA 34 34 34 ALA ALA A . n 
A 1 35 LEU 35 35 35 LEU LEU A . n 
A 1 36 ALA 36 36 36 ALA ALA A . n 
A 1 37 LEU 37 37 37 LEU LEU A . n 
A 1 38 SER 38 38 38 SER SER A . n 
A 1 39 GLY 39 39 39 GLY GLY A . n 
A 1 40 LYS 40 40 40 LYS LYS A . n 
A 1 41 CYS 41 41 41 CYS CYS A . n 
A 1 42 LYS 42 42 42 LYS LYS A . n 
A 1 43 CYS 43 43 43 CYS CYS A . n 
A 1 44 ARG 44 44 44 ARG ARG A . n 
A 1 45 ARG 45 45 45 ARG ARG A . n 
A 1 46 ASN 46 46 46 ASN ASN A . n 
A 1 47 HIS 47 47 47 HIS HIS A . n 
A 1 48 THR 48 48 48 THR THR A . n 
A 1 49 PRO 49 49 49 PRO PRO A . n 
A 1 50 SER 50 50 50 SER SER A . n 
A 1 51 SER 51 51 51 SER SER A . n 
A 1 52 LEU 52 52 52 LEU LEU A . n 
A 1 53 PRO 53 53 53 PRO PRO A . n 
A 1 54 GLU 54 54 54 GLU GLU A . n 
A 1 55 LYS 55 55 55 LYS LYS A . n 
A 1 56 VAL 56 56 56 VAL VAL A . n 
A 1 57 THR 57 57 57 THR THR A . n 
A 1 58 PRO 58 58 58 PRO PRO A . n 
A 1 59 LEU 59 59 59 LEU LEU A . n 
A 1 60 ILE 60 60 60 ILE ILE A . n 
A 1 61 THR 61 61 61 THR THR A . n 
A 1 62 PRO 62 62 62 PRO PRO A . n 
A 1 63 GLY 63 63 63 GLY GLY A . n 
A 1 64 SER 64 64 64 SER SER A . n 
A 1 65 ALA 65 65 65 ALA ALA A . n 
A 1 66 SER 66 66 66 SER SER A . n 
A 1 67 THR 67 67 67 THR THR A . n 
# 
_exptl.absorpt_coefficient_mu     ? 
_exptl.absorpt_correction_T_max   ? 
_exptl.absorpt_correction_T_min   ? 
_exptl.absorpt_correction_type    ? 
_exptl.absorpt_process_details    ? 
_exptl.crystals_number            ? 
_exptl.details                    ? 
_exptl.entry_id                   2JP3 
_exptl.method                     'SOLUTION NMR' 
_exptl.method_details             ? 
# 
_exptl_crystal.id                    1 
_exptl_crystal.density_meas          ? 
_exptl_crystal.density_Matthews      ? 
_exptl_crystal.density_percent_sol   ? 
_exptl_crystal.description           ? 
# 
_diffrn.id                     1 
_diffrn.ambient_temp           ? 
_diffrn.ambient_temp_details   ? 
_diffrn.crystal_id             1 
# 
_diffrn_radiation.diffrn_id                        1 
_diffrn_radiation.wavelength_id                    1 
_diffrn_radiation.monochromator                    ? 
_diffrn_radiation.pdbx_monochromatic_or_laue_m_l   M 
_diffrn_radiation.pdbx_diffrn_protocol             'SINGLE WAVELENGTH' 
_diffrn_radiation.pdbx_scattering_type             ? 
# 
_diffrn_radiation_wavelength.id           1 
_diffrn_radiation_wavelength.wavelength   . 
_diffrn_radiation_wavelength.wt           1.0 
# 
_struct.entry_id                  2JP3 
_struct.title                     'Solution Structure of the human FXYD4 (CHIF) protein in SDS micelles' 
_struct.pdbx_model_details        ? 
_struct.pdbx_CASP_flag            ? 
_struct.pdbx_model_type_details   ? 
# 
_struct_keywords.entry_id        2JP3 
_struct_keywords.pdbx_keywords   TRANSCRIPTION 
_struct_keywords.text            'Protein, TRANSCRIPTION' 
# 
_struct_asym.id                            A 
_struct_asym.pdbx_blank_PDB_chainid_flag   N 
_struct_asym.pdbx_modified                 N 
_struct_asym.entity_id                     1 
_struct_asym.details                       ? 
# 
_struct_ref.id                         1 
_struct_ref.db_name                    UNP 
_struct_ref.db_code                    FXYD4_RAT 
_struct_ref.pdbx_db_accession          Q63113 
_struct_ref.entity_id                  1 
_struct_ref.pdbx_seq_one_letter_code   NGPVDKGSPFYYDWESLQLGGMIFGGLLCIAGIAMALSGKCKCRRNHTPSSLPEKVTPLITPGSAST 
_struct_ref.pdbx_align_begin           21 
_struct_ref.pdbx_db_isoform            ? 
# 
_struct_ref_seq.align_id                      1 
_struct_ref_seq.ref_id                        1 
_struct_ref_seq.pdbx_PDB_id_code              2JP3 
_struct_ref_seq.pdbx_strand_id                A 
_struct_ref_seq.seq_align_beg                 1 
_struct_ref_seq.pdbx_seq_align_beg_ins_code   ? 
_struct_ref_seq.seq_align_end                 67 
_struct_ref_seq.pdbx_seq_align_end_ins_code   ? 
_struct_ref_seq.pdbx_db_accession             Q63113 
_struct_ref_seq.db_align_beg                  21 
_struct_ref_seq.pdbx_db_align_beg_ins_code    ? 
_struct_ref_seq.db_align_end                  87 
_struct_ref_seq.pdbx_db_align_end_ins_code    ? 
_struct_ref_seq.pdbx_auth_seq_align_beg       1 
_struct_ref_seq.pdbx_auth_seq_align_end       67 
# 
loop_
_struct_ref_seq_dif.align_id 
_struct_ref_seq_dif.pdbx_pdb_id_code 
_struct_ref_seq_dif.mon_id 
_struct_ref_seq_dif.pdbx_pdb_strand_id 
_struct_ref_seq_dif.seq_num 
_struct_ref_seq_dif.pdbx_pdb_ins_code 
_struct_ref_seq_dif.pdbx_seq_db_name 
_struct_ref_seq_dif.pdbx_seq_db_accession_code 
_struct_ref_seq_dif.db_mon_id 
_struct_ref_seq_dif.pdbx_seq_db_seq_num 
_struct_ref_seq_dif.details 
_struct_ref_seq_dif.pdbx_auth_seq_num 
_struct_ref_seq_dif.pdbx_ordinal 
1 2JP3 LEU A 22 ? UNP Q63113 MET 42 conflict 22 1 
1 2JP3 LEU A 35 ? UNP Q63113 MET 55 conflict 35 2 
# 
_pdbx_struct_assembly.id                   1 
_pdbx_struct_assembly.details              author_defined_assembly 
_pdbx_struct_assembly.method_details       ? 
_pdbx_struct_assembly.oligomeric_details   monomeric 
_pdbx_struct_assembly.oligomeric_count     1 
# 
_pdbx_struct_assembly_gen.assembly_id       1 
_pdbx_struct_assembly_gen.oper_expression   1 
_pdbx_struct_assembly_gen.asym_id_list      A 
# 
_pdbx_struct_oper_list.id                   1 
_pdbx_struct_oper_list.type                 'identity operation' 
_pdbx_struct_oper_list.name                 1_555 
_pdbx_struct_oper_list.symmetry_operation   x,y,z 
_pdbx_struct_oper_list.matrix[1][1]         1.0000000000 
_pdbx_struct_oper_list.matrix[1][2]         0.0000000000 
_pdbx_struct_oper_list.matrix[1][3]         0.0000000000 
_pdbx_struct_oper_list.vector[1]            0.0000000000 
_pdbx_struct_oper_list.matrix[2][1]         0.0000000000 
_pdbx_struct_oper_list.matrix[2][2]         1.0000000000 
_pdbx_struct_oper_list.matrix[2][3]         0.0000000000 
_pdbx_struct_oper_list.vector[2]            0.0000000000 
_pdbx_struct_oper_list.matrix[3][1]         0.0000000000 
_pdbx_struct_oper_list.matrix[3][2]         0.0000000000 
_pdbx_struct_oper_list.matrix[3][3]         1.0000000000 
_pdbx_struct_oper_list.vector[3]            0.0000000000 
# 
_struct_biol.id   1 
# 
loop_
_struct_conf.conf_type_id 
_struct_conf.id 
_struct_conf.pdbx_PDB_helix_id 
_struct_conf.beg_label_comp_id 
_struct_conf.beg_label_asym_id 
_struct_conf.beg_label_seq_id 
_struct_conf.pdbx_beg_PDB_ins_code 
_struct_conf.end_label_comp_id 
_struct_conf.end_label_asym_id 
_struct_conf.end_label_seq_id 
_struct_conf.pdbx_end_PDB_ins_code 
_struct_conf.beg_auth_comp_id 
_struct_conf.beg_auth_asym_id 
_struct_conf.beg_auth_seq_id 
_struct_conf.end_auth_comp_id 
_struct_conf.end_auth_asym_id 
_struct_conf.end_auth_seq_id 
_struct_conf.pdbx_PDB_helix_class 
_struct_conf.details 
_struct_conf.pdbx_PDB_helix_length 
HELX_P HELX_P1 1 SER A 8  ? ASP A 13 ? SER A 8  ASP A 13 5 ? 6  
HELX_P HELX_P2 2 TRP A 14 ? SER A 38 ? TRP A 14 SER A 38 1 ? 25 
HELX_P HELX_P3 3 GLY A 39 ? ASN A 46 ? GLY A 39 ASN A 46 1 ? 8  
HELX_P HELX_P4 4 VAL A 56 ? THR A 61 ? VAL A 56 THR A 61 1 ? 6  
# 
_struct_conf_type.id          HELX_P 
_struct_conf_type.criteria    ? 
_struct_conf_type.reference   ? 
# 
loop_
_pdbx_validate_close_contact.id 
_pdbx_validate_close_contact.PDB_model_num 
_pdbx_validate_close_contact.auth_atom_id_1 
_pdbx_validate_close_contact.auth_asym_id_1 
_pdbx_validate_close_contact.auth_comp_id_1 
_pdbx_validate_close_contact.auth_seq_id_1 
_pdbx_validate_close_contact.PDB_ins_code_1 
_pdbx_validate_close_contact.label_alt_id_1 
_pdbx_validate_close_contact.auth_atom_id_2 
_pdbx_validate_close_contact.auth_asym_id_2 
_pdbx_validate_close_contact.auth_comp_id_2 
_pdbx_validate_close_contact.auth_seq_id_2 
_pdbx_validate_close_contact.PDB_ins_code_2 
_pdbx_validate_close_contact.label_alt_id_2 
_pdbx_validate_close_contact.dist 
1 1 O A THR 57 ? ? H A THR 61 ? ? 1.56 
2 1 O A ALA 36 ? ? H A GLY 39 ? ? 1.57 
# 
loop_
_pdbx_validate_torsion.id 
_pdbx_validate_torsion.PDB_model_num 
_pdbx_validate_torsion.auth_comp_id 
_pdbx_validate_torsion.auth_asym_id 
_pdbx_validate_torsion.auth_seq_id 
_pdbx_validate_torsion.PDB_ins_code 
_pdbx_validate_torsion.label_alt_id 
_pdbx_validate_torsion.phi 
_pdbx_validate_torsion.psi 
1 1 PRO A 3  ? ? -52.48  -9.54   
2 1 ASP A 5  ? ? 75.76   -35.03  
3 1 LYS A 6  ? ? -68.10  7.06    
4 1 PHE A 10 ? ? -66.30  3.51    
5 1 GLN A 18 ? ? -88.19  -70.88  
6 1 SER A 38 ? ? -66.67  1.49    
7 1 HIS A 47 ? ? 42.76   -172.62 
8 1 SER A 50 ? ? -142.96 -46.65  
9 1 PRO A 53 ? ? -61.10  7.38    
# 
_pdbx_nmr_ensemble.average_constraint_violations_per_residue     ? 
_pdbx_nmr_ensemble.average_constraints_per_residue               ? 
_pdbx_nmr_ensemble.average_distance_constraint_violation         ? 
_pdbx_nmr_ensemble.average_torsion_angle_constraint_violation    ? 
_pdbx_nmr_ensemble.conformer_selection_criteria                  'structures with the lowest energy' 
_pdbx_nmr_ensemble.conformers_calculated_total_number            100 
_pdbx_nmr_ensemble.conformers_submitted_total_number             1 
_pdbx_nmr_ensemble.distance_constraint_violation_method          ? 
_pdbx_nmr_ensemble.entry_id                                      2JP3 
_pdbx_nmr_ensemble.maximum_distance_constraint_violation         ? 
_pdbx_nmr_ensemble.maximum_lower_distance_constraint_violation   ? 
_pdbx_nmr_ensemble.maximum_torsion_angle_constraint_violation    ? 
_pdbx_nmr_ensemble.maximum_upper_distance_constraint_violation   ? 
_pdbx_nmr_ensemble.torsion_angle_constraint_violation_method     ? 
# 
_pdbx_nmr_representative.conformer_id         1 
_pdbx_nmr_representative.entry_id             2JP3 
_pdbx_nmr_representative.selection_criteria   'lowest energy' 
# 
loop_
_pdbx_nmr_sample_details.contents 
_pdbx_nmr_sample_details.solution_id 
_pdbx_nmr_sample_details.solvent_system 
'1 mM [U-99% 15N] protein, 90% H2O/10% D2O'            1 '90% H2O/10% D2O' 
'1 mM [U-99% 13C; U-99% 15N] protein, 90% H2O/10% D2O' 2 '90% H2O/10% D2O' 
# 
loop_
_pdbx_nmr_exptl_sample.component 
_pdbx_nmr_exptl_sample.concentration 
_pdbx_nmr_exptl_sample.concentration_units 
_pdbx_nmr_exptl_sample.isotopic_labeling 
_pdbx_nmr_exptl_sample.solution_id 
entity 1 mM '[U-99% 15N]'            1 
entity 1 mM '[U-99% 13C; U-99% 15N]' 2 
entity 1 mM '[U-99% 15N]'            3 
# 
_pdbx_nmr_exptl_sample_conditions.conditions_id       1 
_pdbx_nmr_exptl_sample_conditions.ionic_strength      0.52 
_pdbx_nmr_exptl_sample_conditions.pH                  5 
_pdbx_nmr_exptl_sample_conditions.pressure            ambient 
_pdbx_nmr_exptl_sample_conditions.pressure_units      ? 
_pdbx_nmr_exptl_sample_conditions.temperature         313.15 
_pdbx_nmr_exptl_sample_conditions.temperature_units   K 
# 
loop_
_pdbx_nmr_exptl.conditions_id 
_pdbx_nmr_exptl.experiment_id 
_pdbx_nmr_exptl.solution_id 
_pdbx_nmr_exptl.type 
1 1 1 '2D 1H-15N HSQC'  
1 2 1 '2D 1H-15N HSQC'  
1 3 1 '3D 1H-15N NOESY' 
1 4 1 '3D 1H-15N TOCSY' 
1 5 2 '3D HNCA'         
1 6 2 '3D HNCACB'       
# 
_pdbx_nmr_refine.entry_id           2JP3 
_pdbx_nmr_refine.method             'simulated annealing' 
_pdbx_nmr_refine.details            ? 
_pdbx_nmr_refine.software_ordinal   1 
# 
loop_
_pdbx_nmr_software.authors 
_pdbx_nmr_software.classification 
_pdbx_nmr_software.name 
_pdbx_nmr_software.version 
_pdbx_nmr_software.ordinal 
'Delaglio, Zhengrong and Bax' processing      NMRPipe 2.3   1 
'Bruker Biospin'              collection      XwinNMR ?     2 
Goddard                       'data analysis' Sparky  3.110 3 
# 
loop_
_chem_comp_atom.comp_id 
_chem_comp_atom.atom_id 
_chem_comp_atom.type_symbol 
_chem_comp_atom.pdbx_aromatic_flag 
_chem_comp_atom.pdbx_stereo_config 
_chem_comp_atom.pdbx_ordinal 
ALA N    N N N 1   
ALA CA   C N S 2   
ALA C    C N N 3   
ALA O    O N N 4   
ALA CB   C N N 5   
ALA OXT  O N N 6   
ALA H    H N N 7   
ALA H2   H N N 8   
ALA HA   H N N 9   
ALA HB1  H N N 10  
ALA HB2  H N N 11  
ALA HB3  H N N 12  
ALA HXT  H N N 13  
ARG N    N N N 14  
ARG CA   C N S 15  
ARG C    C N N 16  
ARG O    O N N 17  
ARG CB   C N N 18  
ARG CG   C N N 19  
ARG CD   C N N 20  
ARG NE   N N N 21  
ARG CZ   C N N 22  
ARG NH1  N N N 23  
ARG NH2  N N N 24  
ARG OXT  O N N 25  
ARG H    H N N 26  
ARG H2   H N N 27  
ARG HA   H N N 28  
ARG HB2  H N N 29  
ARG HB3  H N N 30  
ARG HG2  H N N 31  
ARG HG3  H N N 32  
ARG HD2  H N N 33  
ARG HD3  H N N 34  
ARG HE   H N N 35  
ARG HH11 H N N 36  
ARG HH12 H N N 37  
ARG HH21 H N N 38  
ARG HH22 H N N 39  
ARG HXT  H N N 40  
ASN N    N N N 41  
ASN CA   C N S 42  
ASN C    C N N 43  
ASN O    O N N 44  
ASN CB   C N N 45  
ASN CG   C N N 46  
ASN OD1  O N N 47  
ASN ND2  N N N 48  
ASN OXT  O N N 49  
ASN H    H N N 50  
ASN H2   H N N 51  
ASN HA   H N N 52  
ASN HB2  H N N 53  
ASN HB3  H N N 54  
ASN HD21 H N N 55  
ASN HD22 H N N 56  
ASN HXT  H N N 57  
ASP N    N N N 58  
ASP CA   C N S 59  
ASP C    C N N 60  
ASP O    O N N 61  
ASP CB   C N N 62  
ASP CG   C N N 63  
ASP OD1  O N N 64  
ASP OD2  O N N 65  
ASP OXT  O N N 66  
ASP H    H N N 67  
ASP H2   H N N 68  
ASP HA   H N N 69  
ASP HB2  H N N 70  
ASP HB3  H N N 71  
ASP HD2  H N N 72  
ASP HXT  H N N 73  
CYS N    N N N 74  
CYS CA   C N R 75  
CYS C    C N N 76  
CYS O    O N N 77  
CYS CB   C N N 78  
CYS SG   S N N 79  
CYS OXT  O N N 80  
CYS H    H N N 81  
CYS H2   H N N 82  
CYS HA   H N N 83  
CYS HB2  H N N 84  
CYS HB3  H N N 85  
CYS HG   H N N 86  
CYS HXT  H N N 87  
GLN N    N N N 88  
GLN CA   C N S 89  
GLN C    C N N 90  
GLN O    O N N 91  
GLN CB   C N N 92  
GLN CG   C N N 93  
GLN CD   C N N 94  
GLN OE1  O N N 95  
GLN NE2  N N N 96  
GLN OXT  O N N 97  
GLN H    H N N 98  
GLN H2   H N N 99  
GLN HA   H N N 100 
GLN HB2  H N N 101 
GLN HB3  H N N 102 
GLN HG2  H N N 103 
GLN HG3  H N N 104 
GLN HE21 H N N 105 
GLN HE22 H N N 106 
GLN HXT  H N N 107 
GLU N    N N N 108 
GLU CA   C N S 109 
GLU C    C N N 110 
GLU O    O N N 111 
GLU CB   C N N 112 
GLU CG   C N N 113 
GLU CD   C N N 114 
GLU OE1  O N N 115 
GLU OE2  O N N 116 
GLU OXT  O N N 117 
GLU H    H N N 118 
GLU H2   H N N 119 
GLU HA   H N N 120 
GLU HB2  H N N 121 
GLU HB3  H N N 122 
GLU HG2  H N N 123 
GLU HG3  H N N 124 
GLU HE2  H N N 125 
GLU HXT  H N N 126 
GLY N    N N N 127 
GLY CA   C N N 128 
GLY C    C N N 129 
GLY O    O N N 130 
GLY OXT  O N N 131 
GLY H    H N N 132 
GLY H2   H N N 133 
GLY HA2  H N N 134 
GLY HA3  H N N 135 
GLY HXT  H N N 136 
HIS N    N N N 137 
HIS CA   C N S 138 
HIS C    C N N 139 
HIS O    O N N 140 
HIS CB   C N N 141 
HIS CG   C Y N 142 
HIS ND1  N Y N 143 
HIS CD2  C Y N 144 
HIS CE1  C Y N 145 
HIS NE2  N Y N 146 
HIS OXT  O N N 147 
HIS H    H N N 148 
HIS H2   H N N 149 
HIS HA   H N N 150 
HIS HB2  H N N 151 
HIS HB3  H N N 152 
HIS HD1  H N N 153 
HIS HD2  H N N 154 
HIS HE1  H N N 155 
HIS HE2  H N N 156 
HIS HXT  H N N 157 
ILE N    N N N 158 
ILE CA   C N S 159 
ILE C    C N N 160 
ILE O    O N N 161 
ILE CB   C N S 162 
ILE CG1  C N N 163 
ILE CG2  C N N 164 
ILE CD1  C N N 165 
ILE OXT  O N N 166 
ILE H    H N N 167 
ILE H2   H N N 168 
ILE HA   H N N 169 
ILE HB   H N N 170 
ILE HG12 H N N 171 
ILE HG13 H N N 172 
ILE HG21 H N N 173 
ILE HG22 H N N 174 
ILE HG23 H N N 175 
ILE HD11 H N N 176 
ILE HD12 H N N 177 
ILE HD13 H N N 178 
ILE HXT  H N N 179 
LEU N    N N N 180 
LEU CA   C N S 181 
LEU C    C N N 182 
LEU O    O N N 183 
LEU CB   C N N 184 
LEU CG   C N N 185 
LEU CD1  C N N 186 
LEU CD2  C N N 187 
LEU OXT  O N N 188 
LEU H    H N N 189 
LEU H2   H N N 190 
LEU HA   H N N 191 
LEU HB2  H N N 192 
LEU HB3  H N N 193 
LEU HG   H N N 194 
LEU HD11 H N N 195 
LEU HD12 H N N 196 
LEU HD13 H N N 197 
LEU HD21 H N N 198 
LEU HD22 H N N 199 
LEU HD23 H N N 200 
LEU HXT  H N N 201 
LYS N    N N N 202 
LYS CA   C N S 203 
LYS C    C N N 204 
LYS O    O N N 205 
LYS CB   C N N 206 
LYS CG   C N N 207 
LYS CD   C N N 208 
LYS CE   C N N 209 
LYS NZ   N N N 210 
LYS OXT  O N N 211 
LYS H    H N N 212 
LYS H2   H N N 213 
LYS HA   H N N 214 
LYS HB2  H N N 215 
LYS HB3  H N N 216 
LYS HG2  H N N 217 
LYS HG3  H N N 218 
LYS HD2  H N N 219 
LYS HD3  H N N 220 
LYS HE2  H N N 221 
LYS HE3  H N N 222 
LYS HZ1  H N N 223 
LYS HZ2  H N N 224 
LYS HZ3  H N N 225 
LYS HXT  H N N 226 
MET N    N N N 227 
MET CA   C N S 228 
MET C    C N N 229 
MET O    O N N 230 
MET CB   C N N 231 
MET CG   C N N 232 
MET SD   S N N 233 
MET CE   C N N 234 
MET OXT  O N N 235 
MET H    H N N 236 
MET H2   H N N 237 
MET HA   H N N 238 
MET HB2  H N N 239 
MET HB3  H N N 240 
MET HG2  H N N 241 
MET HG3  H N N 242 
MET HE1  H N N 243 
MET HE2  H N N 244 
MET HE3  H N N 245 
MET HXT  H N N 246 
PHE N    N N N 247 
PHE CA   C N S 248 
PHE C    C N N 249 
PHE O    O N N 250 
PHE CB   C N N 251 
PHE CG   C Y N 252 
PHE CD1  C Y N 253 
PHE CD2  C Y N 254 
PHE CE1  C Y N 255 
PHE CE2  C Y N 256 
PHE CZ   C Y N 257 
PHE OXT  O N N 258 
PHE H    H N N 259 
PHE H2   H N N 260 
PHE HA   H N N 261 
PHE HB2  H N N 262 
PHE HB3  H N N 263 
PHE HD1  H N N 264 
PHE HD2  H N N 265 
PHE HE1  H N N 266 
PHE HE2  H N N 267 
PHE HZ   H N N 268 
PHE HXT  H N N 269 
PRO N    N N N 270 
PRO CA   C N S 271 
PRO C    C N N 272 
PRO O    O N N 273 
PRO CB   C N N 274 
PRO CG   C N N 275 
PRO CD   C N N 276 
PRO OXT  O N N 277 
PRO H    H N N 278 
PRO HA   H N N 279 
PRO HB2  H N N 280 
PRO HB3  H N N 281 
PRO HG2  H N N 282 
PRO HG3  H N N 283 
PRO HD2  H N N 284 
PRO HD3  H N N 285 
PRO HXT  H N N 286 
SER N    N N N 287 
SER CA   C N S 288 
SER C    C N N 289 
SER O    O N N 290 
SER CB   C N N 291 
SER OG   O N N 292 
SER OXT  O N N 293 
SER H    H N N 294 
SER H2   H N N 295 
SER HA   H N N 296 
SER HB2  H N N 297 
SER HB3  H N N 298 
SER HG   H N N 299 
SER HXT  H N N 300 
THR N    N N N 301 
THR CA   C N S 302 
THR C    C N N 303 
THR O    O N N 304 
THR CB   C N R 305 
THR OG1  O N N 306 
THR CG2  C N N 307 
THR OXT  O N N 308 
THR H    H N N 309 
THR H2   H N N 310 
THR HA   H N N 311 
THR HB   H N N 312 
THR HG1  H N N 313 
THR HG21 H N N 314 
THR HG22 H N N 315 
THR HG23 H N N 316 
THR HXT  H N N 317 
TRP N    N N N 318 
TRP CA   C N S 319 
TRP C    C N N 320 
TRP O    O N N 321 
TRP CB   C N N 322 
TRP CG   C Y N 323 
TRP CD1  C Y N 324 
TRP CD2  C Y N 325 
TRP NE1  N Y N 326 
TRP CE2  C Y N 327 
TRP CE3  C Y N 328 
TRP CZ2  C Y N 329 
TRP CZ3  C Y N 330 
TRP CH2  C Y N 331 
TRP OXT  O N N 332 
TRP H    H N N 333 
TRP H2   H N N 334 
TRP HA   H N N 335 
TRP HB2  H N N 336 
TRP HB3  H N N 337 
TRP HD1  H N N 338 
TRP HE1  H N N 339 
TRP HE3  H N N 340 
TRP HZ2  H N N 341 
TRP HZ3  H N N 342 
TRP HH2  H N N 343 
TRP HXT  H N N 344 
TYR N    N N N 345 
TYR CA   C N S 346 
TYR C    C N N 347 
TYR O    O N N 348 
TYR CB   C N N 349 
TYR CG   C Y N 350 
TYR CD1  C Y N 351 
TYR CD2  C Y N 352 
TYR CE1  C Y N 353 
TYR CE2  C Y N 354 
TYR CZ   C Y N 355 
TYR OH   O N N 356 
TYR OXT  O N N 357 
TYR H    H N N 358 
TYR H2   H N N 359 
TYR HA   H N N 360 
TYR HB2  H N N 361 
TYR HB3  H N N 362 
TYR HD1  H N N 363 
TYR HD2  H N N 364 
TYR HE1  H N N 365 
TYR HE2  H N N 366 
TYR HH   H N N 367 
TYR HXT  H N N 368 
VAL N    N N N 369 
VAL CA   C N S 370 
VAL C    C N N 371 
VAL O    O N N 372 
VAL CB   C N N 373 
VAL CG1  C N N 374 
VAL CG2  C N N 375 
VAL OXT  O N N 376 
VAL H    H N N 377 
VAL H2   H N N 378 
VAL HA   H N N 379 
VAL HB   H N N 380 
VAL HG11 H N N 381 
VAL HG12 H N N 382 
VAL HG13 H N N 383 
VAL HG21 H N N 384 
VAL HG22 H N N 385 
VAL HG23 H N N 386 
VAL HXT  H N N 387 
# 
loop_
_chem_comp_bond.comp_id 
_chem_comp_bond.atom_id_1 
_chem_comp_bond.atom_id_2 
_chem_comp_bond.value_order 
_chem_comp_bond.pdbx_aromatic_flag 
_chem_comp_bond.pdbx_stereo_config 
_chem_comp_bond.pdbx_ordinal 
ALA N   CA   sing N N 1   
ALA N   H    sing N N 2   
ALA N   H2   sing N N 3   
ALA CA  C    sing N N 4   
ALA CA  CB   sing N N 5   
ALA CA  HA   sing N N 6   
ALA C   O    doub N N 7   
ALA C   OXT  sing N N 8   
ALA CB  HB1  sing N N 9   
ALA CB  HB2  sing N N 10  
ALA CB  HB3  sing N N 11  
ALA OXT HXT  sing N N 12  
ARG N   CA   sing N N 13  
ARG N   H    sing N N 14  
ARG N   H2   sing N N 15  
ARG CA  C    sing N N 16  
ARG CA  CB   sing N N 17  
ARG CA  HA   sing N N 18  
ARG C   O    doub N N 19  
ARG C   OXT  sing N N 20  
ARG CB  CG   sing N N 21  
ARG CB  HB2  sing N N 22  
ARG CB  HB3  sing N N 23  
ARG CG  CD   sing N N 24  
ARG CG  HG2  sing N N 25  
ARG CG  HG3  sing N N 26  
ARG CD  NE   sing N N 27  
ARG CD  HD2  sing N N 28  
ARG CD  HD3  sing N N 29  
ARG NE  CZ   sing N N 30  
ARG NE  HE   sing N N 31  
ARG CZ  NH1  sing N N 32  
ARG CZ  NH2  doub N N 33  
ARG NH1 HH11 sing N N 34  
ARG NH1 HH12 sing N N 35  
ARG NH2 HH21 sing N N 36  
ARG NH2 HH22 sing N N 37  
ARG OXT HXT  sing N N 38  
ASN N   CA   sing N N 39  
ASN N   H    sing N N 40  
ASN N   H2   sing N N 41  
ASN CA  C    sing N N 42  
ASN CA  CB   sing N N 43  
ASN CA  HA   sing N N 44  
ASN C   O    doub N N 45  
ASN C   OXT  sing N N 46  
ASN CB  CG   sing N N 47  
ASN CB  HB2  sing N N 48  
ASN CB  HB3  sing N N 49  
ASN CG  OD1  doub N N 50  
ASN CG  ND2  sing N N 51  
ASN ND2 HD21 sing N N 52  
ASN ND2 HD22 sing N N 53  
ASN OXT HXT  sing N N 54  
ASP N   CA   sing N N 55  
ASP N   H    sing N N 56  
ASP N   H2   sing N N 57  
ASP CA  C    sing N N 58  
ASP CA  CB   sing N N 59  
ASP CA  HA   sing N N 60  
ASP C   O    doub N N 61  
ASP C   OXT  sing N N 62  
ASP CB  CG   sing N N 63  
ASP CB  HB2  sing N N 64  
ASP CB  HB3  sing N N 65  
ASP CG  OD1  doub N N 66  
ASP CG  OD2  sing N N 67  
ASP OD2 HD2  sing N N 68  
ASP OXT HXT  sing N N 69  
CYS N   CA   sing N N 70  
CYS N   H    sing N N 71  
CYS N   H2   sing N N 72  
CYS CA  C    sing N N 73  
CYS CA  CB   sing N N 74  
CYS CA  HA   sing N N 75  
CYS C   O    doub N N 76  
CYS C   OXT  sing N N 77  
CYS CB  SG   sing N N 78  
CYS CB  HB2  sing N N 79  
CYS CB  HB3  sing N N 80  
CYS SG  HG   sing N N 81  
CYS OXT HXT  sing N N 82  
GLN N   CA   sing N N 83  
GLN N   H    sing N N 84  
GLN N   H2   sing N N 85  
GLN CA  C    sing N N 86  
GLN CA  CB   sing N N 87  
GLN CA  HA   sing N N 88  
GLN C   O    doub N N 89  
GLN C   OXT  sing N N 90  
GLN CB  CG   sing N N 91  
GLN CB  HB2  sing N N 92  
GLN CB  HB3  sing N N 93  
GLN CG  CD   sing N N 94  
GLN CG  HG2  sing N N 95  
GLN CG  HG3  sing N N 96  
GLN CD  OE1  doub N N 97  
GLN CD  NE2  sing N N 98  
GLN NE2 HE21 sing N N 99  
GLN NE2 HE22 sing N N 100 
GLN OXT HXT  sing N N 101 
GLU N   CA   sing N N 102 
GLU N   H    sing N N 103 
GLU N   H2   sing N N 104 
GLU CA  C    sing N N 105 
GLU CA  CB   sing N N 106 
GLU CA  HA   sing N N 107 
GLU C   O    doub N N 108 
GLU C   OXT  sing N N 109 
GLU CB  CG   sing N N 110 
GLU CB  HB2  sing N N 111 
GLU CB  HB3  sing N N 112 
GLU CG  CD   sing N N 113 
GLU CG  HG2  sing N N 114 
GLU CG  HG3  sing N N 115 
GLU CD  OE1  doub N N 116 
GLU CD  OE2  sing N N 117 
GLU OE2 HE2  sing N N 118 
GLU OXT HXT  sing N N 119 
GLY N   CA   sing N N 120 
GLY N   H    sing N N 121 
GLY N   H2   sing N N 122 
GLY CA  C    sing N N 123 
GLY CA  HA2  sing N N 124 
GLY CA  HA3  sing N N 125 
GLY C   O    doub N N 126 
GLY C   OXT  sing N N 127 
GLY OXT HXT  sing N N 128 
HIS N   CA   sing N N 129 
HIS N   H    sing N N 130 
HIS N   H2   sing N N 131 
HIS CA  C    sing N N 132 
HIS CA  CB   sing N N 133 
HIS CA  HA   sing N N 134 
HIS C   O    doub N N 135 
HIS C   OXT  sing N N 136 
HIS CB  CG   sing N N 137 
HIS CB  HB2  sing N N 138 
HIS CB  HB3  sing N N 139 
HIS CG  ND1  sing Y N 140 
HIS CG  CD2  doub Y N 141 
HIS ND1 CE1  doub Y N 142 
HIS ND1 HD1  sing N N 143 
HIS CD2 NE2  sing Y N 144 
HIS CD2 HD2  sing N N 145 
HIS CE1 NE2  sing Y N 146 
HIS CE1 HE1  sing N N 147 
HIS NE2 HE2  sing N N 148 
HIS OXT HXT  sing N N 149 
ILE N   CA   sing N N 150 
ILE N   H    sing N N 151 
ILE N   H2   sing N N 152 
ILE CA  C    sing N N 153 
ILE CA  CB   sing N N 154 
ILE CA  HA   sing N N 155 
ILE C   O    doub N N 156 
ILE C   OXT  sing N N 157 
ILE CB  CG1  sing N N 158 
ILE CB  CG2  sing N N 159 
ILE CB  HB   sing N N 160 
ILE CG1 CD1  sing N N 161 
ILE CG1 HG12 sing N N 162 
ILE CG1 HG13 sing N N 163 
ILE CG2 HG21 sing N N 164 
ILE CG2 HG22 sing N N 165 
ILE CG2 HG23 sing N N 166 
ILE CD1 HD11 sing N N 167 
ILE CD1 HD12 sing N N 168 
ILE CD1 HD13 sing N N 169 
ILE OXT HXT  sing N N 170 
LEU N   CA   sing N N 171 
LEU N   H    sing N N 172 
LEU N   H2   sing N N 173 
LEU CA  C    sing N N 174 
LEU CA  CB   sing N N 175 
LEU CA  HA   sing N N 176 
LEU C   O    doub N N 177 
LEU C   OXT  sing N N 178 
LEU CB  CG   sing N N 179 
LEU CB  HB2  sing N N 180 
LEU CB  HB3  sing N N 181 
LEU CG  CD1  sing N N 182 
LEU CG  CD2  sing N N 183 
LEU CG  HG   sing N N 184 
LEU CD1 HD11 sing N N 185 
LEU CD1 HD12 sing N N 186 
LEU CD1 HD13 sing N N 187 
LEU CD2 HD21 sing N N 188 
LEU CD2 HD22 sing N N 189 
LEU CD2 HD23 sing N N 190 
LEU OXT HXT  sing N N 191 
LYS N   CA   sing N N 192 
LYS N   H    sing N N 193 
LYS N   H2   sing N N 194 
LYS CA  C    sing N N 195 
LYS CA  CB   sing N N 196 
LYS CA  HA   sing N N 197 
LYS C   O    doub N N 198 
LYS C   OXT  sing N N 199 
LYS CB  CG   sing N N 200 
LYS CB  HB2  sing N N 201 
LYS CB  HB3  sing N N 202 
LYS CG  CD   sing N N 203 
LYS CG  HG2  sing N N 204 
LYS CG  HG3  sing N N 205 
LYS CD  CE   sing N N 206 
LYS CD  HD2  sing N N 207 
LYS CD  HD3  sing N N 208 
LYS CE  NZ   sing N N 209 
LYS CE  HE2  sing N N 210 
LYS CE  HE3  sing N N 211 
LYS NZ  HZ1  sing N N 212 
LYS NZ  HZ2  sing N N 213 
LYS NZ  HZ3  sing N N 214 
LYS OXT HXT  sing N N 215 
MET N   CA   sing N N 216 
MET N   H    sing N N 217 
MET N   H2   sing N N 218 
MET CA  C    sing N N 219 
MET CA  CB   sing N N 220 
MET CA  HA   sing N N 221 
MET C   O    doub N N 222 
MET C   OXT  sing N N 223 
MET CB  CG   sing N N 224 
MET CB  HB2  sing N N 225 
MET CB  HB3  sing N N 226 
MET CG  SD   sing N N 227 
MET CG  HG2  sing N N 228 
MET CG  HG3  sing N N 229 
MET SD  CE   sing N N 230 
MET CE  HE1  sing N N 231 
MET CE  HE2  sing N N 232 
MET CE  HE3  sing N N 233 
MET OXT HXT  sing N N 234 
PHE N   CA   sing N N 235 
PHE N   H    sing N N 236 
PHE N   H2   sing N N 237 
PHE CA  C    sing N N 238 
PHE CA  CB   sing N N 239 
PHE CA  HA   sing N N 240 
PHE C   O    doub N N 241 
PHE C   OXT  sing N N 242 
PHE CB  CG   sing N N 243 
PHE CB  HB2  sing N N 244 
PHE CB  HB3  sing N N 245 
PHE CG  CD1  doub Y N 246 
PHE CG  CD2  sing Y N 247 
PHE CD1 CE1  sing Y N 248 
PHE CD1 HD1  sing N N 249 
PHE CD2 CE2  doub Y N 250 
PHE CD2 HD2  sing N N 251 
PHE CE1 CZ   doub Y N 252 
PHE CE1 HE1  sing N N 253 
PHE CE2 CZ   sing Y N 254 
PHE CE2 HE2  sing N N 255 
PHE CZ  HZ   sing N N 256 
PHE OXT HXT  sing N N 257 
PRO N   CA   sing N N 258 
PRO N   CD   sing N N 259 
PRO N   H    sing N N 260 
PRO CA  C    sing N N 261 
PRO CA  CB   sing N N 262 
PRO CA  HA   sing N N 263 
PRO C   O    doub N N 264 
PRO C   OXT  sing N N 265 
PRO CB  CG   sing N N 266 
PRO CB  HB2  sing N N 267 
PRO CB  HB3  sing N N 268 
PRO CG  CD   sing N N 269 
PRO CG  HG2  sing N N 270 
PRO CG  HG3  sing N N 271 
PRO CD  HD2  sing N N 272 
PRO CD  HD3  sing N N 273 
PRO OXT HXT  sing N N 274 
SER N   CA   sing N N 275 
SER N   H    sing N N 276 
SER N   H2   sing N N 277 
SER CA  C    sing N N 278 
SER CA  CB   sing N N 279 
SER CA  HA   sing N N 280 
SER C   O    doub N N 281 
SER C   OXT  sing N N 282 
SER CB  OG   sing N N 283 
SER CB  HB2  sing N N 284 
SER CB  HB3  sing N N 285 
SER OG  HG   sing N N 286 
SER OXT HXT  sing N N 287 
THR N   CA   sing N N 288 
THR N   H    sing N N 289 
THR N   H2   sing N N 290 
THR CA  C    sing N N 291 
THR CA  CB   sing N N 292 
THR CA  HA   sing N N 293 
THR C   O    doub N N 294 
THR C   OXT  sing N N 295 
THR CB  OG1  sing N N 296 
THR CB  CG2  sing N N 297 
THR CB  HB   sing N N 298 
THR OG1 HG1  sing N N 299 
THR CG2 HG21 sing N N 300 
THR CG2 HG22 sing N N 301 
THR CG2 HG23 sing N N 302 
THR OXT HXT  sing N N 303 
TRP N   CA   sing N N 304 
TRP N   H    sing N N 305 
TRP N   H2   sing N N 306 
TRP CA  C    sing N N 307 
TRP CA  CB   sing N N 308 
TRP CA  HA   sing N N 309 
TRP C   O    doub N N 310 
TRP C   OXT  sing N N 311 
TRP CB  CG   sing N N 312 
TRP CB  HB2  sing N N 313 
TRP CB  HB3  sing N N 314 
TRP CG  CD1  doub Y N 315 
TRP CG  CD2  sing Y N 316 
TRP CD1 NE1  sing Y N 317 
TRP CD1 HD1  sing N N 318 
TRP CD2 CE2  doub Y N 319 
TRP CD2 CE3  sing Y N 320 
TRP NE1 CE2  sing Y N 321 
TRP NE1 HE1  sing N N 322 
TRP CE2 CZ2  sing Y N 323 
TRP CE3 CZ3  doub Y N 324 
TRP CE3 HE3  sing N N 325 
TRP CZ2 CH2  doub Y N 326 
TRP CZ2 HZ2  sing N N 327 
TRP CZ3 CH2  sing Y N 328 
TRP CZ3 HZ3  sing N N 329 
TRP CH2 HH2  sing N N 330 
TRP OXT HXT  sing N N 331 
TYR N   CA   sing N N 332 
TYR N   H    sing N N 333 
TYR N   H2   sing N N 334 
TYR CA  C    sing N N 335 
TYR CA  CB   sing N N 336 
TYR CA  HA   sing N N 337 
TYR C   O    doub N N 338 
TYR C   OXT  sing N N 339 
TYR CB  CG   sing N N 340 
TYR CB  HB2  sing N N 341 
TYR CB  HB3  sing N N 342 
TYR CG  CD1  doub Y N 343 
TYR CG  CD2  sing Y N 344 
TYR CD1 CE1  sing Y N 345 
TYR CD1 HD1  sing N N 346 
TYR CD2 CE2  doub Y N 347 
TYR CD2 HD2  sing N N 348 
TYR CE1 CZ   doub Y N 349 
TYR CE1 HE1  sing N N 350 
TYR CE2 CZ   sing Y N 351 
TYR CE2 HE2  sing N N 352 
TYR CZ  OH   sing N N 353 
TYR OH  HH   sing N N 354 
TYR OXT HXT  sing N N 355 
VAL N   CA   sing N N 356 
VAL N   H    sing N N 357 
VAL N   H2   sing N N 358 
VAL CA  C    sing N N 359 
VAL CA  CB   sing N N 360 
VAL CA  HA   sing N N 361 
VAL C   O    doub N N 362 
VAL C   OXT  sing N N 363 
VAL CB  CG1  sing N N 364 
VAL CB  CG2  sing N N 365 
VAL CB  HB   sing N N 366 
VAL CG1 HG11 sing N N 367 
VAL CG1 HG12 sing N N 368 
VAL CG1 HG13 sing N N 369 
VAL CG2 HG21 sing N N 370 
VAL CG2 HG22 sing N N 371 
VAL CG2 HG23 sing N N 372 
VAL OXT HXT  sing N N 373 
# 
loop_
_pdbx_nmr_spectrometer.field_strength 
_pdbx_nmr_spectrometer.manufacturer 
_pdbx_nmr_spectrometer.model 
_pdbx_nmr_spectrometer.spectrometer_id 
_pdbx_nmr_spectrometer.type 
500 Bruker DMX 1 'Bruker DMX' 
600 Bruker DMX 2 'Bruker DMX' 
# 
_atom_sites.entry_id                    2JP3 
_atom_sites.fract_transf_matrix[1][1]   1.000000 
_atom_sites.fract_transf_matrix[1][2]   0.000000 
_atom_sites.fract_transf_matrix[1][3]   0.000000 
_atom_sites.fract_transf_matrix[2][1]   0.000000 
_atom_sites.fract_transf_matrix[2][2]   1.000000 
_atom_sites.fract_transf_matrix[2][3]   0.000000 
_atom_sites.fract_transf_matrix[3][1]   0.000000 
_atom_sites.fract_transf_matrix[3][2]   0.000000 
_atom_sites.fract_transf_matrix[3][3]   1.000000 
_atom_sites.fract_transf_vector[1]      0.00000 
_atom_sites.fract_transf_vector[2]      0.00000 
_atom_sites.fract_transf_vector[3]      0.00000 
# 
loop_
_atom_type.symbol 
C 
H 
N 
O 
S 
# 
loop_
_atom_site.group_PDB 
_atom_site.id 
_atom_site.type_symbol 
_atom_site.label_atom_id 
_atom_site.label_alt_id 
_atom_site.label_comp_id 
_atom_site.label_asym_id 
_atom_site.label_entity_id 
_atom_site.label_seq_id 
_atom_site.pdbx_PDB_ins_code 
_atom_site.Cartn_x 
_atom_site.Cartn_y 
_atom_site.Cartn_z 
_atom_site.occupancy 
_atom_site.B_iso_or_equiv 
_atom_site.pdbx_formal_charge 
_atom_site.auth_seq_id 
_atom_site.auth_comp_id 
_atom_site.auth_asym_id 
_atom_site.auth_atom_id 
_atom_site.pdbx_PDB_model_num 
ATOM 1   N N    . ASN A 1 1  ? -16.387 -34.894 10.812  1.00 0.00 ? 1  ASN A N    1 
ATOM 2   C CA   . ASN A 1 1  ? -16.278 -34.172 9.513   1.00 0.00 ? 1  ASN A CA   1 
ATOM 3   C C    . ASN A 1 1  ? -17.403 -33.148 9.407   1.00 0.00 ? 1  ASN A C    1 
ATOM 4   O O    . ASN A 1 1  ? -18.572 -33.472 9.615   1.00 0.00 ? 1  ASN A O    1 
ATOM 5   C CB   . ASN A 1 1  ? -16.379 -35.176 8.363   1.00 0.00 ? 1  ASN A CB   1 
ATOM 6   C CG   . ASN A 1 1  ? -15.033 -35.861 8.149   1.00 0.00 ? 1  ASN A CG   1 
ATOM 7   O OD1  . ASN A 1 1  ? -13.989 -35.209 8.191   1.00 0.00 ? 1  ASN A OD1  1 
ATOM 8   N ND2  . ASN A 1 1  ? -14.994 -37.145 7.922   1.00 0.00 ? 1  ASN A ND2  1 
ATOM 9   H H1   . ASN A 1 1  ? -15.474 -34.856 11.307  1.00 0.00 ? 1  ASN A H1   1 
ATOM 10  H H2   . ASN A 1 1  ? -16.645 -35.887 10.634  1.00 0.00 ? 1  ASN A H2   1 
ATOM 11  H H3   . ASN A 1 1  ? -17.116 -34.444 11.399  1.00 0.00 ? 1  ASN A H3   1 
ATOM 12  H HA   . ASN A 1 1  ? -15.326 -33.664 9.463   1.00 0.00 ? 1  ASN A HA   1 
ATOM 13  H HB2  . ASN A 1 1  ? -17.126 -35.919 8.601   1.00 0.00 ? 1  ASN A HB2  1 
ATOM 14  H HB3  . ASN A 1 1  ? -16.664 -34.660 7.459   1.00 0.00 ? 1  ASN A HB3  1 
ATOM 15  H HD21 . ASN A 1 1  ? -15.826 -37.662 7.888   1.00 0.00 ? 1  ASN A HD21 1 
ATOM 16  H HD22 . ASN A 1 1  ? -14.133 -37.592 7.783   1.00 0.00 ? 1  ASN A HD22 1 
ATOM 17  N N    . GLY A 1 2  ? -17.042 -31.911 9.082   1.00 0.00 ? 2  GLY A N    1 
ATOM 18  C CA   . GLY A 1 2  ? -18.032 -30.847 8.950   1.00 0.00 ? 2  GLY A CA   1 
ATOM 19  C C    . GLY A 1 2  ? -17.409 -29.590 8.355   1.00 0.00 ? 2  GLY A C    1 
ATOM 20  O O    . GLY A 1 2  ? -17.267 -28.573 9.033   1.00 0.00 ? 2  GLY A O    1 
ATOM 21  H H    . GLY A 1 2  ? -16.096 -31.709 8.925   1.00 0.00 ? 2  GLY A H    1 
ATOM 22  H HA2  . GLY A 1 2  ? -18.833 -31.187 8.309   1.00 0.00 ? 2  GLY A HA2  1 
ATOM 23  H HA3  . GLY A 1 2  ? -18.433 -30.614 9.924   1.00 0.00 ? 2  GLY A HA3  1 
ATOM 24  N N    . PRO A 1 3  ? -17.040 -29.645 7.103   1.00 0.00 ? 3  PRO A N    1 
ATOM 25  C CA   . PRO A 1 3  ? -16.419 -28.487 6.395   1.00 0.00 ? 3  PRO A CA   1 
ATOM 26  C C    . PRO A 1 3  ? -17.259 -27.219 6.527   1.00 0.00 ? 3  PRO A C    1 
ATOM 27  O O    . PRO A 1 3  ? -16.820 -26.130 6.155   1.00 0.00 ? 3  PRO A O    1 
ATOM 28  C CB   . PRO A 1 3  ? -16.347 -28.943 4.934   1.00 0.00 ? 3  PRO A CB   1 
ATOM 29  C CG   . PRO A 1 3  ? -16.390 -30.435 4.975   1.00 0.00 ? 3  PRO A CG   1 
ATOM 30  C CD   . PRO A 1 3  ? -17.175 -30.818 6.229   1.00 0.00 ? 3  PRO A CD   1 
ATOM 31  H HA   . PRO A 1 3  ? -15.422 -28.315 6.766   1.00 0.00 ? 3  PRO A HA   1 
ATOM 32  H HB2  . PRO A 1 3  ? -17.193 -28.557 4.382   1.00 0.00 ? 3  PRO A HB2  1 
ATOM 33  H HB3  . PRO A 1 3  ? -15.424 -28.613 4.484   1.00 0.00 ? 3  PRO A HB3  1 
ATOM 34  H HG2  . PRO A 1 3  ? -16.888 -30.813 4.091   1.00 0.00 ? 3  PRO A HG2  1 
ATOM 35  H HG3  . PRO A 1 3  ? -15.390 -30.833 5.037   1.00 0.00 ? 3  PRO A HG3  1 
ATOM 36  H HD2  . PRO A 1 3  ? -18.213 -30.996 5.984   1.00 0.00 ? 3  PRO A HD2  1 
ATOM 37  H HD3  . PRO A 1 3  ? -16.739 -31.686 6.698   1.00 0.00 ? 3  PRO A HD3  1 
ATOM 38  N N    . VAL A 1 4  ? -18.468 -27.372 7.056   1.00 0.00 ? 4  VAL A N    1 
ATOM 39  C CA   . VAL A 1 4  ? -19.364 -26.235 7.233   1.00 0.00 ? 4  VAL A CA   1 
ATOM 40  C C    . VAL A 1 4  ? -18.944 -25.401 8.438   1.00 0.00 ? 4  VAL A C    1 
ATOM 41  O O    . VAL A 1 4  ? -19.115 -24.182 8.452   1.00 0.00 ? 4  VAL A O    1 
ATOM 42  C CB   . VAL A 1 4  ? -20.800 -26.731 7.425   1.00 0.00 ? 4  VAL A CB   1 
ATOM 43  C CG1  . VAL A 1 4  ? -21.658 -25.607 8.007   1.00 0.00 ? 4  VAL A CG1  1 
ATOM 44  C CG2  . VAL A 1 4  ? -21.374 -27.161 6.073   1.00 0.00 ? 4  VAL A CG2  1 
ATOM 45  H H    . VAL A 1 4  ? -18.762 -28.265 7.332   1.00 0.00 ? 4  VAL A H    1 
ATOM 46  H HA   . VAL A 1 4  ? -19.326 -25.618 6.348   1.00 0.00 ? 4  VAL A HA   1 
ATOM 47  H HB   . VAL A 1 4  ? -20.801 -27.572 8.103   1.00 0.00 ? 4  VAL A HB   1 
ATOM 48  H HG11 . VAL A 1 4  ? -22.688 -25.757 7.721   1.00 0.00 ? 4  VAL A HG11 1 
ATOM 49  H HG12 . VAL A 1 4  ? -21.313 -24.657 7.627   1.00 0.00 ? 4  VAL A HG12 1 
ATOM 50  H HG13 . VAL A 1 4  ? -21.578 -25.614 9.084   1.00 0.00 ? 4  VAL A HG13 1 
ATOM 51  H HG21 . VAL A 1 4  ? -20.576 -27.530 5.444   1.00 0.00 ? 4  VAL A HG21 1 
ATOM 52  H HG22 . VAL A 1 4  ? -21.844 -26.314 5.596   1.00 0.00 ? 4  VAL A HG22 1 
ATOM 53  H HG23 . VAL A 1 4  ? -22.104 -27.942 6.224   1.00 0.00 ? 4  VAL A HG23 1 
ATOM 54  N N    . ASP A 1 5  ? -18.393 -26.065 9.450   1.00 0.00 ? 5  ASP A N    1 
ATOM 55  C CA   . ASP A 1 5  ? -17.953 -25.372 10.655  1.00 0.00 ? 5  ASP A CA   1 
ATOM 56  C C    . ASP A 1 5  ? -19.149 -24.995 11.522  1.00 0.00 ? 5  ASP A C    1 
ATOM 57  O O    . ASP A 1 5  ? -19.066 -25.011 12.751  1.00 0.00 ? 5  ASP A O    1 
ATOM 58  C CB   . ASP A 1 5  ? -17.175 -24.109 10.278  1.00 0.00 ? 5  ASP A CB   1 
ATOM 59  C CG   . ASP A 1 5  ? -16.044 -23.878 11.275  1.00 0.00 ? 5  ASP A CG   1 
ATOM 60  O OD1  . ASP A 1 5  ? -16.232 -24.196 12.438  1.00 0.00 ? 5  ASP A OD1  1 
ATOM 61  O OD2  . ASP A 1 5  ? -15.008 -23.386 10.861  1.00 0.00 ? 5  ASP A OD2  1 
ATOM 62  H H    . ASP A 1 5  ? -18.281 -27.035 9.383   1.00 0.00 ? 5  ASP A H    1 
ATOM 63  H HA   . ASP A 1 5  ? -17.303 -26.026 11.217  1.00 0.00 ? 5  ASP A HA   1 
ATOM 64  H HB2  . ASP A 1 5  ? -16.761 -24.225 9.287   1.00 0.00 ? 5  ASP A HB2  1 
ATOM 65  H HB3  . ASP A 1 5  ? -17.842 -23.261 10.291  1.00 0.00 ? 5  ASP A HB3  1 
ATOM 66  N N    . LYS A 1 6  ? -20.259 -24.655 10.875  1.00 0.00 ? 6  LYS A N    1 
ATOM 67  C CA   . LYS A 1 6  ? -21.467 -24.275 11.600  1.00 0.00 ? 6  LYS A CA   1 
ATOM 68  C C    . LYS A 1 6  ? -22.050 -25.476 12.337  1.00 0.00 ? 6  LYS A C    1 
ATOM 69  O O    . LYS A 1 6  ? -23.139 -25.400 12.906  1.00 0.00 ? 6  LYS A O    1 
ATOM 70  C CB   . LYS A 1 6  ? -22.508 -23.717 10.626  1.00 0.00 ? 6  LYS A CB   1 
ATOM 71  C CG   . LYS A 1 6  ? -23.256 -22.558 11.289  1.00 0.00 ? 6  LYS A CG   1 
ATOM 72  C CD   . LYS A 1 6  ? -24.338 -22.037 10.341  1.00 0.00 ? 6  LYS A CD   1 
ATOM 73  C CE   . LYS A 1 6  ? -25.190 -20.994 11.064  1.00 0.00 ? 6  LYS A CE   1 
ATOM 74  N NZ   . LYS A 1 6  ? -26.146 -20.378 10.101  1.00 0.00 ? 6  LYS A NZ   1 
ATOM 75  H H    . LYS A 1 6  ? -20.266 -24.661 9.896   1.00 0.00 ? 6  LYS A H    1 
ATOM 76  H HA   . LYS A 1 6  ? -21.218 -23.510 12.319  1.00 0.00 ? 6  LYS A HA   1 
ATOM 77  H HB2  . LYS A 1 6  ? -22.012 -23.363 9.733   1.00 0.00 ? 6  LYS A HB2  1 
ATOM 78  H HB3  . LYS A 1 6  ? -23.211 -24.494 10.366  1.00 0.00 ? 6  LYS A HB3  1 
ATOM 79  H HG2  . LYS A 1 6  ? -23.715 -22.904 12.205  1.00 0.00 ? 6  LYS A HG2  1 
ATOM 80  H HG3  . LYS A 1 6  ? -22.562 -21.762 11.512  1.00 0.00 ? 6  LYS A HG3  1 
ATOM 81  H HD2  . LYS A 1 6  ? -23.872 -21.588 9.476   1.00 0.00 ? 6  LYS A HD2  1 
ATOM 82  H HD3  . LYS A 1 6  ? -24.966 -22.858 10.025  1.00 0.00 ? 6  LYS A HD3  1 
ATOM 83  H HE2  . LYS A 1 6  ? -25.741 -21.470 11.863  1.00 0.00 ? 6  LYS A HE2  1 
ATOM 84  H HE3  . LYS A 1 6  ? -24.549 -20.228 11.476  1.00 0.00 ? 6  LYS A HE3  1 
ATOM 85  H HZ1  . LYS A 1 6  ? -27.058 -20.875 10.150  1.00 0.00 ? 6  LYS A HZ1  1 
ATOM 86  H HZ2  . LYS A 1 6  ? -25.764 -20.452 9.138   1.00 0.00 ? 6  LYS A HZ2  1 
ATOM 87  H HZ3  . LYS A 1 6  ? -26.283 -19.375 10.343  1.00 0.00 ? 6  LYS A HZ3  1 
ATOM 88  N N    . GLY A 1 7  ? -21.316 -26.584 12.325  1.00 0.00 ? 7  GLY A N    1 
ATOM 89  C CA   . GLY A 1 7  ? -21.769 -27.797 12.998  1.00 0.00 ? 7  GLY A CA   1 
ATOM 90  C C    . GLY A 1 7  ? -21.369 -27.779 14.469  1.00 0.00 ? 7  GLY A C    1 
ATOM 91  O O    . GLY A 1 7  ? -22.181 -28.066 15.349  1.00 0.00 ? 7  GLY A O    1 
ATOM 92  H H    . GLY A 1 7  ? -20.455 -26.587 11.858  1.00 0.00 ? 7  GLY A H    1 
ATOM 93  H HA2  . GLY A 1 7  ? -22.846 -27.864 12.923  1.00 0.00 ? 7  GLY A HA2  1 
ATOM 94  H HA3  . GLY A 1 7  ? -21.324 -28.656 12.522  1.00 0.00 ? 7  GLY A HA3  1 
ATOM 95  N N    . SER A 1 8  ? -20.111 -27.436 14.727  1.00 0.00 ? 8  SER A N    1 
ATOM 96  C CA   . SER A 1 8  ? -19.610 -27.377 16.095  1.00 0.00 ? 8  SER A CA   1 
ATOM 97  C C    . SER A 1 8  ? -19.611 -25.934 16.593  1.00 0.00 ? 8  SER A C    1 
ATOM 98  O O    . SER A 1 8  ? -19.683 -24.998 15.798  1.00 0.00 ? 8  SER A O    1 
ATOM 99  C CB   . SER A 1 8  ? -18.189 -27.941 16.150  1.00 0.00 ? 8  SER A CB   1 
ATOM 100 O OG   . SER A 1 8  ? -17.730 -28.185 14.827  1.00 0.00 ? 8  SER A OG   1 
ATOM 101 H H    . SER A 1 8  ? -19.512 -27.215 13.985  1.00 0.00 ? 8  SER A H    1 
ATOM 102 H HA   . SER A 1 8  ? -20.250 -27.973 16.729  1.00 0.00 ? 8  SER A HA   1 
ATOM 103 H HB2  . SER A 1 8  ? -17.536 -27.229 16.627  1.00 0.00 ? 8  SER A HB2  1 
ATOM 104 H HB3  . SER A 1 8  ? -18.191 -28.862 16.719  1.00 0.00 ? 8  SER A HB3  1 
ATOM 105 H HG   . SER A 1 8  ? -18.449 -28.581 14.331  1.00 0.00 ? 8  SER A HG   1 
ATOM 106 N N    . PRO A 1 9  ? -19.532 -25.737 17.884  1.00 0.00 ? 9  PRO A N    1 
ATOM 107 C CA   . PRO A 1 9  ? -19.525 -24.371 18.482  1.00 0.00 ? 9  PRO A CA   1 
ATOM 108 C C    . PRO A 1 9  ? -18.266 -23.592 18.112  1.00 0.00 ? 9  PRO A C    1 
ATOM 109 O O    . PRO A 1 9  ? -18.207 -22.375 18.280  1.00 0.00 ? 9  PRO A O    1 
ATOM 110 C CB   . PRO A 1 9  ? -19.594 -24.622 19.991  1.00 0.00 ? 9  PRO A CB   1 
ATOM 111 C CG   . PRO A 1 9  ? -19.118 -26.023 20.192  1.00 0.00 ? 9  PRO A CG   1 
ATOM 112 C CD   . PRO A 1 9  ? -19.444 -26.788 18.909  1.00 0.00 ? 9  PRO A CD   1 
ATOM 113 H HA   . PRO A 1 9  ? -20.401 -23.827 18.171  1.00 0.00 ? 9  PRO A HA   1 
ATOM 114 H HB2  . PRO A 1 9  ? -18.949 -23.928 20.513  1.00 0.00 ? 9  PRO A HB2  1 
ATOM 115 H HB3  . PRO A 1 9  ? -20.610 -24.525 20.340  1.00 0.00 ? 9  PRO A HB3  1 
ATOM 116 H HG2  . PRO A 1 9  ? -18.051 -26.028 20.369  1.00 0.00 ? 9  PRO A HG2  1 
ATOM 117 H HG3  . PRO A 1 9  ? -19.635 -26.475 21.023  1.00 0.00 ? 9  PRO A HG3  1 
ATOM 118 H HD2  . PRO A 1 9  ? -18.652 -27.485 18.678  1.00 0.00 ? 9  PRO A HD2  1 
ATOM 119 H HD3  . PRO A 1 9  ? -20.388 -27.300 19.002  1.00 0.00 ? 9  PRO A HD3  1 
ATOM 120 N N    . PHE A 1 10 ? -17.262 -24.301 17.605  1.00 0.00 ? 10 PHE A N    1 
ATOM 121 C CA   . PHE A 1 10 ? -16.012 -23.659 17.211  1.00 0.00 ? 10 PHE A CA   1 
ATOM 122 C C    . PHE A 1 10 ? -16.245 -22.728 16.027  1.00 0.00 ? 10 PHE A C    1 
ATOM 123 O O    . PHE A 1 10 ? -15.304 -22.134 15.498  1.00 0.00 ? 10 PHE A O    1 
ATOM 124 C CB   . PHE A 1 10 ? -14.970 -24.715 16.838  1.00 0.00 ? 10 PHE A CB   1 
ATOM 125 C CG   . PHE A 1 10 ? -13.620 -24.055 16.683  1.00 0.00 ? 10 PHE A CG   1 
ATOM 126 C CD1  . PHE A 1 10 ? -12.828 -23.808 17.811  1.00 0.00 ? 10 PHE A CD1  1 
ATOM 127 C CD2  . PHE A 1 10 ? -13.161 -23.687 15.412  1.00 0.00 ? 10 PHE A CD2  1 
ATOM 128 C CE1  . PHE A 1 10 ? -11.577 -23.194 17.668  1.00 0.00 ? 10 PHE A CE1  1 
ATOM 129 C CE2  . PHE A 1 10 ? -11.911 -23.073 15.270  1.00 0.00 ? 10 PHE A CE2  1 
ATOM 130 C CZ   . PHE A 1 10 ? -11.120 -22.826 16.398  1.00 0.00 ? 10 PHE A CZ   1 
ATOM 131 H H    . PHE A 1 10 ? -17.363 -25.269 17.489  1.00 0.00 ? 10 PHE A H    1 
ATOM 132 H HA   . PHE A 1 10 ? -15.640 -23.081 18.043  1.00 0.00 ? 10 PHE A HA   1 
ATOM 133 H HB2  . PHE A 1 10 ? -14.919 -25.463 17.617  1.00 0.00 ? 10 PHE A HB2  1 
ATOM 134 H HB3  . PHE A 1 10 ? -15.250 -25.184 15.906  1.00 0.00 ? 10 PHE A HB3  1 
ATOM 135 H HD1  . PHE A 1 10 ? -13.181 -24.093 18.792  1.00 0.00 ? 10 PHE A HD1  1 
ATOM 136 H HD2  . PHE A 1 10 ? -13.772 -23.877 14.542  1.00 0.00 ? 10 PHE A HD2  1 
ATOM 137 H HE1  . PHE A 1 10 ? -10.967 -23.005 18.539  1.00 0.00 ? 10 PHE A HE1  1 
ATOM 138 H HE2  . PHE A 1 10 ? -11.558 -22.788 14.290  1.00 0.00 ? 10 PHE A HE2  1 
ATOM 139 H HZ   . PHE A 1 10 ? -10.155 -22.351 16.287  1.00 0.00 ? 10 PHE A HZ   1 
ATOM 140 N N    . TYR A 1 11 ? -17.502 -22.603 15.615  1.00 0.00 ? 11 TYR A N    1 
ATOM 141 C CA   . TYR A 1 11 ? -17.846 -21.739 14.492  1.00 0.00 ? 11 TYR A CA   1 
ATOM 142 C C    . TYR A 1 11 ? -17.806 -20.274 14.913  1.00 0.00 ? 11 TYR A C    1 
ATOM 143 O O    . TYR A 1 11 ? -17.448 -19.402 14.121  1.00 0.00 ? 11 TYR A O    1 
ATOM 144 C CB   . TYR A 1 11 ? -19.242 -22.081 13.971  1.00 0.00 ? 11 TYR A CB   1 
ATOM 145 C CG   . TYR A 1 11 ? -19.992 -20.802 13.678  1.00 0.00 ? 11 TYR A CG   1 
ATOM 146 C CD1  . TYR A 1 11 ? -19.567 -19.970 12.636  1.00 0.00 ? 11 TYR A CD1  1 
ATOM 147 C CD2  . TYR A 1 11 ? -21.106 -20.446 14.448  1.00 0.00 ? 11 TYR A CD2  1 
ATOM 148 C CE1  . TYR A 1 11 ? -20.256 -18.781 12.362  1.00 0.00 ? 11 TYR A CE1  1 
ATOM 149 C CE2  . TYR A 1 11 ? -21.795 -19.257 14.174  1.00 0.00 ? 11 TYR A CE2  1 
ATOM 150 C CZ   . TYR A 1 11 ? -21.369 -18.426 13.131  1.00 0.00 ? 11 TYR A CZ   1 
ATOM 151 O OH   . TYR A 1 11 ? -22.048 -17.255 12.863  1.00 0.00 ? 11 TYR A OH   1 
ATOM 152 H H    . TYR A 1 11 ? -18.212 -23.100 16.075  1.00 0.00 ? 11 TYR A H    1 
ATOM 153 H HA   . TYR A 1 11 ? -17.130 -21.896 13.698  1.00 0.00 ? 11 TYR A HA   1 
ATOM 154 H HB2  . TYR A 1 11 ? -19.156 -22.665 13.065  1.00 0.00 ? 11 TYR A HB2  1 
ATOM 155 H HB3  . TYR A 1 11 ? -19.776 -22.650 14.716  1.00 0.00 ? 11 TYR A HB3  1 
ATOM 156 H HD1  . TYR A 1 11 ? -18.706 -20.243 12.042  1.00 0.00 ? 11 TYR A HD1  1 
ATOM 157 H HD2  . TYR A 1 11 ? -21.437 -21.085 15.253  1.00 0.00 ? 11 TYR A HD2  1 
ATOM 158 H HE1  . TYR A 1 11 ? -19.928 -18.140 11.559  1.00 0.00 ? 11 TYR A HE1  1 
ATOM 159 H HE2  . TYR A 1 11 ? -22.655 -18.982 14.767  1.00 0.00 ? 11 TYR A HE2  1 
ATOM 160 H HH   . TYR A 1 11 ? -21.852 -16.630 13.565  1.00 0.00 ? 11 TYR A HH   1 
ATOM 161 N N    . TYR A 1 12 ? -18.175 -20.010 16.163  1.00 0.00 ? 12 TYR A N    1 
ATOM 162 C CA   . TYR A 1 12 ? -18.175 -18.644 16.672  1.00 0.00 ? 12 TYR A CA   1 
ATOM 163 C C    . TYR A 1 12 ? -16.771 -18.050 16.602  1.00 0.00 ? 12 TYR A C    1 
ATOM 164 O O    . TYR A 1 12 ? -16.561 -16.887 16.947  1.00 0.00 ? 12 TYR A O    1 
ATOM 165 C CB   . TYR A 1 12 ? -18.673 -18.618 18.120  1.00 0.00 ? 12 TYR A CB   1 
ATOM 166 C CG   . TYR A 1 12 ? -19.898 -19.497 18.259  1.00 0.00 ? 12 TYR A CG   1 
ATOM 167 C CD1  . TYR A 1 12 ? -21.031 -19.248 17.473  1.00 0.00 ? 12 TYR A CD1  1 
ATOM 168 C CD2  . TYR A 1 12 ? -19.902 -20.560 19.174  1.00 0.00 ? 12 TYR A CD2  1 
ATOM 169 C CE1  . TYR A 1 12 ? -22.165 -20.059 17.600  1.00 0.00 ? 12 TYR A CE1  1 
ATOM 170 C CE2  . TYR A 1 12 ? -21.037 -21.372 19.300  1.00 0.00 ? 12 TYR A CE2  1 
ATOM 171 C CZ   . TYR A 1 12 ? -22.168 -21.120 18.513  1.00 0.00 ? 12 TYR A CZ   1 
ATOM 172 O OH   . TYR A 1 12 ? -23.286 -21.920 18.637  1.00 0.00 ? 12 TYR A OH   1 
ATOM 173 H H    . TYR A 1 12 ? -18.450 -20.744 16.750  1.00 0.00 ? 12 TYR A H    1 
ATOM 174 H HA   . TYR A 1 12 ? -18.834 -18.044 16.064  1.00 0.00 ? 12 TYR A HA   1 
ATOM 175 H HB2  . TYR A 1 12 ? -17.891 -18.978 18.773  1.00 0.00 ? 12 TYR A HB2  1 
ATOM 176 H HB3  . TYR A 1 12 ? -18.927 -17.604 18.394  1.00 0.00 ? 12 TYR A HB3  1 
ATOM 177 H HD1  . TYR A 1 12 ? -21.033 -18.430 16.770  1.00 0.00 ? 12 TYR A HD1  1 
ATOM 178 H HD2  . TYR A 1 12 ? -19.032 -20.756 19.782  1.00 0.00 ? 12 TYR A HD2  1 
ATOM 179 H HE1  . TYR A 1 12 ? -23.037 -19.867 16.995  1.00 0.00 ? 12 TYR A HE1  1 
ATOM 180 H HE2  . TYR A 1 12 ? -21.042 -22.190 20.004  1.00 0.00 ? 12 TYR A HE2  1 
ATOM 181 H HH   . TYR A 1 12 ? -23.293 -22.283 19.526  1.00 0.00 ? 12 TYR A HH   1 
ATOM 182 N N    . ASP A 1 13 ? -15.815 -18.855 16.149  1.00 0.00 ? 13 ASP A N    1 
ATOM 183 C CA   . ASP A 1 13 ? -14.437 -18.397 16.033  1.00 0.00 ? 13 ASP A CA   1 
ATOM 184 C C    . ASP A 1 13 ? -14.263 -17.547 14.777  1.00 0.00 ? 13 ASP A C    1 
ATOM 185 O O    . ASP A 1 13 ? -13.144 -17.206 14.396  1.00 0.00 ? 13 ASP A O    1 
ATOM 186 C CB   . ASP A 1 13 ? -13.490 -19.597 15.974  1.00 0.00 ? 13 ASP A CB   1 
ATOM 187 C CG   . ASP A 1 13 ? -12.042 -19.120 16.005  1.00 0.00 ? 13 ASP A CG   1 
ATOM 188 O OD1  . ASP A 1 13 ? -11.726 -18.306 16.856  1.00 0.00 ? 13 ASP A OD1  1 
ATOM 189 O OD2  . ASP A 1 13 ? -11.270 -19.576 15.177  1.00 0.00 ? 13 ASP A OD2  1 
ATOM 190 H H    . ASP A 1 13 ? -16.041 -19.772 15.886  1.00 0.00 ? 13 ASP A H    1 
ATOM 191 H HA   . ASP A 1 13 ? -14.190 -17.799 16.898  1.00 0.00 ? 13 ASP A HA   1 
ATOM 192 H HB2  . ASP A 1 13 ? -13.674 -20.240 16.822  1.00 0.00 ? 13 ASP A HB2  1 
ATOM 193 H HB3  . ASP A 1 13 ? -13.665 -20.147 15.061  1.00 0.00 ? 13 ASP A HB3  1 
ATOM 194 N N    . TRP A 1 14 ? -15.381 -17.213 14.139  1.00 0.00 ? 14 TRP A N    1 
ATOM 195 C CA   . TRP A 1 14 ? -15.346 -16.406 12.926  1.00 0.00 ? 14 TRP A CA   1 
ATOM 196 C C    . TRP A 1 14 ? -14.987 -14.960 13.251  1.00 0.00 ? 14 TRP A C    1 
ATOM 197 O O    . TRP A 1 14 ? -14.481 -14.233 12.398  1.00 0.00 ? 14 TRP A O    1 
ATOM 198 C CB   . TRP A 1 14 ? -16.707 -16.449 12.231  1.00 0.00 ? 14 TRP A CB   1 
ATOM 199 C CG   . TRP A 1 14 ? -17.615 -15.435 12.850  1.00 0.00 ? 14 TRP A CG   1 
ATOM 200 C CD1  . TRP A 1 14 ? -17.895 -15.346 14.171  1.00 0.00 ? 14 TRP A CD1  1 
ATOM 201 C CD2  . TRP A 1 14 ? -18.367 -14.370 12.199  1.00 0.00 ? 14 TRP A CD2  1 
ATOM 202 N NE1  . TRP A 1 14 ? -18.770 -14.293 14.371  1.00 0.00 ? 14 TRP A NE1  1 
ATOM 203 C CE2  . TRP A 1 14 ? -19.091 -13.661 13.186  1.00 0.00 ? 14 TRP A CE2  1 
ATOM 204 C CE3  . TRP A 1 14 ? -18.490 -13.955 10.861  1.00 0.00 ? 14 TRP A CE3  1 
ATOM 205 C CZ2  . TRP A 1 14 ? -19.908 -12.579 12.858  1.00 0.00 ? 14 TRP A CZ2  1 
ATOM 206 C CZ3  . TRP A 1 14 ? -19.311 -12.866 10.527  1.00 0.00 ? 14 TRP A CZ3  1 
ATOM 207 C CH2  . TRP A 1 14 ? -20.019 -12.179 11.524  1.00 0.00 ? 14 TRP A CH2  1 
ATOM 208 H H    . TRP A 1 14 ? -16.245 -17.516 14.491  1.00 0.00 ? 14 TRP A H    1 
ATOM 209 H HA   . TRP A 1 14 ? -14.601 -16.810 12.257  1.00 0.00 ? 14 TRP A HA   1 
ATOM 210 H HB2  . TRP A 1 14 ? -16.583 -16.228 11.181  1.00 0.00 ? 14 TRP A HB2  1 
ATOM 211 H HB3  . TRP A 1 14 ? -17.137 -17.433 12.343  1.00 0.00 ? 14 TRP A HB3  1 
ATOM 212 H HD1  . TRP A 1 14 ? -17.500 -15.990 14.941  1.00 0.00 ? 14 TRP A HD1  1 
ATOM 213 H HE1  . TRP A 1 14 ? -19.130 -14.015 15.239  1.00 0.00 ? 14 TRP A HE1  1 
ATOM 214 H HE3  . TRP A 1 14 ? -17.948 -14.476 10.086  1.00 0.00 ? 14 TRP A HE3  1 
ATOM 215 H HZ2  . TRP A 1 14 ? -20.452 -12.053 13.630  1.00 0.00 ? 14 TRP A HZ2  1 
ATOM 216 H HZ3  . TRP A 1 14 ? -19.397 -12.555 9.496   1.00 0.00 ? 14 TRP A HZ3  1 
ATOM 217 H HH2  . TRP A 1 14 ? -20.649 -11.343 11.260  1.00 0.00 ? 14 TRP A HH2  1 
ATOM 218 N N    . GLU A 1 15 ? -15.252 -14.551 14.489  1.00 0.00 ? 15 GLU A N    1 
ATOM 219 C CA   . GLU A 1 15 ? -14.954 -13.187 14.917  1.00 0.00 ? 15 GLU A CA   1 
ATOM 220 C C    . GLU A 1 15 ? -13.611 -12.729 14.358  1.00 0.00 ? 15 GLU A C    1 
ATOM 221 O O    . GLU A 1 15 ? -13.362 -11.532 14.216  1.00 0.00 ? 15 GLU A O    1 
ATOM 222 C CB   . GLU A 1 15 ? -14.922 -13.108 16.445  1.00 0.00 ? 15 GLU A CB   1 
ATOM 223 C CG   . GLU A 1 15 ? -15.509 -14.389 17.041  1.00 0.00 ? 15 GLU A CG   1 
ATOM 224 C CD   . GLU A 1 15 ? -15.578 -14.271 18.560  1.00 0.00 ? 15 GLU A CD   1 
ATOM 225 O OE1  . GLU A 1 15 ? -16.039 -13.245 19.035  1.00 0.00 ? 15 GLU A OE1  1 
ATOM 226 O OE2  . GLU A 1 15 ? -15.171 -15.208 19.227  1.00 0.00 ? 15 GLU A OE2  1 
ATOM 227 H H    . GLU A 1 15 ? -15.658 -15.176 15.125  1.00 0.00 ? 15 GLU A H    1 
ATOM 228 H HA   . GLU A 1 15 ? -15.728 -12.528 14.551  1.00 0.00 ? 15 GLU A HA   1 
ATOM 229 H HB2  . GLU A 1 15 ? -13.900 -12.992 16.777  1.00 0.00 ? 15 GLU A HB2  1 
ATOM 230 H HB3  . GLU A 1 15 ? -15.503 -12.261 16.774  1.00 0.00 ? 15 GLU A HB3  1 
ATOM 231 H HG2  . GLU A 1 15 ? -16.503 -14.544 16.647  1.00 0.00 ? 15 GLU A HG2  1 
ATOM 232 H HG3  . GLU A 1 15 ? -14.883 -15.227 16.777  1.00 0.00 ? 15 GLU A HG3  1 
ATOM 233 N N    . SER A 1 16 ? -12.749 -13.690 14.044  1.00 0.00 ? 16 SER A N    1 
ATOM 234 C CA   . SER A 1 16 ? -11.433 -13.376 13.501  1.00 0.00 ? 16 SER A CA   1 
ATOM 235 C C    . SER A 1 16 ? -11.563 -12.667 12.158  1.00 0.00 ? 16 SER A C    1 
ATOM 236 O O    . SER A 1 16 ? -10.805 -11.744 11.857  1.00 0.00 ? 16 SER A O    1 
ATOM 237 C CB   . SER A 1 16 ? -10.619 -14.659 13.331  1.00 0.00 ? 16 SER A CB   1 
ATOM 238 O OG   . SER A 1 16 ? -10.584 -15.359 14.566  1.00 0.00 ? 16 SER A OG   1 
ATOM 239 H H    . SER A 1 16 ? -13.003 -14.627 14.179  1.00 0.00 ? 16 SER A H    1 
ATOM 240 H HA   . SER A 1 16 ? -10.916 -12.726 14.191  1.00 0.00 ? 16 SER A HA   1 
ATOM 241 H HB2  . SER A 1 16 ? -11.078 -15.282 12.582  1.00 0.00 ? 16 SER A HB2  1 
ATOM 242 H HB3  . SER A 1 16 ? -9.614  -14.407 13.019  1.00 0.00 ? 16 SER A HB3  1 
ATOM 243 H HG   . SER A 1 16 ? -9.667  -15.551 14.773  1.00 0.00 ? 16 SER A HG   1 
ATOM 244 N N    . LEU A 1 17 ? -12.532 -13.096 11.357  1.00 0.00 ? 17 LEU A N    1 
ATOM 245 C CA   . LEU A 1 17 ? -12.756 -12.484 10.052  1.00 0.00 ? 17 LEU A CA   1 
ATOM 246 C C    . LEU A 1 17 ? -12.971 -10.983 10.227  1.00 0.00 ? 17 LEU A C    1 
ATOM 247 O O    . LEU A 1 17 ? -12.825 -10.205 9.284   1.00 0.00 ? 17 LEU A O    1 
ATOM 248 C CB   . LEU A 1 17 ? -13.956 -13.183 9.362   1.00 0.00 ? 17 LEU A CB   1 
ATOM 249 C CG   . LEU A 1 17 ? -14.974 -12.188 8.767   1.00 0.00 ? 17 LEU A CG   1 
ATOM 250 C CD1  . LEU A 1 17 ? -15.956 -12.963 7.885   1.00 0.00 ? 17 LEU A CD1  1 
ATOM 251 C CD2  . LEU A 1 17 ? -15.767 -11.493 9.885   1.00 0.00 ? 17 LEU A CD2  1 
ATOM 252 H H    . LEU A 1 17 ? -13.111 -13.830 11.650  1.00 0.00 ? 17 LEU A H    1 
ATOM 253 H HA   . LEU A 1 17 ? -11.874 -12.635 9.446   1.00 0.00 ? 17 LEU A HA   1 
ATOM 254 H HB2  . LEU A 1 17 ? -13.579 -13.804 8.564   1.00 0.00 ? 17 LEU A HB2  1 
ATOM 255 H HB3  . LEU A 1 17 ? -14.457 -13.813 10.081  1.00 0.00 ? 17 LEU A HB3  1 
ATOM 256 H HG   . LEU A 1 17 ? -14.466 -11.454 8.158   1.00 0.00 ? 17 LEU A HG   1 
ATOM 257 H HD11 . LEU A 1 17 ? -15.554 -13.050 6.887   1.00 0.00 ? 17 LEU A HD11 1 
ATOM 258 H HD12 . LEU A 1 17 ? -16.899 -12.438 7.848   1.00 0.00 ? 17 LEU A HD12 1 
ATOM 259 H HD13 . LEU A 1 17 ? -16.111 -13.949 8.298   1.00 0.00 ? 17 LEU A HD13 1 
ATOM 260 H HD21 . LEU A 1 17 ? -15.651 -10.423 9.793   1.00 0.00 ? 17 LEU A HD21 1 
ATOM 261 H HD22 . LEU A 1 17 ? -15.396 -11.811 10.848  1.00 0.00 ? 17 LEU A HD22 1 
ATOM 262 H HD23 . LEU A 1 17 ? -16.811 -11.750 9.800   1.00 0.00 ? 17 LEU A HD23 1 
ATOM 263 N N    . GLN A 1 18 ? -13.308 -10.585 11.450  1.00 0.00 ? 18 GLN A N    1 
ATOM 264 C CA   . GLN A 1 18 ? -13.535 -9.177  11.751  1.00 0.00 ? 18 GLN A CA   1 
ATOM 265 C C    . GLN A 1 18 ? -12.232 -8.492  12.151  1.00 0.00 ? 18 GLN A C    1 
ATOM 266 O O    . GLN A 1 18 ? -11.690 -7.683  11.397  1.00 0.00 ? 18 GLN A O    1 
ATOM 267 C CB   . GLN A 1 18 ? -14.550 -9.047  12.884  1.00 0.00 ? 18 GLN A CB   1 
ATOM 268 C CG   . GLN A 1 18 ? -15.078 -7.614  12.934  1.00 0.00 ? 18 GLN A CG   1 
ATOM 269 C CD   . GLN A 1 18 ? -16.118 -7.480  14.039  1.00 0.00 ? 18 GLN A CD   1 
ATOM 270 O OE1  . GLN A 1 18 ? -15.800 -7.032  15.140  1.00 0.00 ? 18 GLN A OE1  1 
ATOM 271 N NE2  . GLN A 1 18 ? -17.350 -7.847  13.813  1.00 0.00 ? 18 GLN A NE2  1 
ATOM 272 H H    . GLN A 1 18 ? -13.399 -11.249 12.163  1.00 0.00 ? 18 GLN A H    1 
ATOM 273 H HA   . GLN A 1 18 ? -13.932 -8.689  10.873  1.00 0.00 ? 18 GLN A HA   1 
ATOM 274 H HB2  . GLN A 1 18 ? -15.370 -9.729  12.712  1.00 0.00 ? 18 GLN A HB2  1 
ATOM 275 H HB3  . GLN A 1 18 ? -14.075 -9.286  13.824  1.00 0.00 ? 18 GLN A HB3  1 
ATOM 276 H HG2  . GLN A 1 18 ? -14.259 -6.937  13.126  1.00 0.00 ? 18 GLN A HG2  1 
ATOM 277 H HG3  . GLN A 1 18 ? -15.532 -7.367  11.985  1.00 0.00 ? 18 GLN A HG3  1 
ATOM 278 H HE21 . GLN A 1 18 ? -17.601 -8.205  12.935  1.00 0.00 ? 18 GLN A HE21 1 
ATOM 279 H HE22 . GLN A 1 18 ? -18.023 -7.765  14.519  1.00 0.00 ? 18 GLN A HE22 1 
ATOM 280 N N    . LEU A 1 19 ? -11.727 -8.823  13.335  1.00 0.00 ? 19 LEU A N    1 
ATOM 281 C CA   . LEU A 1 19 ? -10.481 -8.232  13.809  1.00 0.00 ? 19 LEU A CA   1 
ATOM 282 C C    . LEU A 1 19 ? -9.397  -8.392  12.752  1.00 0.00 ? 19 LEU A C    1 
ATOM 283 O O    . LEU A 1 19 ? -8.626  -7.469  12.492  1.00 0.00 ? 19 LEU A O    1 
ATOM 284 C CB   . LEU A 1 19 ? -10.039 -8.908  15.109  1.00 0.00 ? 19 LEU A CB   1 
ATOM 285 C CG   . LEU A 1 19 ? -11.046 -8.593  16.217  1.00 0.00 ? 19 LEU A CG   1 
ATOM 286 C CD1  . LEU A 1 19 ? -11.245 -9.830  17.093  1.00 0.00 ? 19 LEU A CD1  1 
ATOM 287 C CD2  . LEU A 1 19 ? -10.514 -7.443  17.077  1.00 0.00 ? 19 LEU A CD2  1 
ATOM 288 H H    . LEU A 1 19 ? -12.192 -9.480  13.896  1.00 0.00 ? 19 LEU A H    1 
ATOM 289 H HA   . LEU A 1 19 ? -10.639 -7.180  13.997  1.00 0.00 ? 19 LEU A HA   1 
ATOM 290 H HB2  . LEU A 1 19 ? -9.990  -9.977  14.960  1.00 0.00 ? 19 LEU A HB2  1 
ATOM 291 H HB3  . LEU A 1 19 ? -9.066  -8.538  15.394  1.00 0.00 ? 19 LEU A HB3  1 
ATOM 292 H HG   . LEU A 1 19 ? -11.990 -8.308  15.776  1.00 0.00 ? 19 LEU A HG   1 
ATOM 293 H HD11 . LEU A 1 19 ? -10.292 -10.145 17.492  1.00 0.00 ? 19 LEU A HD11 1 
ATOM 294 H HD12 . LEU A 1 19 ? -11.668 -10.626 16.500  1.00 0.00 ? 19 LEU A HD12 1 
ATOM 295 H HD13 . LEU A 1 19 ? -11.915 -9.592  17.906  1.00 0.00 ? 19 LEU A HD13 1 
ATOM 296 H HD21 . LEU A 1 19 ? -10.194 -6.634  16.439  1.00 0.00 ? 19 LEU A HD21 1 
ATOM 297 H HD22 . LEU A 1 19 ? -9.678  -7.792  17.665  1.00 0.00 ? 19 LEU A HD22 1 
ATOM 298 H HD23 . LEU A 1 19 ? -11.298 -7.096  17.735  1.00 0.00 ? 19 LEU A HD23 1 
ATOM 299 N N    . GLY A 1 20 ? -9.358  -9.569  12.135  1.00 0.00 ? 20 GLY A N    1 
ATOM 300 C CA   . GLY A 1 20 ? -8.375  -9.842  11.093  1.00 0.00 ? 20 GLY A CA   1 
ATOM 301 C C    . GLY A 1 20 ? -8.758  -9.122  9.807   1.00 0.00 ? 20 GLY A C    1 
ATOM 302 O O    . GLY A 1 20 ? -7.896  -8.756  9.006   1.00 0.00 ? 20 GLY A O    1 
ATOM 303 H H    . GLY A 1 20 ? -10.005 -10.263 12.379  1.00 0.00 ? 20 GLY A H    1 
ATOM 304 H HA2  . GLY A 1 20 ? -7.403  -9.501  11.421  1.00 0.00 ? 20 GLY A HA2  1 
ATOM 305 H HA3  . GLY A 1 20 ? -8.339  -10.904 10.907  1.00 0.00 ? 20 GLY A HA3  1 
ATOM 306 N N    . GLY A 1 21 ? -10.059 -8.915  9.620   1.00 0.00 ? 21 GLY A N    1 
ATOM 307 C CA   . GLY A 1 21 ? -10.549 -8.227  8.432   1.00 0.00 ? 21 GLY A CA   1 
ATOM 308 C C    . GLY A 1 21 ? -9.895  -6.857  8.305   1.00 0.00 ? 21 GLY A C    1 
ATOM 309 O O    . GLY A 1 21 ? -9.476  -6.454  7.221   1.00 0.00 ? 21 GLY A O    1 
ATOM 310 H H    . GLY A 1 21 ? -10.699 -9.223  10.296  1.00 0.00 ? 21 GLY A H    1 
ATOM 311 H HA2  . GLY A 1 21 ? -10.317 -8.817  7.557   1.00 0.00 ? 21 GLY A HA2  1 
ATOM 312 H HA3  . GLY A 1 21 ? -11.618 -8.103  8.507   1.00 0.00 ? 21 GLY A HA3  1 
ATOM 313 N N    . LEU A 1 22 ? -9.803  -6.149  9.428   1.00 0.00 ? 22 LEU A N    1 
ATOM 314 C CA   . LEU A 1 22 ? -9.189  -4.829  9.435   1.00 0.00 ? 22 LEU A CA   1 
ATOM 315 C C    . LEU A 1 22 ? -7.723  -4.934  9.031   1.00 0.00 ? 22 LEU A C    1 
ATOM 316 O O    . LEU A 1 22 ? -7.213  -4.100  8.282   1.00 0.00 ? 22 LEU A O    1 
ATOM 317 C CB   . LEU A 1 22 ? -9.300  -4.207  10.827  1.00 0.00 ? 22 LEU A CB   1 
ATOM 318 C CG   . LEU A 1 22 ? -10.735 -3.728  11.056  1.00 0.00 ? 22 LEU A CG   1 
ATOM 319 C CD1  . LEU A 1 22 ? -11.133 -3.977  12.511  1.00 0.00 ? 22 LEU A CD1  1 
ATOM 320 C CD2  . LEU A 1 22 ? -10.826 -2.231  10.751  1.00 0.00 ? 22 LEU A CD2  1 
ATOM 321 H H    . LEU A 1 22 ? -10.149 -6.526  10.264  1.00 0.00 ? 22 LEU A H    1 
ATOM 322 H HA   . LEU A 1 22 ? -9.704  -4.197  8.727   1.00 0.00 ? 22 LEU A HA   1 
ATOM 323 H HB2  . LEU A 1 22 ? -9.042  -4.945  11.574  1.00 0.00 ? 22 LEU A HB2  1 
ATOM 324 H HB3  . LEU A 1 22 ? -8.626  -3.367  10.903  1.00 0.00 ? 22 LEU A HB3  1 
ATOM 325 H HG   . LEU A 1 22 ? -11.403 -4.272  10.404  1.00 0.00 ? 22 LEU A HG   1 
ATOM 326 H HD11 . LEU A 1 22 ? -12.137 -3.613  12.677  1.00 0.00 ? 22 LEU A HD11 1 
ATOM 327 H HD12 . LEU A 1 22 ? -10.449 -3.457  13.166  1.00 0.00 ? 22 LEU A HD12 1 
ATOM 328 H HD13 . LEU A 1 22 ? -11.096 -5.036  12.719  1.00 0.00 ? 22 LEU A HD13 1 
ATOM 329 H HD21 . LEU A 1 22 ? -11.863 -1.937  10.702  1.00 0.00 ? 22 LEU A HD21 1 
ATOM 330 H HD22 . LEU A 1 22 ? -10.348 -2.028  9.804   1.00 0.00 ? 22 LEU A HD22 1 
ATOM 331 H HD23 . LEU A 1 22 ? -10.329 -1.674  11.532  1.00 0.00 ? 22 LEU A HD23 1 
ATOM 332 N N    . ILE A 1 23 ? -7.055  -5.975  9.520   1.00 0.00 ? 23 ILE A N    1 
ATOM 333 C CA   . ILE A 1 23 ? -5.653  -6.192  9.191   1.00 0.00 ? 23 ILE A CA   1 
ATOM 334 C C    . ILE A 1 23 ? -5.530  -6.638  7.739   1.00 0.00 ? 23 ILE A C    1 
ATOM 335 O O    . ILE A 1 23 ? -4.581  -6.274  7.044   1.00 0.00 ? 23 ILE A O    1 
ATOM 336 C CB   . ILE A 1 23 ? -5.052  -7.254  10.120  1.00 0.00 ? 23 ILE A CB   1 
ATOM 337 C CG1  . ILE A 1 23 ? -4.574  -6.585  11.411  1.00 0.00 ? 23 ILE A CG1  1 
ATOM 338 C CG2  . ILE A 1 23 ? -3.863  -7.936  9.436   1.00 0.00 ? 23 ILE A CG2  1 
ATOM 339 C CD1  . ILE A 1 23 ? -5.714  -5.767  12.017  1.00 0.00 ? 23 ILE A CD1  1 
ATOM 340 H H    . ILE A 1 23 ? -7.516  -6.613  10.103  1.00 0.00 ? 23 ILE A H    1 
ATOM 341 H HA   . ILE A 1 23 ? -5.112  -5.266  9.320   1.00 0.00 ? 23 ILE A HA   1 
ATOM 342 H HB   . ILE A 1 23 ? -5.804  -7.993  10.353  1.00 0.00 ? 23 ILE A HB   1 
ATOM 343 H HG12 . ILE A 1 23 ? -4.261  -7.345  12.113  1.00 0.00 ? 23 ILE A HG12 1 
ATOM 344 H HG13 . ILE A 1 23 ? -3.742  -5.933  11.191  1.00 0.00 ? 23 ILE A HG13 1 
ATOM 345 H HG21 . ILE A 1 23 ? -3.254  -8.426  10.180  1.00 0.00 ? 23 ILE A HG21 1 
ATOM 346 H HG22 . ILE A 1 23 ? -3.270  -7.197  8.918   1.00 0.00 ? 23 ILE A HG22 1 
ATOM 347 H HG23 . ILE A 1 23 ? -4.223  -8.669  8.729   1.00 0.00 ? 23 ILE A HG23 1 
ATOM 348 H HD11 . ILE A 1 23 ? -5.766  -4.804  11.530  1.00 0.00 ? 23 ILE A HD11 1 
ATOM 349 H HD12 . ILE A 1 23 ? -5.535  -5.626  13.073  1.00 0.00 ? 23 ILE A HD12 1 
ATOM 350 H HD13 . ILE A 1 23 ? -6.648  -6.291  11.878  1.00 0.00 ? 23 ILE A HD13 1 
ATOM 351 N N    . PHE A 1 24 ? -6.504  -7.420  7.283   1.00 0.00 ? 24 PHE A N    1 
ATOM 352 C CA   . PHE A 1 24 ? -6.500  -7.898  5.907   1.00 0.00 ? 24 PHE A CA   1 
ATOM 353 C C    . PHE A 1 24 ? -6.207  -6.740  4.963   1.00 0.00 ? 24 PHE A C    1 
ATOM 354 O O    . PHE A 1 24 ? -5.355  -6.843  4.079   1.00 0.00 ? 24 PHE A O    1 
ATOM 355 C CB   . PHE A 1 24 ? -7.855  -8.517  5.559   1.00 0.00 ? 24 PHE A CB   1 
ATOM 356 C CG   . PHE A 1 24 ? -7.729  -9.328  4.292   1.00 0.00 ? 24 PHE A CG   1 
ATOM 357 C CD1  . PHE A 1 24 ? -7.060  -10.557 4.312   1.00 0.00 ? 24 PHE A CD1  1 
ATOM 358 C CD2  . PHE A 1 24 ? -8.278  -8.850  3.095   1.00 0.00 ? 24 PHE A CD2  1 
ATOM 359 C CE1  . PHE A 1 24 ? -6.941  -11.310 3.137   1.00 0.00 ? 24 PHE A CE1  1 
ATOM 360 C CE2  . PHE A 1 24 ? -8.160  -9.603  1.921   1.00 0.00 ? 24 PHE A CE2  1 
ATOM 361 C CZ   . PHE A 1 24 ? -7.491  -10.832 1.942   1.00 0.00 ? 24 PHE A CZ   1 
ATOM 362 H H    . PHE A 1 24 ? -7.240  -7.672  7.879   1.00 0.00 ? 24 PHE A H    1 
ATOM 363 H HA   . PHE A 1 24 ? -5.731  -8.648  5.797   1.00 0.00 ? 24 PHE A HA   1 
ATOM 364 H HB2  . PHE A 1 24 ? -8.175  -9.158  6.368   1.00 0.00 ? 24 PHE A HB2  1 
ATOM 365 H HB3  . PHE A 1 24 ? -8.582  -7.732  5.412   1.00 0.00 ? 24 PHE A HB3  1 
ATOM 366 H HD1  . PHE A 1 24 ? -6.635  -10.926 5.234   1.00 0.00 ? 24 PHE A HD1  1 
ATOM 367 H HD2  . PHE A 1 24 ? -8.795  -7.901  3.080   1.00 0.00 ? 24 PHE A HD2  1 
ATOM 368 H HE1  . PHE A 1 24 ? -6.425  -12.258 3.153   1.00 0.00 ? 24 PHE A HE1  1 
ATOM 369 H HE2  . PHE A 1 24 ? -8.584  -9.234  0.998   1.00 0.00 ? 24 PHE A HE2  1 
ATOM 370 H HZ   . PHE A 1 24 ? -7.399  -11.413 1.035   1.00 0.00 ? 24 PHE A HZ   1 
ATOM 371 N N    . GLY A 1 25 ? -6.912  -5.632  5.166   1.00 0.00 ? 25 GLY A N    1 
ATOM 372 C CA   . GLY A 1 25 ? -6.712  -4.451  4.338   1.00 0.00 ? 25 GLY A CA   1 
ATOM 373 C C    . GLY A 1 25 ? -5.290  -3.931  4.501   1.00 0.00 ? 25 GLY A C    1 
ATOM 374 O O    . GLY A 1 25 ? -4.618  -3.608  3.521   1.00 0.00 ? 25 GLY A O    1 
ATOM 375 H H    . GLY A 1 25 ? -7.569  -5.605  5.892   1.00 0.00 ? 25 GLY A H    1 
ATOM 376 H HA2  . GLY A 1 25 ? -6.885  -4.707  3.302   1.00 0.00 ? 25 GLY A HA2  1 
ATOM 377 H HA3  . GLY A 1 25 ? -7.406  -3.681  4.638   1.00 0.00 ? 25 GLY A HA3  1 
ATOM 378 N N    . GLY A 1 26 ? -4.836  -3.863  5.748   1.00 0.00 ? 26 GLY A N    1 
ATOM 379 C CA   . GLY A 1 26 ? -3.487  -3.393  6.033   1.00 0.00 ? 26 GLY A CA   1 
ATOM 380 C C    . GLY A 1 26 ? -2.457  -4.326  5.412   1.00 0.00 ? 26 GLY A C    1 
ATOM 381 O O    . GLY A 1 26 ? -1.401  -3.888  4.954   1.00 0.00 ? 26 GLY A O    1 
ATOM 382 H H    . GLY A 1 26 ? -5.414  -4.141  6.487   1.00 0.00 ? 26 GLY A H    1 
ATOM 383 H HA2  . GLY A 1 26 ? -3.362  -2.399  5.627   1.00 0.00 ? 26 GLY A HA2  1 
ATOM 384 H HA3  . GLY A 1 26 ? -3.337  -3.363  7.102   1.00 0.00 ? 26 GLY A HA3  1 
ATOM 385 N N    . LEU A 1 27 ? -2.779  -5.617  5.387   1.00 0.00 ? 27 LEU A N    1 
ATOM 386 C CA   . LEU A 1 27 ? -1.879  -6.603  4.803   1.00 0.00 ? 27 LEU A CA   1 
ATOM 387 C C    . LEU A 1 27 ? -1.863  -6.447  3.289   1.00 0.00 ? 27 LEU A C    1 
ATOM 388 O O    . LEU A 1 27 ? -0.801  -6.358  2.674   1.00 0.00 ? 27 LEU A O    1 
ATOM 389 C CB   . LEU A 1 27 ? -2.334  -8.018  5.175   1.00 0.00 ? 27 LEU A CB   1 
ATOM 390 C CG   . LEU A 1 27 ? -1.278  -9.042  4.730   1.00 0.00 ? 27 LEU A CG   1 
ATOM 391 C CD1  . LEU A 1 27 ? 0.024   -8.859  5.524   1.00 0.00 ? 27 LEU A CD1  1 
ATOM 392 C CD2  . LEU A 1 27 ? -1.815  -10.455 4.966   1.00 0.00 ? 27 LEU A CD2  1 
ATOM 393 H H    . LEU A 1 27 ? -3.640  -5.905  5.755   1.00 0.00 ? 27 LEU A H    1 
ATOM 394 H HA   . LEU A 1 27 ? -0.885  -6.437  5.185   1.00 0.00 ? 27 LEU A HA   1 
ATOM 395 H HB2  . LEU A 1 27 ? -2.482  -8.083  6.243   1.00 0.00 ? 27 LEU A HB2  1 
ATOM 396 H HB3  . LEU A 1 27 ? -3.267  -8.234  4.675   1.00 0.00 ? 27 LEU A HB3  1 
ATOM 397 H HG   . LEU A 1 27 ? -1.074  -8.909  3.678   1.00 0.00 ? 27 LEU A HG   1 
ATOM 398 H HD11 . LEU A 1 27 ? -0.193  -8.457  6.501   1.00 0.00 ? 27 LEU A HD11 1 
ATOM 399 H HD12 . LEU A 1 27 ? 0.676   -8.180  4.993   1.00 0.00 ? 27 LEU A HD12 1 
ATOM 400 H HD13 . LEU A 1 27 ? 0.516   -9.814  5.630   1.00 0.00 ? 27 LEU A HD13 1 
ATOM 401 H HD21 . LEU A 1 27 ? -1.131  -11.000 5.599   1.00 0.00 ? 27 LEU A HD21 1 
ATOM 402 H HD22 . LEU A 1 27 ? -1.913  -10.965 4.018   1.00 0.00 ? 27 LEU A HD22 1 
ATOM 403 H HD23 . LEU A 1 27 ? -2.781  -10.398 5.445   1.00 0.00 ? 27 LEU A HD23 1 
ATOM 404 N N    . LEU A 1 28 ? -3.053  -6.394  2.694   1.00 0.00 ? 28 LEU A N    1 
ATOM 405 C CA   . LEU A 1 28 ? -3.163  -6.223  1.253   1.00 0.00 ? 28 LEU A CA   1 
ATOM 406 C C    . LEU A 1 28 ? -2.277  -5.059  0.825   1.00 0.00 ? 28 LEU A C    1 
ATOM 407 O O    . LEU A 1 28 ? -1.521  -5.159  -0.142  1.00 0.00 ? 28 LEU A O    1 
ATOM 408 C CB   . LEU A 1 28 ? -4.646  -5.994  0.878   1.00 0.00 ? 28 LEU A CB   1 
ATOM 409 C CG   . LEU A 1 28 ? -4.821  -4.929  -0.224  1.00 0.00 ? 28 LEU A CG   1 
ATOM 410 C CD1  . LEU A 1 28 ? -3.998  -5.292  -1.466  1.00 0.00 ? 28 LEU A CD1  1 
ATOM 411 C CD2  . LEU A 1 28 ? -6.301  -4.869  -0.617  1.00 0.00 ? 28 LEU A CD2  1 
ATOM 412 H H    . LEU A 1 28 ? -3.866  -6.455  3.237   1.00 0.00 ? 28 LEU A H    1 
ATOM 413 H HA   . LEU A 1 28 ? -2.813  -7.124  0.768   1.00 0.00 ? 28 LEU A HA   1 
ATOM 414 H HB2  . LEU A 1 28 ? -5.064  -6.926  0.530   1.00 0.00 ? 28 LEU A HB2  1 
ATOM 415 H HB3  . LEU A 1 28 ? -5.183  -5.678  1.761   1.00 0.00 ? 28 LEU A HB3  1 
ATOM 416 H HG   . LEU A 1 28 ? -4.520  -3.958  0.146   1.00 0.00 ? 28 LEU A HG   1 
ATOM 417 H HD11 . LEU A 1 28 ? -3.239  -4.542  -1.627  1.00 0.00 ? 28 LEU A HD11 1 
ATOM 418 H HD12 . LEU A 1 28 ? -4.650  -5.332  -2.327  1.00 0.00 ? 28 LEU A HD12 1 
ATOM 419 H HD13 . LEU A 1 28 ? -3.531  -6.254  -1.327  1.00 0.00 ? 28 LEU A HD13 1 
ATOM 420 H HD21 . LEU A 1 28 ? -6.873  -5.517  0.030   1.00 0.00 ? 28 LEU A HD21 1 
ATOM 421 H HD22 . LEU A 1 28 ? -6.415  -5.192  -1.642  1.00 0.00 ? 28 LEU A HD22 1 
ATOM 422 H HD23 . LEU A 1 28 ? -6.659  -3.854  -0.517  1.00 0.00 ? 28 LEU A HD23 1 
ATOM 423 N N    . CYS A 1 29 ? -2.362  -3.963  1.572   1.00 0.00 ? 29 CYS A N    1 
ATOM 424 C CA   . CYS A 1 29 ? -1.551  -2.789  1.281   1.00 0.00 ? 29 CYS A CA   1 
ATOM 425 C C    . CYS A 1 29 ? -0.075  -3.170  1.272   1.00 0.00 ? 29 CYS A C    1 
ATOM 426 O O    . CYS A 1 29 ? 0.630   -2.939  0.290   1.00 0.00 ? 29 CYS A O    1 
ATOM 427 C CB   . CYS A 1 29 ? -1.797  -1.706  2.333   1.00 0.00 ? 29 CYS A CB   1 
ATOM 428 S SG   . CYS A 1 29 ? -2.816  -0.390  1.620   1.00 0.00 ? 29 CYS A SG   1 
ATOM 429 H H    . CYS A 1 29 ? -2.969  -3.949  2.341   1.00 0.00 ? 29 CYS A H    1 
ATOM 430 H HA   . CYS A 1 29 ? -1.822  -2.403  0.309   1.00 0.00 ? 29 CYS A HA   1 
ATOM 431 H HB2  . CYS A 1 29 ? -2.309  -2.138  3.181   1.00 0.00 ? 29 CYS A HB2  1 
ATOM 432 H HB3  . CYS A 1 29 ? -0.852  -1.295  2.656   1.00 0.00 ? 29 CYS A HB3  1 
ATOM 433 H HG   . CYS A 1 29 ? -3.308  0.023   2.333   1.00 0.00 ? 29 CYS A HG   1 
ATOM 434 N N    . ILE A 1 30 ? 0.381   -3.769  2.369   1.00 0.00 ? 30 ILE A N    1 
ATOM 435 C CA   . ILE A 1 30 ? 1.771   -4.194  2.469   1.00 0.00 ? 30 ILE A CA   1 
ATOM 436 C C    . ILE A 1 30 ? 2.150   -4.988  1.226   1.00 0.00 ? 30 ILE A C    1 
ATOM 437 O O    . ILE A 1 30 ? 3.309   -5.000  0.808   1.00 0.00 ? 30 ILE A O    1 
ATOM 438 C CB   . ILE A 1 30 ? 1.968   -5.051  3.725   1.00 0.00 ? 30 ILE A CB   1 
ATOM 439 C CG1  . ILE A 1 30 ? 2.238   -4.136  4.928   1.00 0.00 ? 30 ILE A CG1  1 
ATOM 440 C CG2  . ILE A 1 30 ? 3.144   -6.015  3.529   1.00 0.00 ? 30 ILE A CG2  1 
ATOM 441 C CD1  . ILE A 1 30 ? 3.738   -3.841  5.043   1.00 0.00 ? 30 ILE A CD1  1 
ATOM 442 H H    . ILE A 1 30 ? -0.229  -3.937  3.117   1.00 0.00 ? 30 ILE A H    1 
ATOM 443 H HA   . ILE A 1 30 ? 2.402   -3.320  2.535   1.00 0.00 ? 30 ILE A HA   1 
ATOM 444 H HB   . ILE A 1 30 ? 1.070   -5.624  3.907   1.00 0.00 ? 30 ILE A HB   1 
ATOM 445 H HG12 . ILE A 1 30 ? 1.699   -3.209  4.799   1.00 0.00 ? 30 ILE A HG12 1 
ATOM 446 H HG13 . ILE A 1 30 ? 1.901   -4.623  5.831   1.00 0.00 ? 30 ILE A HG13 1 
ATOM 447 H HG21 . ILE A 1 30 ? 3.958   -5.500  3.038   1.00 0.00 ? 30 ILE A HG21 1 
ATOM 448 H HG22 . ILE A 1 30 ? 2.829   -6.850  2.922   1.00 0.00 ? 30 ILE A HG22 1 
ATOM 449 H HG23 . ILE A 1 30 ? 3.477   -6.378  4.491   1.00 0.00 ? 30 ILE A HG23 1 
ATOM 450 H HD11 . ILE A 1 30 ? 4.237   -4.685  5.496   1.00 0.00 ? 30 ILE A HD11 1 
ATOM 451 H HD12 . ILE A 1 30 ? 3.885   -2.965  5.658   1.00 0.00 ? 30 ILE A HD12 1 
ATOM 452 H HD13 . ILE A 1 30 ? 4.149   -3.663  4.061   1.00 0.00 ? 30 ILE A HD13 1 
ATOM 453 N N    . ALA A 1 31 ? 1.155   -5.641  0.633   1.00 0.00 ? 31 ALA A N    1 
ATOM 454 C CA   . ALA A 1 31 ? 1.379   -6.428  -0.572  1.00 0.00 ? 31 ALA A CA   1 
ATOM 455 C C    . ALA A 1 31 ? 1.410   -5.512  -1.790  1.00 0.00 ? 31 ALA A C    1 
ATOM 456 O O    . ALA A 1 31 ? 2.087   -5.795  -2.779  1.00 0.00 ? 31 ALA A O    1 
ATOM 457 C CB   . ALA A 1 31 ? 0.268   -7.465  -0.736  1.00 0.00 ? 31 ALA A CB   1 
ATOM 458 H H    . ALA A 1 31 ? 0.253   -5.586  1.009   1.00 0.00 ? 31 ALA A H    1 
ATOM 459 H HA   . ALA A 1 31 ? 2.327   -6.938  -0.491  1.00 0.00 ? 31 ALA A HA   1 
ATOM 460 H HB1  . ALA A 1 31 ? 0.703   -8.431  -0.947  1.00 0.00 ? 31 ALA A HB1  1 
ATOM 461 H HB2  . ALA A 1 31 ? -0.377  -7.176  -1.552  1.00 0.00 ? 31 ALA A HB2  1 
ATOM 462 H HB3  . ALA A 1 31 ? -0.309  -7.522  0.175   1.00 0.00 ? 31 ALA A HB3  1 
ATOM 463 N N    . GLY A 1 32 ? 0.677   -4.407  -1.703  1.00 0.00 ? 32 GLY A N    1 
ATOM 464 C CA   . GLY A 1 32 ? 0.629   -3.444  -2.796  1.00 0.00 ? 32 GLY A CA   1 
ATOM 465 C C    . GLY A 1 32 ? 1.983   -2.768  -2.965  1.00 0.00 ? 32 GLY A C    1 
ATOM 466 O O    . GLY A 1 32 ? 2.552   -2.757  -4.056  1.00 0.00 ? 32 GLY A O    1 
ATOM 467 H H    . GLY A 1 32 ? 0.163   -4.233  -0.886  1.00 0.00 ? 32 GLY A H    1 
ATOM 468 H HA2  . GLY A 1 32 ? 0.367   -3.955  -3.711  1.00 0.00 ? 32 GLY A HA2  1 
ATOM 469 H HA3  . GLY A 1 32 ? -0.116  -2.694  -2.579  1.00 0.00 ? 32 GLY A HA3  1 
ATOM 470 N N    . ILE A 1 33 ? 2.500   -2.210  -1.873  1.00 0.00 ? 33 ILE A N    1 
ATOM 471 C CA   . ILE A 1 33 ? 3.795   -1.545  -1.911  1.00 0.00 ? 33 ILE A CA   1 
ATOM 472 C C    . ILE A 1 33 ? 4.875   -2.522  -2.360  1.00 0.00 ? 33 ILE A C    1 
ATOM 473 O O    . ILE A 1 33 ? 5.768   -2.167  -3.130  1.00 0.00 ? 33 ILE A O    1 
ATOM 474 C CB   . ILE A 1 33 ? 4.148   -0.995  -0.528  1.00 0.00 ? 33 ILE A CB   1 
ATOM 475 C CG1  . ILE A 1 33 ? 5.565   -0.417  -0.561  1.00 0.00 ? 33 ILE A CG1  1 
ATOM 476 C CG2  . ILE A 1 33 ? 4.084   -2.120  0.507   1.00 0.00 ? 33 ILE A CG2  1 
ATOM 477 C CD1  . ILE A 1 33 ? 5.751   0.552   0.608   1.00 0.00 ? 33 ILE A CD1  1 
ATOM 478 H H    . ILE A 1 33 ? 2.005   -2.255  -1.028  1.00 0.00 ? 33 ILE A H    1 
ATOM 479 H HA   . ILE A 1 33 ? 3.750   -0.725  -2.612  1.00 0.00 ? 33 ILE A HA   1 
ATOM 480 H HB   . ILE A 1 33 ? 3.447   -0.217  -0.259  1.00 0.00 ? 33 ILE A HB   1 
ATOM 481 H HG12 . ILE A 1 33 ? 6.283   -1.221  -0.480  1.00 0.00 ? 33 ILE A HG12 1 
ATOM 482 H HG13 . ILE A 1 33 ? 5.718   0.110   -1.491  1.00 0.00 ? 33 ILE A HG13 1 
ATOM 483 H HG21 . ILE A 1 33 ? 3.146   -2.646  0.411   1.00 0.00 ? 33 ILE A HG21 1 
ATOM 484 H HG22 . ILE A 1 33 ? 4.160   -1.702  1.499   1.00 0.00 ? 33 ILE A HG22 1 
ATOM 485 H HG23 . ILE A 1 33 ? 4.901   -2.807  0.342   1.00 0.00 ? 33 ILE A HG23 1 
ATOM 486 H HD11 . ILE A 1 33 ? 6.771   0.500   0.959   1.00 0.00 ? 33 ILE A HD11 1 
ATOM 487 H HD12 . ILE A 1 33 ? 5.080   0.282   1.410   1.00 0.00 ? 33 ILE A HD12 1 
ATOM 488 H HD13 . ILE A 1 33 ? 5.534   1.558   0.280   1.00 0.00 ? 33 ILE A HD13 1 
ATOM 489 N N    . ALA A 1 34 ? 4.783   -3.757  -1.875  1.00 0.00 ? 34 ALA A N    1 
ATOM 490 C CA   . ALA A 1 34 ? 5.754   -4.784  -2.233  1.00 0.00 ? 34 ALA A CA   1 
ATOM 491 C C    . ALA A 1 34 ? 5.913   -4.859  -3.747  1.00 0.00 ? 34 ALA A C    1 
ATOM 492 O O    . ALA A 1 34 ? 7.026   -4.770  -4.269  1.00 0.00 ? 34 ALA A O    1 
ATOM 493 C CB   . ALA A 1 34 ? 5.298   -6.141  -1.697  1.00 0.00 ? 34 ALA A CB   1 
ATOM 494 H H    . ALA A 1 34 ? 4.047   -3.980  -1.267  1.00 0.00 ? 34 ALA A H    1 
ATOM 495 H HA   . ALA A 1 34 ? 6.708   -4.535  -1.791  1.00 0.00 ? 34 ALA A HA   1 
ATOM 496 H HB1  . ALA A 1 34 ? 5.842   -6.928  -2.199  1.00 0.00 ? 34 ALA A HB1  1 
ATOM 497 H HB2  . ALA A 1 34 ? 4.241   -6.263  -1.877  1.00 0.00 ? 34 ALA A HB2  1 
ATOM 498 H HB3  . ALA A 1 34 ? 5.491   -6.192  -0.636  1.00 0.00 ? 34 ALA A HB3  1 
ATOM 499 N N    . LEU A 1 35 ? 4.795   -5.019  -4.448  1.00 0.00 ? 35 LEU A N    1 
ATOM 500 C CA   . LEU A 1 35 ? 4.825   -5.098  -5.902  1.00 0.00 ? 35 LEU A CA   1 
ATOM 501 C C    . LEU A 1 35 ? 5.508   -3.866  -6.482  1.00 0.00 ? 35 LEU A C    1 
ATOM 502 O O    . LEU A 1 35 ? 6.251   -3.956  -7.460  1.00 0.00 ? 35 LEU A O    1 
ATOM 503 C CB   . LEU A 1 35 ? 3.399   -5.202  -6.451  1.00 0.00 ? 35 LEU A CB   1 
ATOM 504 C CG   . LEU A 1 35 ? 3.381   -6.130  -7.667  1.00 0.00 ? 35 LEU A CG   1 
ATOM 505 C CD1  . LEU A 1 35 ? 1.962   -6.205  -8.233  1.00 0.00 ? 35 LEU A CD1  1 
ATOM 506 C CD2  . LEU A 1 35 ? 4.329   -5.585  -8.738  1.00 0.00 ? 35 LEU A CD2  1 
ATOM 507 H H    . LEU A 1 35 ? 3.937   -5.080  -3.979  1.00 0.00 ? 35 LEU A H    1 
ATOM 508 H HA   . LEU A 1 35 ? 5.379   -5.978  -6.194  1.00 0.00 ? 35 LEU A HA   1 
ATOM 509 H HB2  . LEU A 1 35 ? 2.747   -5.599  -5.686  1.00 0.00 ? 35 LEU A HB2  1 
ATOM 510 H HB3  . LEU A 1 35 ? 3.053   -4.222  -6.744  1.00 0.00 ? 35 LEU A HB3  1 
ATOM 511 H HG   . LEU A 1 35 ? 3.700   -7.119  -7.369  1.00 0.00 ? 35 LEU A HG   1 
ATOM 512 H HD11 . LEU A 1 35 ? 1.321   -6.719  -7.532  1.00 0.00 ? 35 LEU A HD11 1 
ATOM 513 H HD12 . LEU A 1 35 ? 1.976   -6.742  -9.169  1.00 0.00 ? 35 LEU A HD12 1 
ATOM 514 H HD13 . LEU A 1 35 ? 1.586   -5.206  -8.397  1.00 0.00 ? 35 LEU A HD13 1 
ATOM 515 H HD21 . LEU A 1 35 ? 4.311   -4.505  -8.717  1.00 0.00 ? 35 LEU A HD21 1 
ATOM 516 H HD22 . LEU A 1 35 ? 4.012   -5.932  -9.709  1.00 0.00 ? 35 LEU A HD22 1 
ATOM 517 H HD23 . LEU A 1 35 ? 5.333   -5.931  -8.541  1.00 0.00 ? 35 LEU A HD23 1 
ATOM 518 N N    . ALA A 1 36 ? 5.253   -2.715  -5.868  1.00 0.00 ? 36 ALA A N    1 
ATOM 519 C CA   . ALA A 1 36 ? 5.851   -1.466  -6.326  1.00 0.00 ? 36 ALA A CA   1 
ATOM 520 C C    . ALA A 1 36 ? 7.372   -1.554  -6.272  1.00 0.00 ? 36 ALA A C    1 
ATOM 521 O O    . ALA A 1 36 ? 8.062   -1.101  -7.185  1.00 0.00 ? 36 ALA A O    1 
ATOM 522 C CB   . ALA A 1 36 ? 5.372   -0.306  -5.452  1.00 0.00 ? 36 ALA A CB   1 
ATOM 523 H H    . ALA A 1 36 ? 4.655   -2.706  -5.091  1.00 0.00 ? 36 ALA A H    1 
ATOM 524 H HA   . ALA A 1 36 ? 5.546   -1.284  -7.345  1.00 0.00 ? 36 ALA A HA   1 
ATOM 525 H HB1  . ALA A 1 36 ? 4.412   -0.552  -5.023  1.00 0.00 ? 36 ALA A HB1  1 
ATOM 526 H HB2  . ALA A 1 36 ? 5.279   0.585   -6.055  1.00 0.00 ? 36 ALA A HB2  1 
ATOM 527 H HB3  . ALA A 1 36 ? 6.086   -0.132  -4.660  1.00 0.00 ? 36 ALA A HB3  1 
ATOM 528 N N    . LEU A 1 37 ? 7.888   -2.139  -5.195  1.00 0.00 ? 37 LEU A N    1 
ATOM 529 C CA   . LEU A 1 37 ? 9.331   -2.281  -5.033  1.00 0.00 ? 37 LEU A CA   1 
ATOM 530 C C    . LEU A 1 37 ? 9.963   -2.814  -6.315  1.00 0.00 ? 37 LEU A C    1 
ATOM 531 O O    . LEU A 1 37 ? 11.038  -2.371  -6.719  1.00 0.00 ? 37 LEU A O    1 
ATOM 532 C CB   . LEU A 1 37 ? 9.634   -3.236  -3.874  1.00 0.00 ? 37 LEU A CB   1 
ATOM 533 C CG   . LEU A 1 37 ? 10.893  -2.770  -3.139  1.00 0.00 ? 37 LEU A CG   1 
ATOM 534 C CD1  . LEU A 1 37 ? 11.213  -3.744  -2.002  1.00 0.00 ? 37 LEU A CD1  1 
ATOM 535 C CD2  . LEU A 1 37 ? 12.068  -2.729  -4.119  1.00 0.00 ? 37 LEU A CD2  1 
ATOM 536 H H    . LEU A 1 37 ? 7.289   -2.481  -4.499  1.00 0.00 ? 37 LEU A H    1 
ATOM 537 H HA   . LEU A 1 37 ? 9.755   -1.315  -4.809  1.00 0.00 ? 37 LEU A HA   1 
ATOM 538 H HB2  . LEU A 1 37 ? 8.798   -3.245  -3.188  1.00 0.00 ? 37 LEU A HB2  1 
ATOM 539 H HB3  . LEU A 1 37 ? 9.792   -4.232  -4.261  1.00 0.00 ? 37 LEU A HB3  1 
ATOM 540 H HG   . LEU A 1 37 ? 10.728  -1.784  -2.729  1.00 0.00 ? 37 LEU A HG   1 
ATOM 541 H HD11 . LEU A 1 37 ? 10.574  -4.611  -2.080  1.00 0.00 ? 37 LEU A HD11 1 
ATOM 542 H HD12 . LEU A 1 37 ? 11.044  -3.257  -1.053  1.00 0.00 ? 37 LEU A HD12 1 
ATOM 543 H HD13 . LEU A 1 37 ? 12.246  -4.050  -2.070  1.00 0.00 ? 37 LEU A HD13 1 
ATOM 544 H HD21 . LEU A 1 37 ? 12.052  -1.794  -4.662  1.00 0.00 ? 37 LEU A HD21 1 
ATOM 545 H HD22 . LEU A 1 37 ? 11.986  -3.550  -4.816  1.00 0.00 ? 37 LEU A HD22 1 
ATOM 546 H HD23 . LEU A 1 37 ? 12.996  -2.811  -3.573  1.00 0.00 ? 37 LEU A HD23 1 
ATOM 547 N N    . SER A 1 38 ? 9.287   -3.765  -6.952  1.00 0.00 ? 38 SER A N    1 
ATOM 548 C CA   . SER A 1 38 ? 9.793   -4.347  -8.190  1.00 0.00 ? 38 SER A CA   1 
ATOM 549 C C    . SER A 1 38 ? 9.793   -3.305  -9.305  1.00 0.00 ? 38 SER A C    1 
ATOM 550 O O    . SER A 1 38 ? 10.159  -3.598  -10.443 1.00 0.00 ? 38 SER A O    1 
ATOM 551 C CB   . SER A 1 38 ? 8.927   -5.537  -8.601  1.00 0.00 ? 38 SER A CB   1 
ATOM 552 O OG   . SER A 1 38 ? 7.705   -5.061  -9.149  1.00 0.00 ? 38 SER A OG   1 
ATOM 553 H H    . SER A 1 38 ? 8.434   -4.079  -6.585  1.00 0.00 ? 38 SER A H    1 
ATOM 554 H HA   . SER A 1 38 ? 10.805  -4.690  -8.031  1.00 0.00 ? 38 SER A HA   1 
ATOM 555 H HB2  . SER A 1 38 ? 9.444   -6.122  -9.344  1.00 0.00 ? 38 SER A HB2  1 
ATOM 556 H HB3  . SER A 1 38 ? 8.729   -6.154  -7.735  1.00 0.00 ? 38 SER A HB3  1 
ATOM 557 H HG   . SER A 1 38 ? 7.700   -5.267  -10.087 1.00 0.00 ? 38 SER A HG   1 
ATOM 558 N N    . GLY A 1 39 ? 9.380   -2.088  -8.964  1.00 0.00 ? 39 GLY A N    1 
ATOM 559 C CA   . GLY A 1 39 ? 9.332   -1.002  -9.936  1.00 0.00 ? 39 GLY A CA   1 
ATOM 560 C C    . GLY A 1 39 ? 9.930   0.274   -9.352  1.00 0.00 ? 39 GLY A C    1 
ATOM 561 O O    . GLY A 1 39 ? 9.846   1.344   -9.954  1.00 0.00 ? 39 GLY A O    1 
ATOM 562 H H    . GLY A 1 39 ? 9.102   -1.917  -8.040  1.00 0.00 ? 39 GLY A H    1 
ATOM 563 H HA2  . GLY A 1 39 ? 9.891   -1.286  -10.817 1.00 0.00 ? 39 GLY A HA2  1 
ATOM 564 H HA3  . GLY A 1 39 ? 8.305   -0.815  -10.211 1.00 0.00 ? 39 GLY A HA3  1 
ATOM 565 N N    . LYS A 1 40 ? 10.536  0.152   -8.176  1.00 0.00 ? 40 LYS A N    1 
ATOM 566 C CA   . LYS A 1 40 ? 11.148  1.300   -7.518  1.00 0.00 ? 40 LYS A CA   1 
ATOM 567 C C    . LYS A 1 40 ? 12.612  1.429   -7.924  1.00 0.00 ? 40 LYS A C    1 
ATOM 568 O O    . LYS A 1 40 ? 13.110  2.532   -8.149  1.00 0.00 ? 40 LYS A O    1 
ATOM 569 C CB   . LYS A 1 40 ? 11.048  1.148   -5.999  1.00 0.00 ? 40 LYS A CB   1 
ATOM 570 C CG   . LYS A 1 40 ? 11.346  2.493   -5.330  1.00 0.00 ? 40 LYS A CG   1 
ATOM 571 C CD   . LYS A 1 40 ? 10.043  3.273   -5.142  1.00 0.00 ? 40 LYS A CD   1 
ATOM 572 C CE   . LYS A 1 40 ? 9.387   2.864   -3.821  1.00 0.00 ? 40 LYS A CE   1 
ATOM 573 N NZ   . LYS A 1 40 ? 10.026  3.609   -2.699  1.00 0.00 ? 40 LYS A NZ   1 
ATOM 574 H H    . LYS A 1 40 ? 10.574  -0.727  -7.743  1.00 0.00 ? 40 LYS A H    1 
ATOM 575 H HA   . LYS A 1 40 ? 10.621  2.195   -7.814  1.00 0.00 ? 40 LYS A HA   1 
ATOM 576 H HB2  . LYS A 1 40 ? 10.053  0.823   -5.734  1.00 0.00 ? 40 LYS A HB2  1 
ATOM 577 H HB3  . LYS A 1 40 ? 11.766  0.415   -5.663  1.00 0.00 ? 40 LYS A HB3  1 
ATOM 578 H HG2  . LYS A 1 40 ? 11.806  2.321   -4.368  1.00 0.00 ? 40 LYS A HG2  1 
ATOM 579 H HG3  . LYS A 1 40 ? 12.017  3.063   -5.954  1.00 0.00 ? 40 LYS A HG3  1 
ATOM 580 H HD2  . LYS A 1 40 ? 10.259  4.332   -5.124  1.00 0.00 ? 40 LYS A HD2  1 
ATOM 581 H HD3  . LYS A 1 40 ? 9.370   3.056   -5.957  1.00 0.00 ? 40 LYS A HD3  1 
ATOM 582 H HE2  . LYS A 1 40 ? 8.334   3.096   -3.854  1.00 0.00 ? 40 LYS A HE2  1 
ATOM 583 H HE3  . LYS A 1 40 ? 9.518   1.803   -3.668  1.00 0.00 ? 40 LYS A HE3  1 
ATOM 584 H HZ1  . LYS A 1 40 ? 10.720  4.282   -3.080  1.00 0.00 ? 40 LYS A HZ1  1 
ATOM 585 H HZ2  . LYS A 1 40 ? 10.505  2.939   -2.066  1.00 0.00 ? 40 LYS A HZ2  1 
ATOM 586 H HZ3  . LYS A 1 40 ? 9.295   4.127   -2.169  1.00 0.00 ? 40 LYS A HZ3  1 
ATOM 587 N N    . CYS A 1 41 ? 13.297  0.293   -8.016  1.00 0.00 ? 41 CYS A N    1 
ATOM 588 C CA   . CYS A 1 41 ? 14.704  0.288   -8.397  1.00 0.00 ? 41 CYS A CA   1 
ATOM 589 C C    . CYS A 1 41 ? 14.906  1.038   -9.711  1.00 0.00 ? 41 CYS A C    1 
ATOM 590 O O    . CYS A 1 41 ? 15.903  1.737   -9.891  1.00 0.00 ? 41 CYS A O    1 
ATOM 591 C CB   . CYS A 1 41 ? 15.197  -1.151  -8.549  1.00 0.00 ? 41 CYS A CB   1 
ATOM 592 S SG   . CYS A 1 41 ? 14.010  -2.094  -9.538  1.00 0.00 ? 41 CYS A SG   1 
ATOM 593 H H    . CYS A 1 41 ? 12.847  -0.557  -7.826  1.00 0.00 ? 41 CYS A H    1 
ATOM 594 H HA   . CYS A 1 41 ? 15.279  0.774   -7.623  1.00 0.00 ? 41 CYS A HA   1 
ATOM 595 H HB2  . CYS A 1 41 ? 16.159  -1.153  -9.041  1.00 0.00 ? 41 CYS A HB2  1 
ATOM 596 H HB3  . CYS A 1 41 ? 15.293  -1.604  -7.573  1.00 0.00 ? 41 CYS A HB3  1 
ATOM 597 H HG   . CYS A 1 41 ? 13.301  -1.500  -9.795  1.00 0.00 ? 41 CYS A HG   1 
ATOM 598 N N    . LYS A 1 42 ? 13.953  0.886   -10.623 1.00 0.00 ? 42 LYS A N    1 
ATOM 599 C CA   . LYS A 1 42 ? 14.034  1.551   -11.918 1.00 0.00 ? 42 LYS A CA   1 
ATOM 600 C C    . LYS A 1 42 ? 13.651  3.023   -11.794 1.00 0.00 ? 42 LYS A C    1 
ATOM 601 O O    . LYS A 1 42 ? 14.289  3.892   -12.388 1.00 0.00 ? 42 LYS A O    1 
ATOM 602 C CB   . LYS A 1 42 ? 13.096  0.863   -12.913 1.00 0.00 ? 42 LYS A CB   1 
ATOM 603 C CG   . LYS A 1 42 ? 11.660  0.942   -12.394 1.00 0.00 ? 42 LYS A CG   1 
ATOM 604 C CD   . LYS A 1 42 ? 10.785  -0.059  -13.152 1.00 0.00 ? 42 LYS A CD   1 
ATOM 605 C CE   . LYS A 1 42 ? 10.893  0.202   -14.655 1.00 0.00 ? 42 LYS A CE   1 
ATOM 606 N NZ   . LYS A 1 42 ? 10.850  1.670   -14.910 1.00 0.00 ? 42 LYS A NZ   1 
ATOM 607 H H    . LYS A 1 42 ? 13.182  0.316   -10.423 1.00 0.00 ? 42 LYS A H    1 
ATOM 608 H HA   . LYS A 1 42 ? 15.046  1.481   -12.287 1.00 0.00 ? 42 LYS A HA   1 
ATOM 609 H HB2  . LYS A 1 42 ? 13.163  1.359   -13.872 1.00 0.00 ? 42 LYS A HB2  1 
ATOM 610 H HB3  . LYS A 1 42 ? 13.382  -0.172  -13.021 1.00 0.00 ? 42 LYS A HB3  1 
ATOM 611 H HG2  . LYS A 1 42 ? 11.645  0.707   -11.340 1.00 0.00 ? 42 LYS A HG2  1 
ATOM 612 H HG3  . LYS A 1 42 ? 11.276  1.939   -12.547 1.00 0.00 ? 42 LYS A HG3  1 
ATOM 613 H HD2  . LYS A 1 42 ? 11.118  -1.064  -12.935 1.00 0.00 ? 42 LYS A HD2  1 
ATOM 614 H HD3  . LYS A 1 42 ? 9.757   0.054   -12.842 1.00 0.00 ? 42 LYS A HD3  1 
ATOM 615 H HE2  . LYS A 1 42 ? 11.825  -0.201  -15.024 1.00 0.00 ? 42 LYS A HE2  1 
ATOM 616 H HE3  . LYS A 1 42 ? 10.068  -0.275  -15.164 1.00 0.00 ? 42 LYS A HE3  1 
ATOM 617 H HZ1  . LYS A 1 42 ? 11.587  2.141   -14.348 1.00 0.00 ? 42 LYS A HZ1  1 
ATOM 618 H HZ2  . LYS A 1 42 ? 9.918   2.043   -14.638 1.00 0.00 ? 42 LYS A HZ2  1 
ATOM 619 H HZ3  . LYS A 1 42 ? 11.016  1.851   -15.921 1.00 0.00 ? 42 LYS A HZ3  1 
ATOM 620 N N    . CYS A 1 43 ? 12.604  3.294   -11.021 1.00 0.00 ? 43 CYS A N    1 
ATOM 621 C CA   . CYS A 1 43 ? 12.141  4.663   -10.829 1.00 0.00 ? 43 CYS A CA   1 
ATOM 622 C C    . CYS A 1 43 ? 13.184  5.492   -10.087 1.00 0.00 ? 43 CYS A C    1 
ATOM 623 O O    . CYS A 1 43 ? 13.117  6.721   -10.073 1.00 0.00 ? 43 CYS A O    1 
ATOM 624 C CB   . CYS A 1 43 ? 10.831  4.664   -10.039 1.00 0.00 ? 43 CYS A CB   1 
ATOM 625 S SG   . CYS A 1 43 ? 9.465   5.122   -11.136 1.00 0.00 ? 43 CYS A SG   1 
ATOM 626 H H    . CYS A 1 43 ? 12.133  2.558   -10.576 1.00 0.00 ? 43 CYS A H    1 
ATOM 627 H HA   . CYS A 1 43 ? 11.963  5.110   -11.795 1.00 0.00 ? 43 CYS A HA   1 
ATOM 628 H HB2  . CYS A 1 43 ? 10.653  3.678   -9.636  1.00 0.00 ? 43 CYS A HB2  1 
ATOM 629 H HB3  . CYS A 1 43 ? 10.898  5.376   -9.231  1.00 0.00 ? 43 CYS A HB3  1 
ATOM 630 H HG   . CYS A 1 43 ? 9.019   4.316   -11.405 1.00 0.00 ? 43 CYS A HG   1 
ATOM 631 N N    . ARG A 1 44 ? 14.147  4.814   -9.470  1.00 0.00 ? 44 ARG A N    1 
ATOM 632 C CA   . ARG A 1 44 ? 15.196  5.505   -8.730  1.00 0.00 ? 44 ARG A CA   1 
ATOM 633 C C    . ARG A 1 44 ? 16.213  6.118   -9.688  1.00 0.00 ? 44 ARG A C    1 
ATOM 634 O O    . ARG A 1 44 ? 16.774  7.180   -9.419  1.00 0.00 ? 44 ARG A O    1 
ATOM 635 C CB   . ARG A 1 44 ? 15.904  4.529   -7.789  1.00 0.00 ? 44 ARG A CB   1 
ATOM 636 C CG   . ARG A 1 44 ? 15.000  4.229   -6.590  1.00 0.00 ? 44 ARG A CG   1 
ATOM 637 C CD   . ARG A 1 44 ? 15.309  5.211   -5.459  1.00 0.00 ? 44 ARG A CD   1 
ATOM 638 N NE   . ARG A 1 44 ? 14.182  5.288   -4.537  1.00 0.00 ? 44 ARG A NE   1 
ATOM 639 C CZ   . ARG A 1 44 ? 14.028  6.330   -3.726  1.00 0.00 ? 44 ARG A CZ   1 
ATOM 640 N NH1  . ARG A 1 44 ? 14.893  7.306   -3.747  1.00 0.00 ? 44 ARG A NH1  1 
ATOM 641 N NH2  . ARG A 1 44 ? 13.012  6.375   -2.908  1.00 0.00 ? 44 ARG A NH2  1 
ATOM 642 H H    . ARG A 1 44 ? 14.152  3.835   -9.514  1.00 0.00 ? 44 ARG A H    1 
ATOM 643 H HA   . ARG A 1 44 ? 14.750  6.294   -8.143  1.00 0.00 ? 44 ARG A HA   1 
ATOM 644 H HB2  . ARG A 1 44 ? 16.119  3.612   -8.316  1.00 0.00 ? 44 ARG A HB2  1 
ATOM 645 H HB3  . ARG A 1 44 ? 16.826  4.970   -7.439  1.00 0.00 ? 44 ARG A HB3  1 
ATOM 646 H HG2  . ARG A 1 44 ? 13.966  4.332   -6.887  1.00 0.00 ? 44 ARG A HG2  1 
ATOM 647 H HG3  . ARG A 1 44 ? 15.178  3.222   -6.249  1.00 0.00 ? 44 ARG A HG3  1 
ATOM 648 H HD2  . ARG A 1 44 ? 16.185  4.876   -4.924  1.00 0.00 ? 44 ARG A HD2  1 
ATOM 649 H HD3  . ARG A 1 44 ? 15.500  6.189   -5.877  1.00 0.00 ? 44 ARG A HD3  1 
ATOM 650 H HE   . ARG A 1 44 ? 13.527  4.559   -4.514  1.00 0.00 ? 44 ARG A HE   1 
ATOM 651 H HH11 . ARG A 1 44 ? 15.672  7.271   -4.373  1.00 0.00 ? 44 ARG A HH11 1 
ATOM 652 H HH12 . ARG A 1 44 ? 14.777  8.090   -3.136  1.00 0.00 ? 44 ARG A HH12 1 
ATOM 653 H HH21 . ARG A 1 44 ? 12.349  5.626   -2.893  1.00 0.00 ? 44 ARG A HH21 1 
ATOM 654 H HH22 . ARG A 1 44 ? 12.896  7.158   -2.297  1.00 0.00 ? 44 ARG A HH22 1 
ATOM 655 N N    . ARG A 1 45 ? 16.443  5.439   -10.808 1.00 0.00 ? 45 ARG A N    1 
ATOM 656 C CA   . ARG A 1 45 ? 17.392  5.920   -11.807 1.00 0.00 ? 45 ARG A CA   1 
ATOM 657 C C    . ARG A 1 45 ? 16.652  6.490   -13.011 1.00 0.00 ? 45 ARG A C    1 
ATOM 658 O O    . ARG A 1 45 ? 17.204  7.285   -13.772 1.00 0.00 ? 45 ARG A O    1 
ATOM 659 C CB   . ARG A 1 45 ? 18.300  4.774   -12.256 1.00 0.00 ? 45 ARG A CB   1 
ATOM 660 C CG   . ARG A 1 45 ? 18.006  3.533   -11.412 1.00 0.00 ? 45 ARG A CG   1 
ATOM 661 C CD   . ARG A 1 45 ? 18.963  2.406   -11.806 1.00 0.00 ? 45 ARG A CD   1 
ATOM 662 N NE   . ARG A 1 45 ? 20.223  2.541   -11.086 1.00 0.00 ? 45 ARG A NE   1 
ATOM 663 C CZ   . ARG A 1 45 ? 21.125  1.565   -11.092 1.00 0.00 ? 45 ARG A CZ   1 
ATOM 664 N NH1  . ARG A 1 45 ? 20.889  0.462   -11.748 1.00 0.00 ? 45 ARG A NH1  1 
ATOM 665 N NH2  . ARG A 1 45 ? 22.247  1.708   -10.440 1.00 0.00 ? 45 ARG A NH2  1 
ATOM 666 H H    . ARG A 1 45 ? 15.964  4.598   -10.968 1.00 0.00 ? 45 ARG A H    1 
ATOM 667 H HA   . ARG A 1 45 ? 18.001  6.696   -11.370 1.00 0.00 ? 45 ARG A HA   1 
ATOM 668 H HB2  . ARG A 1 45 ? 18.114  4.555   -13.299 1.00 0.00 ? 45 ARG A HB2  1 
ATOM 669 H HB3  . ARG A 1 45 ? 19.332  5.059   -12.126 1.00 0.00 ? 45 ARG A HB3  1 
ATOM 670 H HG2  . ARG A 1 45 ? 18.138  3.770   -10.367 1.00 0.00 ? 45 ARG A HG2  1 
ATOM 671 H HG3  . ARG A 1 45 ? 16.989  3.214   -11.584 1.00 0.00 ? 45 ARG A HG3  1 
ATOM 672 H HD2  . ARG A 1 45 ? 18.514  1.455   -11.564 1.00 0.00 ? 45 ARG A HD2  1 
ATOM 673 H HD3  . ARG A 1 45 ? 19.149  2.452   -12.870 1.00 0.00 ? 45 ARG A HD3  1 
ATOM 674 H HE   . ARG A 1 45 ? 20.409  3.366   -10.589 1.00 0.00 ? 45 ARG A HE   1 
ATOM 675 H HH11 . ARG A 1 45 ? 20.030  0.353   -12.248 1.00 0.00 ? 45 ARG A HH11 1 
ATOM 676 H HH12 . ARG A 1 45 ? 21.568  -0.272  -11.752 1.00 0.00 ? 45 ARG A HH12 1 
ATOM 677 H HH21 . ARG A 1 45 ? 22.428  2.553   -9.937  1.00 0.00 ? 45 ARG A HH21 1 
ATOM 678 H HH22 . ARG A 1 45 ? 22.925  0.973   -10.445 1.00 0.00 ? 45 ARG A HH22 1 
ATOM 679 N N    . ASN A 1 46 ? 15.398  6.077   -13.176 1.00 0.00 ? 46 ASN A N    1 
ATOM 680 C CA   . ASN A 1 46 ? 14.584  6.552   -14.291 1.00 0.00 ? 46 ASN A CA   1 
ATOM 681 C C    . ASN A 1 46 ? 13.568  7.582   -13.811 1.00 0.00 ? 46 ASN A C    1 
ATOM 682 O O    . ASN A 1 46 ? 13.381  8.620   -14.445 1.00 0.00 ? 46 ASN A O    1 
ATOM 683 C CB   . ASN A 1 46 ? 13.852  5.375   -14.940 1.00 0.00 ? 46 ASN A CB   1 
ATOM 684 C CG   . ASN A 1 46 ? 14.848  4.281   -15.304 1.00 0.00 ? 46 ASN A CG   1 
ATOM 685 O OD1  . ASN A 1 46 ? 14.893  3.838   -16.452 1.00 0.00 ? 46 ASN A OD1  1 
ATOM 686 N ND2  . ASN A 1 46 ? 15.656  3.816   -14.390 1.00 0.00 ? 46 ASN A ND2  1 
ATOM 687 H H    . ASN A 1 46 ? 15.013  5.443   -12.536 1.00 0.00 ? 46 ASN A H    1 
ATOM 688 H HA   . ASN A 1 46 ? 15.227  7.010   -15.027 1.00 0.00 ? 46 ASN A HA   1 
ATOM 689 H HB2  . ASN A 1 46 ? 13.122  4.982   -14.247 1.00 0.00 ? 46 ASN A HB2  1 
ATOM 690 H HB3  . ASN A 1 46 ? 13.351  5.715   -15.833 1.00 0.00 ? 46 ASN A HB3  1 
ATOM 691 H HD21 . ASN A 1 46 ? 15.620  4.171   -13.477 1.00 0.00 ? 46 ASN A HD21 1 
ATOM 692 H HD22 . ASN A 1 46 ? 16.299  3.112   -14.617 1.00 0.00 ? 46 ASN A HD22 1 
ATOM 693 N N    . HIS A 1 47 ? 12.926  7.287   -12.677 1.00 0.00 ? 47 HIS A N    1 
ATOM 694 C CA   . HIS A 1 47 ? 11.923  8.183   -12.092 1.00 0.00 ? 47 HIS A CA   1 
ATOM 695 C C    . HIS A 1 47 ? 10.996  8.749   -13.172 1.00 0.00 ? 47 HIS A C    1 
ATOM 696 O O    . HIS A 1 47 ? 11.048  8.327   -14.328 1.00 0.00 ? 47 HIS A O    1 
ATOM 697 C CB   . HIS A 1 47 ? 12.597  9.324   -11.302 1.00 0.00 ? 47 HIS A CB   1 
ATOM 698 C CG   . HIS A 1 47 ? 14.024  9.506   -11.744 1.00 0.00 ? 47 HIS A CG   1 
ATOM 699 N ND1  . HIS A 1 47 ? 15.084  8.878   -11.107 1.00 0.00 ? 47 HIS A ND1  1 
ATOM 700 C CD2  . HIS A 1 47 ? 14.582  10.240  -12.762 1.00 0.00 ? 47 HIS A CD2  1 
ATOM 701 C CE1  . HIS A 1 47 ? 16.213  9.242   -11.744 1.00 0.00 ? 47 HIS A CE1  1 
ATOM 702 N NE2  . HIS A 1 47 ? 15.962  10.071  -12.760 1.00 0.00 ? 47 HIS A NE2  1 
ATOM 703 H H    . HIS A 1 47 ? 13.133  6.445   -12.220 1.00 0.00 ? 47 HIS A H    1 
ATOM 704 H HA   . HIS A 1 47 ? 11.321  7.607   -11.404 1.00 0.00 ? 47 HIS A HA   1 
ATOM 705 H HB2  . HIS A 1 47 ? 12.060  10.244  -11.462 1.00 0.00 ? 47 HIS A HB2  1 
ATOM 706 H HB3  . HIS A 1 47 ? 12.581  9.083   -10.249 1.00 0.00 ? 47 HIS A HB3  1 
ATOM 707 H HD1  . HIS A 1 47 ? 15.022  8.281   -10.333 1.00 0.00 ? 47 HIS A HD1  1 
ATOM 708 H HD2  . HIS A 1 47 ? 14.031  10.856  -13.457 1.00 0.00 ? 47 HIS A HD2  1 
ATOM 709 H HE1  . HIS A 1 47 ? 17.200  8.905   -11.466 1.00 0.00 ? 47 HIS A HE1  1 
ATOM 710 H HE2  . HIS A 1 47 ? 16.612  10.474  -13.373 1.00 0.00 ? 47 HIS A HE2  1 
ATOM 711 N N    . THR A 1 48 ? 10.137  9.695   -12.785 1.00 0.00 ? 48 THR A N    1 
ATOM 712 C CA   . THR A 1 48 ? 9.200   10.302  -13.728 1.00 0.00 ? 48 THR A CA   1 
ATOM 713 C C    . THR A 1 48 ? 9.670   11.712  -14.112 1.00 0.00 ? 48 THR A C    1 
ATOM 714 O O    . THR A 1 48 ? 10.356  12.368  -13.327 1.00 0.00 ? 48 THR A O    1 
ATOM 715 C CB   . THR A 1 48 ? 7.808   10.386  -13.096 1.00 0.00 ? 48 THR A CB   1 
ATOM 716 O OG1  . THR A 1 48 ? 7.481   11.746  -12.856 1.00 0.00 ? 48 THR A OG1  1 
ATOM 717 C CG2  . THR A 1 48 ? 7.796   9.616   -11.776 1.00 0.00 ? 48 THR A CG2  1 
ATOM 718 H H    . THR A 1 48 ? 10.131  9.984   -11.849 1.00 0.00 ? 48 THR A H    1 
ATOM 719 H HA   . THR A 1 48 ? 9.147   9.682   -14.603 1.00 0.00 ? 48 THR A HA   1 
ATOM 720 H HB   . THR A 1 48 ? 7.082   9.953   -13.766 1.00 0.00 ? 48 THR A HB   1 
ATOM 721 H HG1  . THR A 1 48 ? 6.532   11.806  -12.728 1.00 0.00 ? 48 THR A HG1  1 
ATOM 722 H HG21 . THR A 1 48 ? 8.115   8.599   -11.949 1.00 0.00 ? 48 THR A HG21 1 
ATOM 723 H HG22 . THR A 1 48 ? 6.796   9.615   -11.368 1.00 0.00 ? 48 THR A HG22 1 
ATOM 724 H HG23 . THR A 1 48 ? 8.469   10.089  -11.077 1.00 0.00 ? 48 THR A HG23 1 
ATOM 725 N N    . PRO A 1 49 ? 9.321   12.200  -15.285 1.00 0.00 ? 49 PRO A N    1 
ATOM 726 C CA   . PRO A 1 49 ? 9.731   13.566  -15.735 1.00 0.00 ? 49 PRO A CA   1 
ATOM 727 C C    . PRO A 1 49 ? 8.906   14.672  -15.078 1.00 0.00 ? 49 PRO A C    1 
ATOM 728 O O    . PRO A 1 49 ? 8.859   15.796  -15.577 1.00 0.00 ? 49 PRO A O    1 
ATOM 729 C CB   . PRO A 1 49 ? 9.465   13.532  -17.239 1.00 0.00 ? 49 PRO A CB   1 
ATOM 730 C CG   . PRO A 1 49 ? 8.327   12.584  -17.400 1.00 0.00 ? 49 PRO A CG   1 
ATOM 731 C CD   . PRO A 1 49 ? 8.508   11.521  -16.317 1.00 0.00 ? 49 PRO A CD   1 
ATOM 732 H HA   . PRO A 1 49 ? 10.781  13.722  -15.558 1.00 0.00 ? 49 PRO A HA   1 
ATOM 733 H HB2  . PRO A 1 49 ? 9.192   14.517  -17.594 1.00 0.00 ? 49 PRO A HB2  1 
ATOM 734 H HB3  . PRO A 1 49 ? 10.331  13.166  -17.768 1.00 0.00 ? 49 PRO A HB3  1 
ATOM 735 H HG2  . PRO A 1 49 ? 7.389   13.103  -17.264 1.00 0.00 ? 49 PRO A HG2  1 
ATOM 736 H HG3  . PRO A 1 49 ? 8.361   12.120  -18.373 1.00 0.00 ? 49 PRO A HG3  1 
ATOM 737 H HD2  . PRO A 1 49 ? 7.550   11.220  -15.916 1.00 0.00 ? 49 PRO A HD2  1 
ATOM 738 H HD3  . PRO A 1 49 ? 9.043   10.672  -16.714 1.00 0.00 ? 49 PRO A HD3  1 
ATOM 739 N N    . SER A 1 50 ? 8.248   14.353  -13.969 1.00 0.00 ? 50 SER A N    1 
ATOM 740 C CA   . SER A 1 50 ? 7.423   15.343  -13.282 1.00 0.00 ? 50 SER A CA   1 
ATOM 741 C C    . SER A 1 50 ? 7.510   15.186  -11.765 1.00 0.00 ? 50 SER A C    1 
ATOM 742 O O    . SER A 1 50 ? 7.669   16.167  -11.039 1.00 0.00 ? 50 SER A O    1 
ATOM 743 C CB   . SER A 1 50 ? 5.968   15.198  -13.727 1.00 0.00 ? 50 SER A CB   1 
ATOM 744 O OG   . SER A 1 50 ? 5.818   15.745  -15.029 1.00 0.00 ? 50 SER A OG   1 
ATOM 745 H H    . SER A 1 50 ? 8.309   13.441  -13.613 1.00 0.00 ? 50 SER A H    1 
ATOM 746 H HA   . SER A 1 50 ? 7.768   16.329  -13.552 1.00 0.00 ? 50 SER A HA   1 
ATOM 747 H HB2  . SER A 1 50 ? 5.699   14.155  -13.747 1.00 0.00 ? 50 SER A HB2  1 
ATOM 748 H HB3  . SER A 1 50 ? 5.326   15.719  -13.029 1.00 0.00 ? 50 SER A HB3  1 
ATOM 749 H HG   . SER A 1 50 ? 4.978   15.443  -15.383 1.00 0.00 ? 50 SER A HG   1 
ATOM 750 N N    . SER A 1 51 ? 7.385   13.951  -11.294 1.00 0.00 ? 51 SER A N    1 
ATOM 751 C CA   . SER A 1 51 ? 7.430   13.678  -9.860  1.00 0.00 ? 51 SER A CA   1 
ATOM 752 C C    . SER A 1 51 ? 8.802   13.993  -9.264  1.00 0.00 ? 51 SER A C    1 
ATOM 753 O O    . SER A 1 51 ? 8.904   14.351  -8.090  1.00 0.00 ? 51 SER A O    1 
ATOM 754 C CB   . SER A 1 51 ? 7.097   12.208  -9.604  1.00 0.00 ? 51 SER A CB   1 
ATOM 755 O OG   . SER A 1 51 ? 6.204   12.112  -8.501  1.00 0.00 ? 51 SER A OG   1 
ATOM 756 H H    . SER A 1 51 ? 7.246   13.210  -11.920 1.00 0.00 ? 51 SER A H    1 
ATOM 757 H HA   . SER A 1 51 ? 6.688   14.288  -9.367  1.00 0.00 ? 51 SER A HA   1 
ATOM 758 H HB2  . SER A 1 51 ? 6.628   11.786  -10.477 1.00 0.00 ? 51 SER A HB2  1 
ATOM 759 H HB3  . SER A 1 51 ? 8.009   11.666  -9.390  1.00 0.00 ? 51 SER A HB3  1 
ATOM 760 H HG   . SER A 1 51 ? 6.441   12.793  -7.866  1.00 0.00 ? 51 SER A HG   1 
ATOM 761 N N    . LEU A 1 52 ? 9.854   13.845  -10.062 1.00 0.00 ? 52 LEU A N    1 
ATOM 762 C CA   . LEU A 1 52 ? 11.206  14.104  -9.574  1.00 0.00 ? 52 LEU A CA   1 
ATOM 763 C C    . LEU A 1 52 ? 11.574  15.601  -9.631  1.00 0.00 ? 52 LEU A C    1 
ATOM 764 O O    . LEU A 1 52 ? 11.988  16.150  -8.611  1.00 0.00 ? 52 LEU A O    1 
ATOM 765 C CB   . LEU A 1 52 ? 12.224  13.218  -10.336 1.00 0.00 ? 52 LEU A CB   1 
ATOM 766 C CG   . LEU A 1 52 ? 13.686  13.460  -9.878  1.00 0.00 ? 52 LEU A CG   1 
ATOM 767 C CD1  . LEU A 1 52 ? 14.224  14.814  -10.367 1.00 0.00 ? 52 LEU A CD1  1 
ATOM 768 C CD2  . LEU A 1 52 ? 13.780  13.405  -8.350  1.00 0.00 ? 52 LEU A CD2  1 
ATOM 769 H H    . LEU A 1 52 ? 9.722   13.544  -10.986 1.00 0.00 ? 52 LEU A H    1 
ATOM 770 H HA   . LEU A 1 52 ? 11.223  13.809  -8.537  1.00 0.00 ? 52 LEU A HA   1 
ATOM 771 H HB2  . LEU A 1 52 ? 11.978  12.184  -10.146 1.00 0.00 ? 52 LEU A HB2  1 
ATOM 772 H HB3  . LEU A 1 52 ? 12.141  13.395  -11.392 1.00 0.00 ? 52 LEU A HB3  1 
ATOM 773 H HG   . LEU A 1 52 ? 14.306  12.677  -10.291 1.00 0.00 ? 52 LEU A HG   1 
ATOM 774 H HD11 . LEU A 1 52 ? 13.630  15.175  -11.190 1.00 0.00 ? 52 LEU A HD11 1 
ATOM 775 H HD12 . LEU A 1 52 ? 15.247  14.697  -10.690 1.00 0.00 ? 52 LEU A HD12 1 
ATOM 776 H HD13 . LEU A 1 52 ? 14.185  15.525  -9.557  1.00 0.00 ? 52 LEU A HD13 1 
ATOM 777 H HD21 . LEU A 1 52 ? 14.806  13.242  -8.058  1.00 0.00 ? 52 LEU A HD21 1 
ATOM 778 H HD22 . LEU A 1 52 ? 13.167  12.595  -7.980  1.00 0.00 ? 52 LEU A HD22 1 
ATOM 779 H HD23 . LEU A 1 52 ? 13.432  14.339  -7.933  1.00 0.00 ? 52 LEU A HD23 1 
ATOM 780 N N    . PRO A 1 53 ? 11.450  16.298  -10.755 1.00 0.00 ? 53 PRO A N    1 
ATOM 781 C CA   . PRO A 1 53 ? 11.810  17.753  -10.805 1.00 0.00 ? 53 PRO A CA   1 
ATOM 782 C C    . PRO A 1 53 ? 10.968  18.604  -9.855  1.00 0.00 ? 53 PRO A C    1 
ATOM 783 O O    . PRO A 1 53 ? 11.047  19.833  -9.878  1.00 0.00 ? 53 PRO A O    1 
ATOM 784 C CB   . PRO A 1 53 ? 11.551  18.158  -12.261 1.00 0.00 ? 53 PRO A CB   1 
ATOM 785 C CG   . PRO A 1 53 ? 10.613  17.130  -12.787 1.00 0.00 ? 53 PRO A CG   1 
ATOM 786 C CD   . PRO A 1 53 ? 10.977  15.832  -12.079 1.00 0.00 ? 53 PRO A CD   1 
ATOM 787 H HA   . PRO A 1 53 ? 12.858  17.881  -10.583 1.00 0.00 ? 53 PRO A HA   1 
ATOM 788 H HB2  . PRO A 1 53 ? 11.100  19.139  -12.301 1.00 0.00 ? 53 PRO A HB2  1 
ATOM 789 H HB3  . PRO A 1 53 ? 12.471  18.142  -12.825 1.00 0.00 ? 53 PRO A HB3  1 
ATOM 790 H HG2  . PRO A 1 53 ? 9.594   17.412  -12.559 1.00 0.00 ? 53 PRO A HG2  1 
ATOM 791 H HG3  . PRO A 1 53 ? 10.741  17.015  -13.852 1.00 0.00 ? 53 PRO A HG3  1 
ATOM 792 H HD2  . PRO A 1 53 ? 10.111  15.201  -12.000 1.00 0.00 ? 53 PRO A HD2  1 
ATOM 793 H HD3  . PRO A 1 53 ? 11.769  15.336  -12.611 1.00 0.00 ? 53 PRO A HD3  1 
ATOM 794 N N    . GLU A 1 54 ? 10.162  17.951  -9.022  1.00 0.00 ? 54 GLU A N    1 
ATOM 795 C CA   . GLU A 1 54 ? 9.315   18.673  -8.077  1.00 0.00 ? 54 GLU A CA   1 
ATOM 796 C C    . GLU A 1 54 ? 10.138  19.178  -6.894  1.00 0.00 ? 54 GLU A C    1 
ATOM 797 O O    . GLU A 1 54 ? 9.940   20.299  -6.423  1.00 0.00 ? 54 GLU A O    1 
ATOM 798 C CB   . GLU A 1 54 ? 8.197   17.759  -7.569  1.00 0.00 ? 54 GLU A CB   1 
ATOM 799 C CG   . GLU A 1 54 ? 7.305   18.537  -6.600  1.00 0.00 ? 54 GLU A CG   1 
ATOM 800 C CD   . GLU A 1 54 ? 6.065   17.716  -6.259  1.00 0.00 ? 54 GLU A CD   1 
ATOM 801 O OE1  . GLU A 1 54 ? 6.124   16.505  -6.396  1.00 0.00 ? 54 GLU A OE1  1 
ATOM 802 O OE2  . GLU A 1 54 ? 5.075   18.311  -5.866  1.00 0.00 ? 54 GLU A OE2  1 
ATOM 803 H H    . GLU A 1 54 ? 10.134  16.973  -9.045  1.00 0.00 ? 54 GLU A H    1 
ATOM 804 H HA   . GLU A 1 54 ? 8.871   19.518  -8.579  1.00 0.00 ? 54 GLU A HA   1 
ATOM 805 H HB2  . GLU A 1 54 ? 7.607   17.416  -8.407  1.00 0.00 ? 54 GLU A HB2  1 
ATOM 806 H HB3  . GLU A 1 54 ? 8.627   16.911  -7.059  1.00 0.00 ? 54 GLU A HB3  1 
ATOM 807 H HG2  . GLU A 1 54 ? 7.856   18.745  -5.694  1.00 0.00 ? 54 GLU A HG2  1 
ATOM 808 H HG3  . GLU A 1 54 ? 7.003   19.467  -7.058  1.00 0.00 ? 54 GLU A HG3  1 
ATOM 809 N N    . LYS A 1 55 ? 11.058  18.346  -6.417  1.00 0.00 ? 55 LYS A N    1 
ATOM 810 C CA   . LYS A 1 55 ? 11.902  18.723  -5.287  1.00 0.00 ? 55 LYS A CA   1 
ATOM 811 C C    . LYS A 1 55 ? 13.127  19.489  -5.775  1.00 0.00 ? 55 LYS A C    1 
ATOM 812 O O    . LYS A 1 55 ? 13.874  20.055  -4.977  1.00 0.00 ? 55 LYS A O    1 
ATOM 813 C CB   . LYS A 1 55 ? 12.354  17.477  -4.516  1.00 0.00 ? 55 LYS A CB   1 
ATOM 814 C CG   . LYS A 1 55 ? 12.327  16.255  -5.442  1.00 0.00 ? 55 LYS A CG   1 
ATOM 815 C CD   . LYS A 1 55 ? 10.892  15.733  -5.616  1.00 0.00 ? 55 LYS A CD   1 
ATOM 816 C CE   . LYS A 1 55 ? 10.736  14.404  -4.874  1.00 0.00 ? 55 LYS A CE   1 
ATOM 817 N NZ   . LYS A 1 55 ? 11.206  14.562  -3.469  1.00 0.00 ? 55 LYS A NZ   1 
ATOM 818 H H    . LYS A 1 55 ? 11.171  17.464  -6.829  1.00 0.00 ? 55 LYS A H    1 
ATOM 819 H HA   . LYS A 1 55 ? 11.335  19.358  -4.623  1.00 0.00 ? 55 LYS A HA   1 
ATOM 820 H HB2  . LYS A 1 55 ? 13.362  17.631  -4.157  1.00 0.00 ? 55 LYS A HB2  1 
ATOM 821 H HB3  . LYS A 1 55 ? 11.698  17.312  -3.674  1.00 0.00 ? 55 LYS A HB3  1 
ATOM 822 H HG2  . LYS A 1 55 ? 12.726  16.531  -6.406  1.00 0.00 ? 55 LYS A HG2  1 
ATOM 823 H HG3  . LYS A 1 55 ? 12.939  15.473  -5.015  1.00 0.00 ? 55 LYS A HG3  1 
ATOM 824 H HD2  . LYS A 1 55 ? 10.185  16.448  -5.223  1.00 0.00 ? 55 LYS A HD2  1 
ATOM 825 H HD3  . LYS A 1 55 ? 10.695  15.577  -6.667  1.00 0.00 ? 55 LYS A HD3  1 
ATOM 826 H HE2  . LYS A 1 55 ? 9.697   14.111  -4.875  1.00 0.00 ? 55 LYS A HE2  1 
ATOM 827 H HE3  . LYS A 1 55 ? 11.325  13.645  -5.367  1.00 0.00 ? 55 LYS A HE3  1 
ATOM 828 H HZ1  . LYS A 1 55 ? 12.244  14.526  -3.443  1.00 0.00 ? 55 LYS A HZ1  1 
ATOM 829 H HZ2  . LYS A 1 55 ? 10.820  13.793  -2.886  1.00 0.00 ? 55 LYS A HZ2  1 
ATOM 830 H HZ3  . LYS A 1 55 ? 10.880  15.478  -3.095  1.00 0.00 ? 55 LYS A HZ3  1 
ATOM 831 N N    . VAL A 1 56 ? 13.319  19.501  -7.092  1.00 0.00 ? 56 VAL A N    1 
ATOM 832 C CA   . VAL A 1 56 ? 14.452  20.200  -7.690  1.00 0.00 ? 56 VAL A CA   1 
ATOM 833 C C    . VAL A 1 56 ? 13.978  21.446  -8.432  1.00 0.00 ? 56 VAL A C    1 
ATOM 834 O O    . VAL A 1 56 ? 14.772  22.139  -9.068  1.00 0.00 ? 56 VAL A O    1 
ATOM 835 C CB   . VAL A 1 56 ? 15.179  19.270  -8.663  1.00 0.00 ? 56 VAL A CB   1 
ATOM 836 C CG1  . VAL A 1 56 ? 16.666  19.630  -8.702  1.00 0.00 ? 56 VAL A CG1  1 
ATOM 837 C CG2  . VAL A 1 56 ? 15.015  17.821  -8.198  1.00 0.00 ? 56 VAL A CG2  1 
ATOM 838 H H    . VAL A 1 56 ? 12.686  19.031  -7.673  1.00 0.00 ? 56 VAL A H    1 
ATOM 839 H HA   . VAL A 1 56 ? 15.139  20.495  -6.912  1.00 0.00 ? 56 VAL A HA   1 
ATOM 840 H HB   . VAL A 1 56 ? 14.756  19.383  -9.651  1.00 0.00 ? 56 VAL A HB   1 
ATOM 841 H HG11 . VAL A 1 56 ? 16.780  20.701  -8.623  1.00 0.00 ? 56 VAL A HG11 1 
ATOM 842 H HG12 . VAL A 1 56 ? 17.094  19.291  -9.634  1.00 0.00 ? 56 VAL A HG12 1 
ATOM 843 H HG13 . VAL A 1 56 ? 17.174  19.153  -7.878  1.00 0.00 ? 56 VAL A HG13 1 
ATOM 844 H HG21 . VAL A 1 56 ? 13.987  17.515  -8.331  1.00 0.00 ? 56 VAL A HG21 1 
ATOM 845 H HG22 . VAL A 1 56 ? 15.279  17.746  -7.153  1.00 0.00 ? 56 VAL A HG22 1 
ATOM 846 H HG23 . VAL A 1 56 ? 15.660  17.181  -8.780  1.00 0.00 ? 56 VAL A HG23 1 
ATOM 847 N N    . THR A 1 57 ? 12.679  21.723  -8.348  1.00 0.00 ? 57 THR A N    1 
ATOM 848 C CA   . THR A 1 57 ? 12.110  22.888  -9.019  1.00 0.00 ? 57 THR A CA   1 
ATOM 849 C C    . THR A 1 57 ? 12.535  24.181  -8.324  1.00 0.00 ? 57 THR A C    1 
ATOM 850 O O    . THR A 1 57 ? 12.896  25.155  -8.985  1.00 0.00 ? 57 THR A O    1 
ATOM 851 C CB   . THR A 1 57 ? 10.581  22.791  -9.041  1.00 0.00 ? 57 THR A CB   1 
ATOM 852 O OG1  . THR A 1 57 ? 10.176  21.591  -8.395  1.00 0.00 ? 57 THR A OG1  1 
ATOM 853 C CG2  . THR A 1 57 ? 10.085  22.784  -10.487 1.00 0.00 ? 57 THR A CG2  1 
ATOM 854 H H    . THR A 1 57 ? 12.094  21.133  -7.827  1.00 0.00 ? 57 THR A H    1 
ATOM 855 H HA   . THR A 1 57 ? 12.469  22.908  -10.038 1.00 0.00 ? 57 THR A HA   1 
ATOM 856 H HB   . THR A 1 57 ? 10.159  23.638  -8.524  1.00 0.00 ? 57 THR A HB   1 
ATOM 857 H HG1  . THR A 1 57 ? 10.117  20.901  -9.060  1.00 0.00 ? 57 THR A HG1  1 
ATOM 858 H HG21 . THR A 1 57 ? 9.008   22.708  -10.497 1.00 0.00 ? 57 THR A HG21 1 
ATOM 859 H HG22 . THR A 1 57 ? 10.511  21.940  -11.010 1.00 0.00 ? 57 THR A HG22 1 
ATOM 860 H HG23 . THR A 1 57 ? 10.386  23.699  -10.975 1.00 0.00 ? 57 THR A HG23 1 
ATOM 861 N N    . PRO A 1 58 ? 12.499  24.214  -7.016  1.00 0.00 ? 58 PRO A N    1 
ATOM 862 C CA   . PRO A 1 58 ? 12.889  25.425  -6.233  1.00 0.00 ? 58 PRO A CA   1 
ATOM 863 C C    . PRO A 1 58 ? 14.342  25.822  -6.483  1.00 0.00 ? 58 PRO A C    1 
ATOM 864 O O    . PRO A 1 58 ? 14.692  27.000  -6.429  1.00 0.00 ? 58 PRO A O    1 
ATOM 865 C CB   . PRO A 1 58 ? 12.683  25.017  -4.768  1.00 0.00 ? 58 PRO A CB   1 
ATOM 866 C CG   . PRO A 1 58 ? 11.823  23.797  -4.800  1.00 0.00 ? 58 PRO A CG   1 
ATOM 867 C CD   . PRO A 1 58 ? 12.085  23.111  -6.137  1.00 0.00 ? 58 PRO A CD   1 
ATOM 868 H HA   . PRO A 1 58 ? 12.234  26.248  -6.472  1.00 0.00 ? 58 PRO A HA   1 
ATOM 869 H HB2  . PRO A 1 58 ? 13.635  24.793  -4.308  1.00 0.00 ? 58 PRO A HB2  1 
ATOM 870 H HB3  . PRO A 1 58 ? 12.182  25.806  -4.228  1.00 0.00 ? 58 PRO A HB3  1 
ATOM 871 H HG2  . PRO A 1 58 ? 12.087  23.139  -3.983  1.00 0.00 ? 58 PRO A HG2  1 
ATOM 872 H HG3  . PRO A 1 58 ? 10.783  24.075  -4.732  1.00 0.00 ? 58 PRO A HG3  1 
ATOM 873 H HD2  . PRO A 1 58 ? 12.878  22.382  -6.037  1.00 0.00 ? 58 PRO A HD2  1 
ATOM 874 H HD3  . PRO A 1 58 ? 11.186  22.650  -6.509  1.00 0.00 ? 58 PRO A HD3  1 
ATOM 875 N N    . LEU A 1 59 ? 15.181  24.827  -6.754  1.00 0.00 ? 59 LEU A N    1 
ATOM 876 C CA   . LEU A 1 59 ? 16.594  25.082  -7.009  1.00 0.00 ? 59 LEU A CA   1 
ATOM 877 C C    . LEU A 1 59 ? 16.832  25.359  -8.491  1.00 0.00 ? 59 LEU A C    1 
ATOM 878 O O    . LEU A 1 59 ? 17.822  25.991  -8.862  1.00 0.00 ? 59 LEU A O    1 
ATOM 879 C CB   . LEU A 1 59 ? 17.429  23.875  -6.570  1.00 0.00 ? 59 LEU A CB   1 
ATOM 880 C CG   . LEU A 1 59 ? 18.910  24.151  -6.833  1.00 0.00 ? 59 LEU A CG   1 
ATOM 881 C CD1  . LEU A 1 59 ? 19.734  23.721  -5.617  1.00 0.00 ? 59 LEU A CD1  1 
ATOM 882 C CD2  . LEU A 1 59 ? 19.366  23.359  -8.061  1.00 0.00 ? 59 LEU A CD2  1 
ATOM 883 H H    . LEU A 1 59 ? 14.844  23.907  -6.782  1.00 0.00 ? 59 LEU A H    1 
ATOM 884 H HA   . LEU A 1 59 ? 16.902  25.944  -6.437  1.00 0.00 ? 59 LEU A HA   1 
ATOM 885 H HB2  . LEU A 1 59 ? 17.277  23.697  -5.515  1.00 0.00 ? 59 LEU A HB2  1 
ATOM 886 H HB3  . LEU A 1 59 ? 17.122  23.004  -7.129  1.00 0.00 ? 59 LEU A HB3  1 
ATOM 887 H HG   . LEU A 1 59 ? 19.055  25.207  -7.009  1.00 0.00 ? 59 LEU A HG   1 
ATOM 888 H HD11 . LEU A 1 59 ? 19.419  24.286  -4.752  1.00 0.00 ? 59 LEU A HD11 1 
ATOM 889 H HD12 . LEU A 1 59 ? 20.781  23.908  -5.807  1.00 0.00 ? 59 LEU A HD12 1 
ATOM 890 H HD13 . LEU A 1 59 ? 19.584  22.668  -5.434  1.00 0.00 ? 59 LEU A HD13 1 
ATOM 891 H HD21 . LEU A 1 59 ? 20.375  23.643  -8.319  1.00 0.00 ? 59 LEU A HD21 1 
ATOM 892 H HD22 . LEU A 1 59 ? 18.708  23.571  -8.890  1.00 0.00 ? 59 LEU A HD22 1 
ATOM 893 H HD23 . LEU A 1 59 ? 19.336  22.302  -7.839  1.00 0.00 ? 59 LEU A HD23 1 
ATOM 894 N N    . ILE A 1 60 ? 15.921  24.884  -9.333  1.00 0.00 ? 60 ILE A N    1 
ATOM 895 C CA   . ILE A 1 60 ? 16.043  25.088  -10.773 1.00 0.00 ? 60 ILE A CA   1 
ATOM 896 C C    . ILE A 1 60 ? 15.219  26.294  -11.215 1.00 0.00 ? 60 ILE A C    1 
ATOM 897 O O    . ILE A 1 60 ? 15.528  26.935  -12.219 1.00 0.00 ? 60 ILE A O    1 
ATOM 898 C CB   . ILE A 1 60 ? 15.569  23.840  -11.520 1.00 0.00 ? 60 ILE A CB   1 
ATOM 899 C CG1  . ILE A 1 60 ? 16.683  22.790  -11.511 1.00 0.00 ? 60 ILE A CG1  1 
ATOM 900 C CG2  . ILE A 1 60 ? 15.224  24.204  -12.966 1.00 0.00 ? 60 ILE A CG2  1 
ATOM 901 C CD1  . ILE A 1 60 ? 16.121  21.442  -11.966 1.00 0.00 ? 60 ILE A CD1  1 
ATOM 902 H H    . ILE A 1 60 ? 15.152  24.387  -8.982  1.00 0.00 ? 60 ILE A H    1 
ATOM 903 H HA   . ILE A 1 60 ? 17.080  25.265  -11.015 1.00 0.00 ? 60 ILE A HA   1 
ATOM 904 H HB   . ILE A 1 60 ? 14.691  23.441  -11.033 1.00 0.00 ? 60 ILE A HB   1 
ATOM 905 H HG12 . ILE A 1 60 ? 17.472  23.097  -12.182 1.00 0.00 ? 60 ILE A HG12 1 
ATOM 906 H HG13 . ILE A 1 60 ? 17.078  22.694  -10.510 1.00 0.00 ? 60 ILE A HG13 1 
ATOM 907 H HG21 . ILE A 1 60 ? 15.953  24.906  -13.345 1.00 0.00 ? 60 ILE A HG21 1 
ATOM 908 H HG22 . ILE A 1 60 ? 14.242  24.653  -13.000 1.00 0.00 ? 60 ILE A HG22 1 
ATOM 909 H HG23 . ILE A 1 60 ? 15.233  23.312  -13.575 1.00 0.00 ? 60 ILE A HG23 1 
ATOM 910 H HD11 . ILE A 1 60 ? 16.931  20.740  -12.096 1.00 0.00 ? 60 ILE A HD11 1 
ATOM 911 H HD12 . ILE A 1 60 ? 15.598  21.567  -12.902 1.00 0.00 ? 60 ILE A HD12 1 
ATOM 912 H HD13 . ILE A 1 60 ? 15.437  21.066  -11.218 1.00 0.00 ? 60 ILE A HD13 1 
ATOM 913 N N    . THR A 1 61 ? 14.171  26.597  -10.457 1.00 0.00 ? 61 THR A N    1 
ATOM 914 C CA   . THR A 1 61 ? 13.309  27.729  -10.780 1.00 0.00 ? 61 THR A CA   1 
ATOM 915 C C    . THR A 1 61 ? 12.860  28.437  -9.498  1.00 0.00 ? 61 THR A C    1 
ATOM 916 O O    . THR A 1 61 ? 12.865  27.836  -8.424  1.00 0.00 ? 61 THR A O    1 
ATOM 917 C CB   . THR A 1 61 ? 12.082  27.237  -11.554 1.00 0.00 ? 61 THR A CB   1 
ATOM 918 O OG1  . THR A 1 61 ? 11.887  25.854  -11.293 1.00 0.00 ? 61 THR A OG1  1 
ATOM 919 C CG2  . THR A 1 61 ? 12.299  27.447  -13.055 1.00 0.00 ? 61 THR A CG2  1 
ATOM 920 H H    . THR A 1 61 ? 13.973  26.050  -9.668  1.00 0.00 ? 61 THR A H    1 
ATOM 921 H HA   . THR A 1 61 ? 13.861  28.418  -11.397 1.00 0.00 ? 61 THR A HA   1 
ATOM 922 H HB   . THR A 1 61 ? 11.210  27.788  -11.239 1.00 0.00 ? 61 THR A HB   1 
ATOM 923 H HG1  . THR A 1 61 ? 11.895  25.390  -12.134 1.00 0.00 ? 61 THR A HG1  1 
ATOM 924 H HG21 . THR A 1 61 ? 13.179  26.904  -13.371 1.00 0.00 ? 61 THR A HG21 1 
ATOM 925 H HG22 . THR A 1 61 ? 12.433  28.499  -13.258 1.00 0.00 ? 61 THR A HG22 1 
ATOM 926 H HG23 . THR A 1 61 ? 11.438  27.083  -13.597 1.00 0.00 ? 61 THR A HG23 1 
ATOM 927 N N    . PRO A 1 62 ? 12.476  29.689  -9.582  1.00 0.00 ? 62 PRO A N    1 
ATOM 928 C CA   . PRO A 1 62 ? 12.022  30.465  -8.396  1.00 0.00 ? 62 PRO A CA   1 
ATOM 929 C C    . PRO A 1 62 ? 11.205  29.613  -7.427  1.00 0.00 ? 62 PRO A C    1 
ATOM 930 O O    . PRO A 1 62 ? 11.622  29.372  -6.294  1.00 0.00 ? 62 PRO A O    1 
ATOM 931 C CB   . PRO A 1 62 ? 11.170  31.573  -9.009  1.00 0.00 ? 62 PRO A CB   1 
ATOM 932 C CG   . PRO A 1 62 ? 11.746  31.810  -10.368 1.00 0.00 ? 62 PRO A CG   1 
ATOM 933 C CD   . PRO A 1 62 ? 12.427  30.508  -10.807 1.00 0.00 ? 62 PRO A CD   1 
ATOM 934 H HA   . PRO A 1 62 ? 12.867  30.900  -7.889  1.00 0.00 ? 62 PRO A HA   1 
ATOM 935 H HB2  . PRO A 1 62 ? 10.139  31.251  -9.088  1.00 0.00 ? 62 PRO A HB2  1 
ATOM 936 H HB3  . PRO A 1 62 ? 11.239  32.472  -8.416  1.00 0.00 ? 62 PRO A HB3  1 
ATOM 937 H HG2  . PRO A 1 62 ? 10.957  32.069  -11.061 1.00 0.00 ? 62 PRO A HG2  1 
ATOM 938 H HG3  . PRO A 1 62 ? 12.476  32.604  -10.325 1.00 0.00 ? 62 PRO A HG3  1 
ATOM 939 H HD2  . PRO A 1 62 ? 11.842  30.019  -11.572 1.00 0.00 ? 62 PRO A HD2  1 
ATOM 940 H HD3  . PRO A 1 62 ? 13.426  30.708  -11.161 1.00 0.00 ? 62 PRO A HD3  1 
ATOM 941 N N    . GLY A 1 63 ? 10.041  29.162  -7.882  1.00 0.00 ? 63 GLY A N    1 
ATOM 942 C CA   . GLY A 1 63 ? 9.173   28.338  -7.046  1.00 0.00 ? 63 GLY A CA   1 
ATOM 943 C C    . GLY A 1 63 ? 8.263   29.206  -6.185  1.00 0.00 ? 63 GLY A C    1 
ATOM 944 O O    . GLY A 1 63 ? 7.566   28.705  -5.302  1.00 0.00 ? 63 GLY A O    1 
ATOM 945 H H    . GLY A 1 63 ? 9.759   29.386  -8.793  1.00 0.00 ? 63 GLY A H    1 
ATOM 946 H HA2  . GLY A 1 63 ? 8.568   27.705  -7.680  1.00 0.00 ? 63 GLY A HA2  1 
ATOM 947 H HA3  . GLY A 1 63 ? 9.782   27.721  -6.405  1.00 0.00 ? 63 GLY A HA3  1 
ATOM 948 N N    . SER A 1 64 ? 8.272   30.509  -6.448  1.00 0.00 ? 64 SER A N    1 
ATOM 949 C CA   . SER A 1 64 ? 7.442   31.438  -5.690  1.00 0.00 ? 64 SER A CA   1 
ATOM 950 C C    . SER A 1 64 ? 6.199   31.818  -6.487  1.00 0.00 ? 64 SER A C    1 
ATOM 951 O O    . SER A 1 64 ? 6.251   31.949  -7.710  1.00 0.00 ? 64 SER A O    1 
ATOM 952 C CB   . SER A 1 64 ? 8.241   32.696  -5.354  1.00 0.00 ? 64 SER A CB   1 
ATOM 953 O OG   . SER A 1 64 ? 9.396   32.334  -4.609  1.00 0.00 ? 64 SER A OG   1 
ATOM 954 H H    . SER A 1 64 ? 8.847   30.851  -7.162  1.00 0.00 ? 64 SER A H    1 
ATOM 955 H HA   . SER A 1 64 ? 7.136   30.963  -4.769  1.00 0.00 ? 64 SER A HA   1 
ATOM 956 H HB2  . SER A 1 64 ? 8.545   33.186  -6.264  1.00 0.00 ? 64 SER A HB2  1 
ATOM 957 H HB3  . SER A 1 64 ? 7.623   33.370  -4.776  1.00 0.00 ? 64 SER A HB3  1 
ATOM 958 H HG   . SER A 1 64 ? 9.406   31.378  -4.521  1.00 0.00 ? 64 SER A HG   1 
ATOM 959 N N    . ALA A 1 65 ? 5.083   31.996  -5.786  1.00 0.00 ? 65 ALA A N    1 
ATOM 960 C CA   . ALA A 1 65 ? 3.833   32.363  -6.440  1.00 0.00 ? 65 ALA A CA   1 
ATOM 961 C C    . ALA A 1 65 ? 3.874   33.817  -6.898  1.00 0.00 ? 65 ALA A C    1 
ATOM 962 O O    . ALA A 1 65 ? 3.086   34.233  -7.748  1.00 0.00 ? 65 ALA A O    1 
ATOM 963 C CB   . ALA A 1 65 ? 2.662   32.162  -5.478  1.00 0.00 ? 65 ALA A CB   1 
ATOM 964 H H    . ALA A 1 65 ? 5.102   31.879  -4.813  1.00 0.00 ? 65 ALA A H    1 
ATOM 965 H HA   . ALA A 1 65 ? 3.689   31.728  -7.302  1.00 0.00 ? 65 ALA A HA   1 
ATOM 966 H HB1  . ALA A 1 65 ? 2.337   31.132  -5.516  1.00 0.00 ? 65 ALA A HB1  1 
ATOM 967 H HB2  . ALA A 1 65 ? 1.845   32.807  -5.764  1.00 0.00 ? 65 ALA A HB2  1 
ATOM 968 H HB3  . ALA A 1 65 ? 2.976   32.402  -4.473  1.00 0.00 ? 65 ALA A HB3  1 
ATOM 969 N N    . SER A 1 66 ? 4.796   34.586  -6.329  1.00 0.00 ? 66 SER A N    1 
ATOM 970 C CA   . SER A 1 66 ? 4.931   35.993  -6.686  1.00 0.00 ? 66 SER A CA   1 
ATOM 971 C C    . SER A 1 66 ? 6.402   36.372  -6.823  1.00 0.00 ? 66 SER A C    1 
ATOM 972 O O    . SER A 1 66 ? 7.268   35.506  -6.944  1.00 0.00 ? 66 SER A O    1 
ATOM 973 C CB   . SER A 1 66 ? 4.274   36.867  -5.619  1.00 0.00 ? 66 SER A CB   1 
ATOM 974 O OG   . SER A 1 66 ? 3.522   36.045  -4.737  1.00 0.00 ? 66 SER A OG   1 
ATOM 975 H H    . SER A 1 66 ? 5.398   34.200  -5.658  1.00 0.00 ? 66 SER A H    1 
ATOM 976 H HA   . SER A 1 66 ? 4.436   36.164  -7.631  1.00 0.00 ? 66 SER A HA   1 
ATOM 977 H HB2  . SER A 1 66 ? 5.034   37.386  -5.058  1.00 0.00 ? 66 SER A HB2  1 
ATOM 978 H HB3  . SER A 1 66 ? 3.625   37.590  -6.096  1.00 0.00 ? 66 SER A HB3  1 
ATOM 979 H HG   . SER A 1 66 ? 4.104   35.755  -4.031  1.00 0.00 ? 66 SER A HG   1 
ATOM 980 N N    . THR A 1 67 ? 6.677   37.672  -6.804  1.00 0.00 ? 67 THR A N    1 
ATOM 981 C CA   . THR A 1 67 ? 8.048   38.156  -6.926  1.00 0.00 ? 67 THR A CA   1 
ATOM 982 C C    . THR A 1 67 ? 8.729   37.532  -8.140  1.00 0.00 ? 67 THR A C    1 
ATOM 983 O O    . THR A 1 67 ? 8.030   37.208  -9.086  1.00 0.00 ? 67 THR A O    1 
ATOM 984 C CB   . THR A 1 67 ? 8.838   37.812  -5.661  1.00 0.00 ? 67 THR A CB   1 
ATOM 985 O OG1  . THR A 1 67 ? 8.972   36.402  -5.558  1.00 0.00 ? 67 THR A OG1  1 
ATOM 986 C CG2  . THR A 1 67 ? 8.099   38.348  -4.435  1.00 0.00 ? 67 THR A CG2  1 
ATOM 987 O OXT  . THR A 1 67 ? 9.940   37.386  -8.105  1.00 0.00 ? 67 THR A OXT  1 
ATOM 988 H H    . THR A 1 67 ? 5.946   38.319  -6.705  1.00 0.00 ? 67 THR A H    1 
ATOM 989 H HA   . THR A 1 67 ? 8.032   39.228  -7.046  1.00 0.00 ? 67 THR A HA   1 
ATOM 990 H HB   . THR A 1 67 ? 9.816   38.264  -5.714  1.00 0.00 ? 67 THR A HB   1 
ATOM 991 H HG1  . THR A 1 67 ? 9.030   36.043  -6.447  1.00 0.00 ? 67 THR A HG1  1 
ATOM 992 H HG21 . THR A 1 67 ? 7.582   39.259  -4.695  1.00 0.00 ? 67 THR A HG21 1 
ATOM 993 H HG22 . THR A 1 67 ? 8.810   38.550  -3.647  1.00 0.00 ? 67 THR A HG22 1 
ATOM 994 H HG23 . THR A 1 67 ? 7.385   37.612  -4.095  1.00 0.00 ? 67 THR A HG23 1 
# 
